data_4V11
# 
_entry.id   4V11 
# 
_audit_conform.dict_name       mmcif_pdbx.dic 
_audit_conform.dict_version    5.398 
_audit_conform.dict_location   http://mmcif.pdb.org/dictionaries/ascii/mmcif_pdbx.dic 
# 
loop_
_database_2.database_id 
_database_2.database_code 
_database_2.pdbx_database_accession 
_database_2.pdbx_DOI 
PDB   4V11         pdb_00004v11 10.2210/pdb4v11/pdb 
PDBE  EBI-61791    ?            ?                   
WWPDB D_1290061791 ?            ?                   
# 
loop_
_pdbx_audit_revision_history.ordinal 
_pdbx_audit_revision_history.data_content_type 
_pdbx_audit_revision_history.major_revision 
_pdbx_audit_revision_history.minor_revision 
_pdbx_audit_revision_history.revision_date 
1 'Structure model' 1 0 2015-02-25 
2 'Structure model' 1 1 2017-06-28 
3 'Structure model' 1 2 2024-01-10 
4 'Structure model' 1 3 2024-11-06 
# 
_pdbx_audit_revision_details.ordinal             1 
_pdbx_audit_revision_details.revision_ordinal    1 
_pdbx_audit_revision_details.data_content_type   'Structure model' 
_pdbx_audit_revision_details.provider            repository 
_pdbx_audit_revision_details.type                'Initial release' 
_pdbx_audit_revision_details.description         ? 
_pdbx_audit_revision_details.details             ? 
# 
loop_
_pdbx_audit_revision_group.ordinal 
_pdbx_audit_revision_group.revision_ordinal 
_pdbx_audit_revision_group.data_content_type 
_pdbx_audit_revision_group.group 
1 2 'Structure model' 'Data collection'        
2 3 'Structure model' 'Data collection'        
3 3 'Structure model' 'Database references'    
4 3 'Structure model' 'Derived calculations'   
5 3 'Structure model' Other                    
6 3 'Structure model' 'Refinement description' 
7 4 'Structure model' 'Structure summary'      
# 
loop_
_pdbx_audit_revision_category.ordinal 
_pdbx_audit_revision_category.revision_ordinal 
_pdbx_audit_revision_category.data_content_type 
_pdbx_audit_revision_category.category 
1  2 'Structure model' diffrn_source                 
2  3 'Structure model' chem_comp_atom                
3  3 'Structure model' chem_comp_bond                
4  3 'Structure model' database_2                    
5  3 'Structure model' pdbx_database_status          
6  3 'Structure model' pdbx_initial_refinement_model 
7  3 'Structure model' pdbx_struct_conn_angle        
8  3 'Structure model' struct_conn                   
9  3 'Structure model' struct_conn_type              
10 3 'Structure model' struct_site                   
11 4 'Structure model' pdbx_entry_details            
12 4 'Structure model' pdbx_modification_feature     
# 
loop_
_pdbx_audit_revision_item.ordinal 
_pdbx_audit_revision_item.revision_ordinal 
_pdbx_audit_revision_item.data_content_type 
_pdbx_audit_revision_item.item 
1  2 'Structure model' '_diffrn_source.type'                          
2  3 'Structure model' '_database_2.pdbx_DOI'                         
3  3 'Structure model' '_database_2.pdbx_database_accession'          
4  3 'Structure model' '_pdbx_database_status.status_code_sf'         
5  3 'Structure model' '_pdbx_struct_conn_angle.ptnr1_auth_comp_id'   
6  3 'Structure model' '_pdbx_struct_conn_angle.ptnr1_auth_seq_id'    
7  3 'Structure model' '_pdbx_struct_conn_angle.ptnr1_label_asym_id'  
8  3 'Structure model' '_pdbx_struct_conn_angle.ptnr1_label_atom_id'  
9  3 'Structure model' '_pdbx_struct_conn_angle.ptnr1_label_comp_id'  
10 3 'Structure model' '_pdbx_struct_conn_angle.ptnr1_label_seq_id'   
11 3 'Structure model' '_pdbx_struct_conn_angle.ptnr2_auth_seq_id'    
12 3 'Structure model' '_pdbx_struct_conn_angle.ptnr2_label_asym_id'  
13 3 'Structure model' '_pdbx_struct_conn_angle.ptnr3_auth_comp_id'   
14 3 'Structure model' '_pdbx_struct_conn_angle.ptnr3_auth_seq_id'    
15 3 'Structure model' '_pdbx_struct_conn_angle.ptnr3_label_asym_id'  
16 3 'Structure model' '_pdbx_struct_conn_angle.ptnr3_label_atom_id'  
17 3 'Structure model' '_pdbx_struct_conn_angle.ptnr3_label_comp_id'  
18 3 'Structure model' '_pdbx_struct_conn_angle.ptnr3_label_seq_id'   
19 3 'Structure model' '_pdbx_struct_conn_angle.value'                
20 3 'Structure model' '_struct_conn.conn_type_id'                    
21 3 'Structure model' '_struct_conn.id'                              
22 3 'Structure model' '_struct_conn.pdbx_dist_value'                 
23 3 'Structure model' '_struct_conn.pdbx_leaving_atom_flag'          
24 3 'Structure model' '_struct_conn.ptnr1_auth_asym_id'              
25 3 'Structure model' '_struct_conn.ptnr1_auth_comp_id'              
26 3 'Structure model' '_struct_conn.ptnr1_auth_seq_id'               
27 3 'Structure model' '_struct_conn.ptnr1_label_asym_id'             
28 3 'Structure model' '_struct_conn.ptnr1_label_atom_id'             
29 3 'Structure model' '_struct_conn.ptnr1_label_comp_id'             
30 3 'Structure model' '_struct_conn.ptnr1_label_seq_id'              
31 3 'Structure model' '_struct_conn.ptnr2_auth_asym_id'              
32 3 'Structure model' '_struct_conn.ptnr2_auth_comp_id'              
33 3 'Structure model' '_struct_conn.ptnr2_auth_seq_id'               
34 3 'Structure model' '_struct_conn.ptnr2_label_asym_id'             
35 3 'Structure model' '_struct_conn.ptnr2_label_atom_id'             
36 3 'Structure model' '_struct_conn.ptnr2_label_comp_id'             
37 3 'Structure model' '_struct_conn.ptnr2_label_seq_id'              
38 3 'Structure model' '_struct_conn_type.id'                         
39 3 'Structure model' '_struct_site.pdbx_auth_asym_id'               
40 3 'Structure model' '_struct_site.pdbx_auth_comp_id'               
41 3 'Structure model' '_struct_site.pdbx_auth_seq_id'                
42 4 'Structure model' '_pdbx_entry_details.has_protein_modification' 
# 
_pdbx_database_status.status_code                     REL 
_pdbx_database_status.entry_id                        4V11 
_pdbx_database_status.deposit_site                    PDBE 
_pdbx_database_status.process_site                    PDBE 
_pdbx_database_status.SG_entry                        . 
_pdbx_database_status.recvd_initial_deposition_date   2014-09-22 
_pdbx_database_status.pdb_format_compatible           Y 
_pdbx_database_status.status_code_sf                  REL 
_pdbx_database_status.status_code_mr                  ? 
_pdbx_database_status.status_code_cs                  ? 
_pdbx_database_status.methods_development_category    ? 
_pdbx_database_status.status_code_nmr_data            ? 
# 
loop_
_audit_author.name 
_audit_author.pdbx_ordinal 
'Zhang, N.'         1  
'Gordon, S.L.'      2  
'Fritsch, M.J.'     3  
'Esoof, N.'         4  
'Campbell, D.'      5  
'Gourlay, R.'       6  
'Velupillai, S.'    7  
'Macartney, T.'     8  
'Peggie, M.'        9  
'vanAalten, D.M.F.' 10 
'Cousin, M.A.'      11 
'Alessi, D.R.'      12 
# 
_citation.id                        primary 
_citation.title                     
;Phosphorylation of Synaptic Vesicle Protein 2A at Thr84 by Casein Kinase 1 Family Kinases Controls the Specific Retrieval of Synaptotagmin-1.
;
_citation.journal_abbrev            J.Neurosci. 
_citation.journal_volume            35 
_citation.page_first                2492 
_citation.page_last                 ? 
_citation.year                      2015 
_citation.journal_id_ASTM           ? 
_citation.country                   US 
_citation.journal_id_ISSN           0270-6474 
_citation.journal_id_CSD            ? 
_citation.book_publisher            ? 
_citation.pdbx_database_id_PubMed   25673844 
_citation.pdbx_database_id_DOI      10.1523/JNEUROSCI.4248-14.2015 
# 
loop_
_citation_author.citation_id 
_citation_author.name 
_citation_author.ordinal 
_citation_author.identifier_ORCID 
primary 'Zhang, N.'          1  ? 
primary 'Gordon, S.L.'       2  ? 
primary 'Fritsch, M.J.'      3  ? 
primary 'Esoof, N.'          4  ? 
primary 'Campbell, D.G.'     5  ? 
primary 'Gourlay, R.'        6  ? 
primary 'Velupillai, S.'     7  ? 
primary 'Macartney, T.'      8  ? 
primary 'Peggie, M.'         9  ? 
primary 'Van Aalten, D.M.F.' 10 ? 
primary 'Cousin, M.A.'       11 ? 
primary 'Alessi, D.R.'       12 ? 
# 
loop_
_entity.id 
_entity.type 
_entity.src_method 
_entity.pdbx_description 
_entity.formula_weight 
_entity.pdbx_number_of_molecules 
_entity.pdbx_ec 
_entity.pdbx_mutation 
_entity.pdbx_fragment 
_entity.details 
1 polymer     man SYNAPTOTAGMIN-1                    17094.957 1   ? ? 'C2B DOMAIN, UNP RESIDUES 273-422' ? 
2 polymer     syn 'SYNAPTIC VESICLE GLYCOPROTEIN 2A' 1155.944  1   ? ? 'UNP RESIDUES 81-90'               ? 
3 non-polymer syn 'CALCIUM ION'                      40.078    3   ? ? ?                                  ? 
4 non-polymer syn GLYCEROL                           92.094    1   ? ? ?                                  ? 
5 water       nat water                              18.015    147 ? ? ?                                  ? 
# 
loop_
_entity_name_com.entity_id 
_entity_name_com.name 
1 'SYNAPTOTAGMIN I, SYTI, P65' 
2 SV2A                         
# 
loop_
_entity_poly.entity_id 
_entity_poly.type 
_entity_poly.nstd_linkage 
_entity_poly.nstd_monomer 
_entity_poly.pdbx_seq_one_letter_code 
_entity_poly.pdbx_seq_one_letter_code_can 
_entity_poly.pdbx_strand_id 
_entity_poly.pdbx_target_identifier 
1 'polypeptide(L)' no no  
;KLGDICFSLRYVPTAGKLTVVILEAKNLKKMDVGGLSDPYVKIHLMQNGKRLKKKKTTIKKNTLNPYYNESFSFEVPFEQ
IQKVQVVVTVLDYDKIGKNDAIGKVFVGYNSTGAELRHWSDMLANPRRPIAQWHTLQVEEEVDAMLAVKK
;
;KLGDICFSLRYVPTAGKLTVVILEAKNLKKMDVGGLSDPYVKIHLMQNGKRLKKKKTTIKKNTLNPYYNESFSFEVPFEQ
IQKVQVVVTVLDYDKIGKNDAIGKVFVGYNSTGAELRHWSDMLANPRRPIAQWHTLQVEEEVDAMLAVKK
;
A ? 
2 'polypeptide(L)' no yes 'SDA(TPO)EGHDED' SDATEGHDED B ? 
# 
loop_
_pdbx_entity_nonpoly.entity_id 
_pdbx_entity_nonpoly.name 
_pdbx_entity_nonpoly.comp_id 
3 'CALCIUM ION' CA  
4 GLYCEROL      GOL 
5 water         HOH 
# 
loop_
_entity_poly_seq.entity_id 
_entity_poly_seq.num 
_entity_poly_seq.mon_id 
_entity_poly_seq.hetero 
1 1   LYS n 
1 2   LEU n 
1 3   GLY n 
1 4   ASP n 
1 5   ILE n 
1 6   CYS n 
1 7   PHE n 
1 8   SER n 
1 9   LEU n 
1 10  ARG n 
1 11  TYR n 
1 12  VAL n 
1 13  PRO n 
1 14  THR n 
1 15  ALA n 
1 16  GLY n 
1 17  LYS n 
1 18  LEU n 
1 19  THR n 
1 20  VAL n 
1 21  VAL n 
1 22  ILE n 
1 23  LEU n 
1 24  GLU n 
1 25  ALA n 
1 26  LYS n 
1 27  ASN n 
1 28  LEU n 
1 29  LYS n 
1 30  LYS n 
1 31  MET n 
1 32  ASP n 
1 33  VAL n 
1 34  GLY n 
1 35  GLY n 
1 36  LEU n 
1 37  SER n 
1 38  ASP n 
1 39  PRO n 
1 40  TYR n 
1 41  VAL n 
1 42  LYS n 
1 43  ILE n 
1 44  HIS n 
1 45  LEU n 
1 46  MET n 
1 47  GLN n 
1 48  ASN n 
1 49  GLY n 
1 50  LYS n 
1 51  ARG n 
1 52  LEU n 
1 53  LYS n 
1 54  LYS n 
1 55  LYS n 
1 56  LYS n 
1 57  THR n 
1 58  THR n 
1 59  ILE n 
1 60  LYS n 
1 61  LYS n 
1 62  ASN n 
1 63  THR n 
1 64  LEU n 
1 65  ASN n 
1 66  PRO n 
1 67  TYR n 
1 68  TYR n 
1 69  ASN n 
1 70  GLU n 
1 71  SER n 
1 72  PHE n 
1 73  SER n 
1 74  PHE n 
1 75  GLU n 
1 76  VAL n 
1 77  PRO n 
1 78  PHE n 
1 79  GLU n 
1 80  GLN n 
1 81  ILE n 
1 82  GLN n 
1 83  LYS n 
1 84  VAL n 
1 85  GLN n 
1 86  VAL n 
1 87  VAL n 
1 88  VAL n 
1 89  THR n 
1 90  VAL n 
1 91  LEU n 
1 92  ASP n 
1 93  TYR n 
1 94  ASP n 
1 95  LYS n 
1 96  ILE n 
1 97  GLY n 
1 98  LYS n 
1 99  ASN n 
1 100 ASP n 
1 101 ALA n 
1 102 ILE n 
1 103 GLY n 
1 104 LYS n 
1 105 VAL n 
1 106 PHE n 
1 107 VAL n 
1 108 GLY n 
1 109 TYR n 
1 110 ASN n 
1 111 SER n 
1 112 THR n 
1 113 GLY n 
1 114 ALA n 
1 115 GLU n 
1 116 LEU n 
1 117 ARG n 
1 118 HIS n 
1 119 TRP n 
1 120 SER n 
1 121 ASP n 
1 122 MET n 
1 123 LEU n 
1 124 ALA n 
1 125 ASN n 
1 126 PRO n 
1 127 ARG n 
1 128 ARG n 
1 129 PRO n 
1 130 ILE n 
1 131 ALA n 
1 132 GLN n 
1 133 TRP n 
1 134 HIS n 
1 135 THR n 
1 136 LEU n 
1 137 GLN n 
1 138 VAL n 
1 139 GLU n 
1 140 GLU n 
1 141 GLU n 
1 142 VAL n 
1 143 ASP n 
1 144 ALA n 
1 145 MET n 
1 146 LEU n 
1 147 ALA n 
1 148 VAL n 
1 149 LYS n 
1 150 LYS n 
2 1   SER n 
2 2   ASP n 
2 3   ALA n 
2 4   TPO n 
2 5   GLU n 
2 6   GLY n 
2 7   HIS n 
2 8   ASP n 
2 9   GLU n 
2 10  ASP n 
# 
_entity_src_gen.entity_id                          1 
_entity_src_gen.pdbx_src_id                        1 
_entity_src_gen.pdbx_alt_source_flag               sample 
_entity_src_gen.pdbx_seq_type                      ? 
_entity_src_gen.pdbx_beg_seq_num                   ? 
_entity_src_gen.pdbx_end_seq_num                   ? 
_entity_src_gen.gene_src_common_name               HUMAN 
_entity_src_gen.gene_src_genus                     ? 
_entity_src_gen.pdbx_gene_src_gene                 ? 
_entity_src_gen.gene_src_species                   ? 
_entity_src_gen.gene_src_strain                    ? 
_entity_src_gen.gene_src_tissue                    ? 
_entity_src_gen.gene_src_tissue_fraction           ? 
_entity_src_gen.gene_src_details                   ? 
_entity_src_gen.pdbx_gene_src_fragment             ? 
_entity_src_gen.pdbx_gene_src_scientific_name      'HOMO SAPIENS' 
_entity_src_gen.pdbx_gene_src_ncbi_taxonomy_id     9606 
_entity_src_gen.pdbx_gene_src_variant              ? 
_entity_src_gen.pdbx_gene_src_cell_line            ? 
_entity_src_gen.pdbx_gene_src_atcc                 ? 
_entity_src_gen.pdbx_gene_src_organ                ? 
_entity_src_gen.pdbx_gene_src_organelle            ? 
_entity_src_gen.pdbx_gene_src_cell                 ? 
_entity_src_gen.pdbx_gene_src_cellular_location    ? 
_entity_src_gen.host_org_common_name               ? 
_entity_src_gen.pdbx_host_org_scientific_name      'ESCHERICHIA COLI' 
_entity_src_gen.pdbx_host_org_ncbi_taxonomy_id     469008 
_entity_src_gen.host_org_genus                     ? 
_entity_src_gen.pdbx_host_org_gene                 ? 
_entity_src_gen.pdbx_host_org_organ                ? 
_entity_src_gen.host_org_species                   ? 
_entity_src_gen.pdbx_host_org_tissue               ? 
_entity_src_gen.pdbx_host_org_tissue_fraction      ? 
_entity_src_gen.pdbx_host_org_strain               'BL21(DE3)' 
_entity_src_gen.pdbx_host_org_variant              ? 
_entity_src_gen.pdbx_host_org_cell_line            ? 
_entity_src_gen.pdbx_host_org_atcc                 ? 
_entity_src_gen.pdbx_host_org_culture_collection   ? 
_entity_src_gen.pdbx_host_org_cell                 ? 
_entity_src_gen.pdbx_host_org_organelle            ? 
_entity_src_gen.pdbx_host_org_cellular_location    ? 
_entity_src_gen.pdbx_host_org_vector_type          PLASMID 
_entity_src_gen.pdbx_host_org_vector               PGEX6P-1 
_entity_src_gen.host_org_details                   ? 
_entity_src_gen.expression_system_id               ? 
_entity_src_gen.plasmid_name                       'PGEX6P-1 TEVB SYT1 270-END' 
_entity_src_gen.plasmid_details                    ? 
_entity_src_gen.pdbx_description                   ? 
# 
_pdbx_entity_src_syn.entity_id              2 
_pdbx_entity_src_syn.pdbx_src_id            1 
_pdbx_entity_src_syn.pdbx_alt_source_flag   sample 
_pdbx_entity_src_syn.pdbx_beg_seq_num       ? 
_pdbx_entity_src_syn.pdbx_end_seq_num       ? 
_pdbx_entity_src_syn.organism_scientific    'HOMO SAPIENS' 
_pdbx_entity_src_syn.organism_common_name   HUMAN 
_pdbx_entity_src_syn.ncbi_taxonomy_id       9606 
_pdbx_entity_src_syn.details                ? 
# 
loop_
_chem_comp.id 
_chem_comp.type 
_chem_comp.mon_nstd_flag 
_chem_comp.name 
_chem_comp.pdbx_synonyms 
_chem_comp.formula 
_chem_comp.formula_weight 
ALA 'L-peptide linking' y ALANINE          ?                               'C3 H7 N O2'     89.093  
ARG 'L-peptide linking' y ARGININE         ?                               'C6 H15 N4 O2 1' 175.209 
ASN 'L-peptide linking' y ASPARAGINE       ?                               'C4 H8 N2 O3'    132.118 
ASP 'L-peptide linking' y 'ASPARTIC ACID'  ?                               'C4 H7 N O4'     133.103 
CA  non-polymer         . 'CALCIUM ION'    ?                               'Ca 2'           40.078  
CYS 'L-peptide linking' y CYSTEINE         ?                               'C3 H7 N O2 S'   121.158 
GLN 'L-peptide linking' y GLUTAMINE        ?                               'C5 H10 N2 O3'   146.144 
GLU 'L-peptide linking' y 'GLUTAMIC ACID'  ?                               'C5 H9 N O4'     147.129 
GLY 'peptide linking'   y GLYCINE          ?                               'C2 H5 N O2'     75.067  
GOL non-polymer         . GLYCEROL         'GLYCERIN; PROPANE-1,2,3-TRIOL' 'C3 H8 O3'       92.094  
HIS 'L-peptide linking' y HISTIDINE        ?                               'C6 H10 N3 O2 1' 156.162 
HOH non-polymer         . WATER            ?                               'H2 O'           18.015  
ILE 'L-peptide linking' y ISOLEUCINE       ?                               'C6 H13 N O2'    131.173 
LEU 'L-peptide linking' y LEUCINE          ?                               'C6 H13 N O2'    131.173 
LYS 'L-peptide linking' y LYSINE           ?                               'C6 H15 N2 O2 1' 147.195 
MET 'L-peptide linking' y METHIONINE       ?                               'C5 H11 N O2 S'  149.211 
PHE 'L-peptide linking' y PHENYLALANINE    ?                               'C9 H11 N O2'    165.189 
PRO 'L-peptide linking' y PROLINE          ?                               'C5 H9 N O2'     115.130 
SER 'L-peptide linking' y SERINE           ?                               'C3 H7 N O3'     105.093 
THR 'L-peptide linking' y THREONINE        ?                               'C4 H9 N O3'     119.119 
TPO 'L-peptide linking' n PHOSPHOTHREONINE PHOSPHONOTHREONINE              'C4 H10 N O6 P'  199.099 
TRP 'L-peptide linking' y TRYPTOPHAN       ?                               'C11 H12 N2 O2'  204.225 
TYR 'L-peptide linking' y TYROSINE         ?                               'C9 H11 N O3'    181.189 
VAL 'L-peptide linking' y VALINE           ?                               'C5 H11 N O2'    117.146 
# 
loop_
_pdbx_poly_seq_scheme.asym_id 
_pdbx_poly_seq_scheme.entity_id 
_pdbx_poly_seq_scheme.seq_id 
_pdbx_poly_seq_scheme.mon_id 
_pdbx_poly_seq_scheme.ndb_seq_num 
_pdbx_poly_seq_scheme.pdb_seq_num 
_pdbx_poly_seq_scheme.auth_seq_num 
_pdbx_poly_seq_scheme.pdb_mon_id 
_pdbx_poly_seq_scheme.auth_mon_id 
_pdbx_poly_seq_scheme.pdb_strand_id 
_pdbx_poly_seq_scheme.pdb_ins_code 
_pdbx_poly_seq_scheme.hetero 
A 1 1   LYS 1   273 273 LYS LYS A . n 
A 1 2   LEU 2   274 274 LEU LEU A . n 
A 1 3   GLY 3   275 275 GLY GLY A . n 
A 1 4   ASP 4   276 276 ASP ASP A . n 
A 1 5   ILE 5   277 277 ILE ILE A . n 
A 1 6   CYS 6   278 278 CYS CYS A . n 
A 1 7   PHE 7   279 279 PHE PHE A . n 
A 1 8   SER 8   280 280 SER SER A . n 
A 1 9   LEU 9   281 281 LEU LEU A . n 
A 1 10  ARG 10  282 282 ARG ARG A . n 
A 1 11  TYR 11  283 283 TYR TYR A . n 
A 1 12  VAL 12  284 284 VAL VAL A . n 
A 1 13  PRO 13  285 285 PRO PRO A . n 
A 1 14  THR 14  286 286 THR THR A . n 
A 1 15  ALA 15  287 287 ALA ALA A . n 
A 1 16  GLY 16  288 288 GLY GLY A . n 
A 1 17  LYS 17  289 289 LYS LYS A . n 
A 1 18  LEU 18  290 290 LEU LEU A . n 
A 1 19  THR 19  291 291 THR THR A . n 
A 1 20  VAL 20  292 292 VAL VAL A . n 
A 1 21  VAL 21  293 293 VAL VAL A . n 
A 1 22  ILE 22  294 294 ILE ILE A . n 
A 1 23  LEU 23  295 295 LEU LEU A . n 
A 1 24  GLU 24  296 296 GLU GLU A . n 
A 1 25  ALA 25  297 297 ALA ALA A . n 
A 1 26  LYS 26  298 298 LYS LYS A . n 
A 1 27  ASN 27  299 299 ASN ASN A . n 
A 1 28  LEU 28  300 300 LEU LEU A . n 
A 1 29  LYS 29  301 301 LYS LYS A . n 
A 1 30  LYS 30  302 302 LYS LYS A . n 
A 1 31  MET 31  303 303 MET MET A . n 
A 1 32  ASP 32  304 304 ASP ASP A . n 
A 1 33  VAL 33  305 305 VAL VAL A . n 
A 1 34  GLY 34  306 306 GLY GLY A . n 
A 1 35  GLY 35  307 307 GLY GLY A . n 
A 1 36  LEU 36  308 308 LEU LEU A . n 
A 1 37  SER 37  309 309 SER SER A . n 
A 1 38  ASP 38  310 310 ASP ASP A . n 
A 1 39  PRO 39  311 311 PRO PRO A . n 
A 1 40  TYR 40  312 312 TYR TYR A . n 
A 1 41  VAL 41  313 313 VAL VAL A . n 
A 1 42  LYS 42  314 314 LYS LYS A . n 
A 1 43  ILE 43  315 315 ILE ILE A . n 
A 1 44  HIS 44  316 316 HIS HIS A . n 
A 1 45  LEU 45  317 317 LEU LEU A . n 
A 1 46  MET 46  318 318 MET MET A . n 
A 1 47  GLN 47  319 319 GLN GLN A . n 
A 1 48  ASN 48  320 320 ASN ASN A . n 
A 1 49  GLY 49  321 321 GLY GLY A . n 
A 1 50  LYS 50  322 322 LYS LYS A . n 
A 1 51  ARG 51  323 323 ARG ARG A . n 
A 1 52  LEU 52  324 324 LEU LEU A . n 
A 1 53  LYS 53  325 325 LYS LYS A . n 
A 1 54  LYS 54  326 326 LYS LYS A . n 
A 1 55  LYS 55  327 327 LYS LYS A . n 
A 1 56  LYS 56  328 328 LYS LYS A . n 
A 1 57  THR 57  329 329 THR THR A . n 
A 1 58  THR 58  330 330 THR THR A . n 
A 1 59  ILE 59  331 331 ILE ILE A . n 
A 1 60  LYS 60  332 332 LYS LYS A . n 
A 1 61  LYS 61  333 333 LYS LYS A . n 
A 1 62  ASN 62  334 334 ASN ASN A . n 
A 1 63  THR 63  335 335 THR THR A . n 
A 1 64  LEU 64  336 336 LEU LEU A . n 
A 1 65  ASN 65  337 337 ASN ASN A . n 
A 1 66  PRO 66  338 338 PRO PRO A . n 
A 1 67  TYR 67  339 339 TYR TYR A . n 
A 1 68  TYR 68  340 340 TYR TYR A . n 
A 1 69  ASN 69  341 341 ASN ASN A . n 
A 1 70  GLU 70  342 342 GLU GLU A . n 
A 1 71  SER 71  343 343 SER SER A . n 
A 1 72  PHE 72  344 344 PHE PHE A . n 
A 1 73  SER 73  345 345 SER SER A . n 
A 1 74  PHE 74  346 346 PHE PHE A . n 
A 1 75  GLU 75  347 347 GLU GLU A . n 
A 1 76  VAL 76  348 348 VAL VAL A . n 
A 1 77  PRO 77  349 349 PRO PRO A . n 
A 1 78  PHE 78  350 350 PHE PHE A . n 
A 1 79  GLU 79  351 351 GLU GLU A . n 
A 1 80  GLN 80  352 352 GLN GLN A . n 
A 1 81  ILE 81  353 353 ILE ILE A . n 
A 1 82  GLN 82  354 354 GLN GLN A . n 
A 1 83  LYS 83  355 355 LYS LYS A . n 
A 1 84  VAL 84  356 356 VAL VAL A . n 
A 1 85  GLN 85  357 357 GLN GLN A . n 
A 1 86  VAL 86  358 358 VAL VAL A . n 
A 1 87  VAL 87  359 359 VAL VAL A . n 
A 1 88  VAL 88  360 360 VAL VAL A . n 
A 1 89  THR 89  361 361 THR THR A . n 
A 1 90  VAL 90  362 362 VAL VAL A . n 
A 1 91  LEU 91  363 363 LEU LEU A . n 
A 1 92  ASP 92  364 364 ASP ASP A . n 
A 1 93  TYR 93  365 365 TYR TYR A . n 
A 1 94  ASP 94  366 366 ASP ASP A . n 
A 1 95  LYS 95  367 367 LYS LYS A . n 
A 1 96  ILE 96  368 368 ILE ILE A . n 
A 1 97  GLY 97  369 369 GLY GLY A . n 
A 1 98  LYS 98  370 370 LYS LYS A . n 
A 1 99  ASN 99  371 371 ASN ASN A . n 
A 1 100 ASP 100 372 372 ASP ASP A . n 
A 1 101 ALA 101 373 373 ALA ALA A . n 
A 1 102 ILE 102 374 374 ILE ILE A . n 
A 1 103 GLY 103 375 375 GLY GLY A . n 
A 1 104 LYS 104 376 376 LYS LYS A . n 
A 1 105 VAL 105 377 377 VAL VAL A . n 
A 1 106 PHE 106 378 378 PHE PHE A . n 
A 1 107 VAL 107 379 379 VAL VAL A . n 
A 1 108 GLY 108 380 380 GLY GLY A . n 
A 1 109 TYR 109 381 381 TYR TYR A . n 
A 1 110 ASN 110 382 382 ASN ASN A . n 
A 1 111 SER 111 383 383 SER SER A . n 
A 1 112 THR 112 384 384 THR THR A . n 
A 1 113 GLY 113 385 385 GLY GLY A . n 
A 1 114 ALA 114 386 386 ALA ALA A . n 
A 1 115 GLU 115 387 387 GLU GLU A . n 
A 1 116 LEU 116 388 388 LEU LEU A . n 
A 1 117 ARG 117 389 389 ARG ARG A . n 
A 1 118 HIS 118 390 390 HIS HIS A . n 
A 1 119 TRP 119 391 391 TRP TRP A . n 
A 1 120 SER 120 392 392 SER SER A . n 
A 1 121 ASP 121 393 393 ASP ASP A . n 
A 1 122 MET 122 394 394 MET MET A . n 
A 1 123 LEU 123 395 395 LEU LEU A . n 
A 1 124 ALA 124 396 396 ALA ALA A . n 
A 1 125 ASN 125 397 397 ASN ASN A . n 
A 1 126 PRO 126 398 398 PRO PRO A . n 
A 1 127 ARG 127 399 399 ARG ARG A . n 
A 1 128 ARG 128 400 400 ARG ARG A . n 
A 1 129 PRO 129 401 401 PRO PRO A . n 
A 1 130 ILE 130 402 402 ILE ILE A . n 
A 1 131 ALA 131 403 403 ALA ALA A . n 
A 1 132 GLN 132 404 404 GLN GLN A . n 
A 1 133 TRP 133 405 405 TRP TRP A . n 
A 1 134 HIS 134 406 406 HIS HIS A . n 
A 1 135 THR 135 407 407 THR THR A . n 
A 1 136 LEU 136 408 408 LEU LEU A . n 
A 1 137 GLN 137 409 409 GLN GLN A . n 
A 1 138 VAL 138 410 410 VAL VAL A . n 
A 1 139 GLU 139 411 411 GLU GLU A . n 
A 1 140 GLU 140 412 412 GLU GLU A . n 
A 1 141 GLU 141 413 413 GLU GLU A . n 
A 1 142 VAL 142 414 414 VAL VAL A . n 
A 1 143 ASP 143 415 415 ASP ASP A . n 
A 1 144 ALA 144 416 416 ALA ALA A . n 
A 1 145 MET 145 417 417 MET MET A . n 
A 1 146 LEU 146 418 418 LEU LEU A . n 
A 1 147 ALA 147 419 419 ALA ALA A . n 
A 1 148 VAL 148 420 420 VAL VAL A . n 
A 1 149 LYS 149 421 421 LYS LYS A . n 
A 1 150 LYS 150 422 422 LYS LYS A . n 
B 2 1   SER 1   81  81  SER SER B . n 
B 2 2   ASP 2   82  82  ASP ASP B . n 
B 2 3   ALA 3   83  83  ALA ALA B . n 
B 2 4   TPO 4   84  84  TPO TPO B . n 
B 2 5   GLU 5   85  85  GLU GLU B . n 
B 2 6   GLY 6   86  86  GLY GLY B . n 
B 2 7   HIS 7   87  87  HIS HIS B . n 
B 2 8   ASP 8   88  88  ASP ASP B . n 
B 2 9   GLU 9   89  89  GLU GLU B . n 
B 2 10  ASP 10  90  90  ASP ASP B . n 
# 
loop_
_pdbx_nonpoly_scheme.asym_id 
_pdbx_nonpoly_scheme.entity_id 
_pdbx_nonpoly_scheme.mon_id 
_pdbx_nonpoly_scheme.ndb_seq_num 
_pdbx_nonpoly_scheme.pdb_seq_num 
_pdbx_nonpoly_scheme.auth_seq_num 
_pdbx_nonpoly_scheme.pdb_mon_id 
_pdbx_nonpoly_scheme.auth_mon_id 
_pdbx_nonpoly_scheme.pdb_strand_id 
_pdbx_nonpoly_scheme.pdb_ins_code 
C 3 CA  1   1423 1423 CA  CA  A . 
D 3 CA  1   1424 1424 CA  CA  A . 
E 3 CA  1   1425 1425 CA  CA  A . 
F 4 GOL 1   1426 1426 GOL GOL A . 
G 5 HOH 1   2001 2001 HOH HOH A . 
G 5 HOH 2   2002 2002 HOH HOH A . 
G 5 HOH 3   2003 2003 HOH HOH A . 
G 5 HOH 4   2004 2004 HOH HOH A . 
G 5 HOH 5   2005 2005 HOH HOH A . 
G 5 HOH 6   2006 2006 HOH HOH A . 
G 5 HOH 7   2007 2007 HOH HOH A . 
G 5 HOH 8   2008 2008 HOH HOH A . 
G 5 HOH 9   2009 2009 HOH HOH A . 
G 5 HOH 10  2010 2010 HOH HOH A . 
G 5 HOH 11  2011 2011 HOH HOH A . 
G 5 HOH 12  2012 2012 HOH HOH A . 
G 5 HOH 13  2013 2013 HOH HOH A . 
G 5 HOH 14  2014 2014 HOH HOH A . 
G 5 HOH 15  2015 2015 HOH HOH A . 
G 5 HOH 16  2016 2016 HOH HOH A . 
G 5 HOH 17  2017 2017 HOH HOH A . 
G 5 HOH 18  2018 2018 HOH HOH A . 
G 5 HOH 19  2019 2019 HOH HOH A . 
G 5 HOH 20  2020 2020 HOH HOH A . 
G 5 HOH 21  2021 2021 HOH HOH A . 
G 5 HOH 22  2022 2022 HOH HOH A . 
G 5 HOH 23  2023 2023 HOH HOH A . 
G 5 HOH 24  2024 2024 HOH HOH A . 
G 5 HOH 25  2025 2025 HOH HOH A . 
G 5 HOH 26  2026 2026 HOH HOH A . 
G 5 HOH 27  2027 2027 HOH HOH A . 
G 5 HOH 28  2028 2028 HOH HOH A . 
G 5 HOH 29  2029 2029 HOH HOH A . 
G 5 HOH 30  2030 2030 HOH HOH A . 
G 5 HOH 31  2031 2031 HOH HOH A . 
G 5 HOH 32  2032 2032 HOH HOH A . 
G 5 HOH 33  2033 2033 HOH HOH A . 
G 5 HOH 34  2034 2034 HOH HOH A . 
G 5 HOH 35  2035 2035 HOH HOH A . 
G 5 HOH 36  2036 2036 HOH HOH A . 
G 5 HOH 37  2037 2037 HOH HOH A . 
G 5 HOH 38  2038 2038 HOH HOH A . 
G 5 HOH 39  2039 2039 HOH HOH A . 
G 5 HOH 40  2040 2040 HOH HOH A . 
G 5 HOH 41  2041 2041 HOH HOH A . 
G 5 HOH 42  2042 2042 HOH HOH A . 
G 5 HOH 43  2043 2043 HOH HOH A . 
G 5 HOH 44  2044 2044 HOH HOH A . 
G 5 HOH 45  2045 2045 HOH HOH A . 
G 5 HOH 46  2046 2046 HOH HOH A . 
G 5 HOH 47  2047 2047 HOH HOH A . 
G 5 HOH 48  2048 2048 HOH HOH A . 
G 5 HOH 49  2049 2049 HOH HOH A . 
G 5 HOH 50  2050 2050 HOH HOH A . 
G 5 HOH 51  2051 2051 HOH HOH A . 
G 5 HOH 52  2052 2052 HOH HOH A . 
G 5 HOH 53  2053 2053 HOH HOH A . 
G 5 HOH 54  2054 2054 HOH HOH A . 
G 5 HOH 55  2055 2055 HOH HOH A . 
G 5 HOH 56  2056 2056 HOH HOH A . 
G 5 HOH 57  2057 2057 HOH HOH A . 
G 5 HOH 58  2058 2058 HOH HOH A . 
G 5 HOH 59  2059 2059 HOH HOH A . 
G 5 HOH 60  2060 2060 HOH HOH A . 
G 5 HOH 61  2061 2061 HOH HOH A . 
G 5 HOH 62  2062 2062 HOH HOH A . 
G 5 HOH 63  2063 2063 HOH HOH A . 
G 5 HOH 64  2064 2064 HOH HOH A . 
G 5 HOH 65  2065 2065 HOH HOH A . 
G 5 HOH 66  2066 2066 HOH HOH A . 
G 5 HOH 67  2067 2067 HOH HOH A . 
G 5 HOH 68  2068 2068 HOH HOH A . 
G 5 HOH 69  2069 2069 HOH HOH A . 
G 5 HOH 70  2070 2070 HOH HOH A . 
G 5 HOH 71  2071 2071 HOH HOH A . 
G 5 HOH 72  2072 2072 HOH HOH A . 
G 5 HOH 73  2073 2073 HOH HOH A . 
G 5 HOH 74  2074 2074 HOH HOH A . 
G 5 HOH 75  2075 2075 HOH HOH A . 
G 5 HOH 76  2076 2076 HOH HOH A . 
G 5 HOH 77  2077 2077 HOH HOH A . 
G 5 HOH 78  2078 2078 HOH HOH A . 
G 5 HOH 79  2079 2079 HOH HOH A . 
G 5 HOH 80  2080 2080 HOH HOH A . 
G 5 HOH 81  2081 2081 HOH HOH A . 
G 5 HOH 82  2082 2082 HOH HOH A . 
G 5 HOH 83  2083 2083 HOH HOH A . 
G 5 HOH 84  2084 2084 HOH HOH A . 
G 5 HOH 85  2085 2085 HOH HOH A . 
G 5 HOH 86  2086 2086 HOH HOH A . 
G 5 HOH 87  2087 2087 HOH HOH A . 
G 5 HOH 88  2088 2088 HOH HOH A . 
G 5 HOH 89  2089 2089 HOH HOH A . 
G 5 HOH 90  2090 2090 HOH HOH A . 
G 5 HOH 91  2091 2091 HOH HOH A . 
G 5 HOH 92  2092 2092 HOH HOH A . 
G 5 HOH 93  2093 2093 HOH HOH A . 
G 5 HOH 94  2094 2094 HOH HOH A . 
G 5 HOH 95  2095 2095 HOH HOH A . 
G 5 HOH 96  2096 2096 HOH HOH A . 
G 5 HOH 97  2097 2097 HOH HOH A . 
G 5 HOH 98  2098 2098 HOH HOH A . 
G 5 HOH 99  2099 2099 HOH HOH A . 
G 5 HOH 100 2100 2100 HOH HOH A . 
G 5 HOH 101 2101 2101 HOH HOH A . 
G 5 HOH 102 2102 2102 HOH HOH A . 
G 5 HOH 103 2103 2103 HOH HOH A . 
G 5 HOH 104 2104 2104 HOH HOH A . 
G 5 HOH 105 2105 2105 HOH HOH A . 
G 5 HOH 106 2106 2106 HOH HOH A . 
G 5 HOH 107 2107 2107 HOH HOH A . 
G 5 HOH 108 2108 2108 HOH HOH A . 
G 5 HOH 109 2109 2109 HOH HOH A . 
G 5 HOH 110 2110 2110 HOH HOH A . 
G 5 HOH 111 2111 2111 HOH HOH A . 
G 5 HOH 112 2112 2112 HOH HOH A . 
G 5 HOH 113 2113 2113 HOH HOH A . 
G 5 HOH 114 2114 2114 HOH HOH A . 
G 5 HOH 115 2115 2115 HOH HOH A . 
G 5 HOH 116 2116 2116 HOH HOH A . 
G 5 HOH 117 2117 2117 HOH HOH A . 
G 5 HOH 118 2118 2118 HOH HOH A . 
G 5 HOH 119 2119 2119 HOH HOH A . 
G 5 HOH 120 2120 2120 HOH HOH A . 
G 5 HOH 121 2121 2121 HOH HOH A . 
G 5 HOH 122 2122 2122 HOH HOH A . 
G 5 HOH 123 2123 2123 HOH HOH A . 
G 5 HOH 124 2124 2124 HOH HOH A . 
G 5 HOH 125 2125 2125 HOH HOH A . 
G 5 HOH 126 2126 2126 HOH HOH A . 
G 5 HOH 127 2127 2127 HOH HOH A . 
G 5 HOH 128 2128 2128 HOH HOH A . 
G 5 HOH 129 2129 2129 HOH HOH A . 
G 5 HOH 130 2130 2130 HOH HOH A . 
G 5 HOH 131 2131 2131 HOH HOH A . 
G 5 HOH 132 2132 2132 HOH HOH A . 
G 5 HOH 133 2133 2133 HOH HOH A . 
G 5 HOH 134 2134 2134 HOH HOH A . 
G 5 HOH 135 2135 2135 HOH HOH A . 
G 5 HOH 136 2136 2136 HOH HOH A . 
G 5 HOH 137 2137 2137 HOH HOH A . 
G 5 HOH 138 2138 2138 HOH HOH A . 
G 5 HOH 139 2139 2139 HOH HOH A . 
H 5 HOH 1   2001 2001 HOH HOH B . 
H 5 HOH 2   2002 2002 HOH HOH B . 
H 5 HOH 3   2003 2003 HOH HOH B . 
H 5 HOH 4   2004 2004 HOH HOH B . 
H 5 HOH 5   2005 2005 HOH HOH B . 
H 5 HOH 6   2006 2006 HOH HOH B . 
H 5 HOH 7   2007 2007 HOH HOH B . 
H 5 HOH 8   2008 2008 HOH HOH B . 
# 
loop_
_software.name 
_software.classification 
_software.version 
_software.citation_id 
_software.pdbx_ordinal 
PHENIX  refinement       '(PHENIX.REFINE)' ? 1 
XDS     'data reduction' .                 ? 2 
Aimless 'data scaling'   .                 ? 3 
PHENIX  phasing          PHASER            ? 4 
# 
_cell.entry_id           4V11 
_cell.length_a           46.049 
_cell.length_b           41.432 
_cell.length_c           48.014 
_cell.angle_alpha        90.00 
_cell.angle_beta         96.59 
_cell.angle_gamma        90.00 
_cell.Z_PDB              2 
_cell.pdbx_unique_axis   ? 
# 
_symmetry.entry_id                         4V11 
_symmetry.space_group_name_H-M             'P 1 21 1' 
_symmetry.pdbx_full_space_group_name_H-M   ? 
_symmetry.cell_setting                     ? 
_symmetry.Int_Tables_number                4 
# 
_exptl.entry_id          4V11 
_exptl.method            'X-RAY DIFFRACTION' 
_exptl.crystals_number   1 
# 
_exptl_crystal.id                    1 
_exptl_crystal.density_meas          ? 
_exptl_crystal.density_Matthews      2.71 
_exptl_crystal.density_percent_sol   54.71 
_exptl_crystal.description           NONE 
# 
_exptl_crystal_grow.crystal_id      1 
_exptl_crystal_grow.method          ? 
_exptl_crystal_grow.temp            ? 
_exptl_crystal_grow.temp_details    ? 
_exptl_crystal_grow.pH              7.5 
_exptl_crystal_grow.pdbx_pH_range   ? 
_exptl_crystal_grow.pdbx_details    '0.1 M HEPES PH 7.5, 18 % PEG 3350, 0.05 M CACL2' 
# 
_diffrn.id                     1 
_diffrn.ambient_temp           100 
_diffrn.ambient_temp_details   ? 
_diffrn.crystal_id             1 
# 
_diffrn_detector.diffrn_id              1 
_diffrn_detector.detector               CCD 
_diffrn_detector.type                   'RIGAKU SATURN 994 CCD-DETECTOR' 
_diffrn_detector.pdbx_collection_date   2014-03-17 
_diffrn_detector.details                'VARIMAX CU-VHF OPTICS' 
# 
_diffrn_radiation.diffrn_id                        1 
_diffrn_radiation.wavelength_id                    1 
_diffrn_radiation.pdbx_monochromatic_or_laue_m_l   M 
_diffrn_radiation.monochromator                    ? 
_diffrn_radiation.pdbx_diffrn_protocol             'SINGLE WAVELENGTH' 
_diffrn_radiation.pdbx_scattering_type             x-ray 
# 
_diffrn_radiation_wavelength.id           1 
_diffrn_radiation_wavelength.wavelength   1.541780 
_diffrn_radiation_wavelength.wt           1.0 
# 
_diffrn_source.diffrn_id                   1 
_diffrn_source.source                      'ROTATING ANODE' 
_diffrn_source.type                        'RIGAKU MICROMAX-007 HF' 
_diffrn_source.pdbx_synchrotron_site       ? 
_diffrn_source.pdbx_synchrotron_beamline   ? 
_diffrn_source.pdbx_wavelength             1.541780 
_diffrn_source.pdbx_wavelength_list        ? 
# 
_reflns.pdbx_diffrn_id               1 
_reflns.pdbx_ordinal                 1 
_reflns.entry_id                     4V11 
_reflns.observed_criterion_sigma_I   0.0 
_reflns.observed_criterion_sigma_F   ? 
_reflns.d_resolution_low             31.28 
_reflns.d_resolution_high            1.95 
_reflns.number_obs                   13172 
_reflns.number_all                   ? 
_reflns.percent_possible_obs         99.0 
_reflns.pdbx_Rmerge_I_obs            0.01 
_reflns.pdbx_Rsym_value              ? 
_reflns.pdbx_netI_over_sigmaI        58.93 
_reflns.B_iso_Wilson_estimate        10.04 
_reflns.pdbx_redundancy              2.0 
# 
_reflns_shell.pdbx_diffrn_id         1 
_reflns_shell.pdbx_ordinal           1 
_reflns_shell.d_res_high             1.95 
_reflns_shell.d_res_low              2.02 
_reflns_shell.percent_possible_all   98.2 
_reflns_shell.Rmerge_I_obs           0.03 
_reflns_shell.pdbx_Rsym_value        ? 
_reflns_shell.meanI_over_sigI_obs    23.39 
_reflns_shell.pdbx_redundancy        1.8 
# 
_refine.pdbx_refine_id                           'X-RAY DIFFRACTION' 
_refine.entry_id                                 4V11 
_refine.pdbx_diffrn_id                           1 
_refine.pdbx_TLS_residual_ADP_flag               ? 
_refine.ls_number_reflns_obs                     13172 
_refine.ls_number_reflns_all                     ? 
_refine.pdbx_ls_sigma_I                          ? 
_refine.pdbx_ls_sigma_F                          1.38 
_refine.pdbx_data_cutoff_high_absF               ? 
_refine.pdbx_data_cutoff_low_absF                ? 
_refine.pdbx_data_cutoff_high_rms_absF           ? 
_refine.ls_d_res_low                             31.279 
_refine.ls_d_res_high                            1.950 
_refine.ls_percent_reflns_obs                    98.97 
_refine.ls_R_factor_obs                          0.1534 
_refine.ls_R_factor_all                          ? 
_refine.ls_R_factor_R_work                       0.1512 
_refine.ls_R_factor_R_free                       0.1956 
_refine.ls_R_factor_R_free_error                 ? 
_refine.ls_R_factor_R_free_error_details         ? 
_refine.ls_percent_reflns_R_free                 5.2 
_refine.ls_number_reflns_R_free                  687 
_refine.ls_number_parameters                     ? 
_refine.ls_number_restraints                     ? 
_refine.occupancy_min                            ? 
_refine.occupancy_max                            ? 
_refine.correlation_coeff_Fo_to_Fc               ? 
_refine.correlation_coeff_Fo_to_Fc_free          ? 
_refine.B_iso_mean                               11.0 
_refine.aniso_B[1][1]                            ? 
_refine.aniso_B[2][2]                            ? 
_refine.aniso_B[3][3]                            ? 
_refine.aniso_B[1][2]                            ? 
_refine.aniso_B[1][3]                            ? 
_refine.aniso_B[2][3]                            ? 
_refine.solvent_model_details                    'FLAT BULK SOLVENT MODEL' 
_refine.solvent_model_param_ksol                 0.39 
_refine.solvent_model_param_bsol                 36.9 
_refine.pdbx_solvent_vdw_probe_radii             1.11 
_refine.pdbx_solvent_ion_probe_radii             ? 
_refine.pdbx_solvent_shrinkage_radii             0.90 
_refine.pdbx_ls_cross_valid_method               ? 
_refine.details                                  ? 
_refine.pdbx_starting_model                      'PDB ENTRY 1TJX' 
_refine.pdbx_method_to_determine_struct          'MOLECULAR REPLACEMENT' 
_refine.pdbx_isotropic_thermal_model             ? 
_refine.pdbx_stereochemistry_target_values       ML 
_refine.pdbx_stereochem_target_val_spec_case     ? 
_refine.pdbx_R_Free_selection_details            ? 
_refine.pdbx_overall_ESU_R                       ? 
_refine.pdbx_overall_ESU_R_Free                  ? 
_refine.overall_SU_ML                            0.16 
_refine.pdbx_overall_phase_error                 17.18 
_refine.overall_SU_B                             ? 
_refine.overall_SU_R_Cruickshank_DPI             ? 
_refine.pdbx_overall_SU_R_free_Cruickshank_DPI   ? 
_refine.pdbx_overall_SU_R_Blow_DPI               ? 
_refine.pdbx_overall_SU_R_free_Blow_DPI          ? 
# 
_refine_hist.pdbx_refine_id                   'X-RAY DIFFRACTION' 
_refine_hist.cycle_id                         LAST 
_refine_hist.pdbx_number_atoms_protein        1281 
_refine_hist.pdbx_number_atoms_nucleic_acid   0 
_refine_hist.pdbx_number_atoms_ligand         9 
_refine_hist.number_atoms_solvent             147 
_refine_hist.number_atoms_total               1437 
_refine_hist.d_res_high                       1.950 
_refine_hist.d_res_low                        31.279 
# 
loop_
_refine_ls_restr.type 
_refine_ls_restr.dev_ideal 
_refine_ls_restr.dev_ideal_target 
_refine_ls_restr.weight 
_refine_ls_restr.number 
_refine_ls_restr.pdbx_refine_id 
_refine_ls_restr.pdbx_restraint_function 
f_bond_d           0.007  ? ? 1315 'X-RAY DIFFRACTION' ? 
f_angle_d          1.004  ? ? 1774 'X-RAY DIFFRACTION' ? 
f_dihedral_angle_d 13.146 ? ? 502  'X-RAY DIFFRACTION' ? 
f_chiral_restr     0.046  ? ? 198  'X-RAY DIFFRACTION' ? 
f_plane_restr      0.004  ? ? 224  'X-RAY DIFFRACTION' ? 
# 
loop_
_refine_ls_shell.pdbx_refine_id 
_refine_ls_shell.pdbx_total_number_of_bins_used 
_refine_ls_shell.d_res_high 
_refine_ls_shell.d_res_low 
_refine_ls_shell.number_reflns_R_work 
_refine_ls_shell.R_factor_R_work 
_refine_ls_shell.percent_reflns_obs 
_refine_ls_shell.R_factor_R_free 
_refine_ls_shell.R_factor_R_free_error 
_refine_ls_shell.percent_reflns_R_free 
_refine_ls_shell.number_reflns_R_free 
_refine_ls_shell.number_reflns_all 
_refine_ls_shell.R_factor_all 
'X-RAY DIFFRACTION' . 1.9500 2.1006  2383 0.1291 95.00  0.1938 . . 127 . . 
'X-RAY DIFFRACTION' . 2.1006 2.3119  2480 0.1432 100.00 0.2211 . . 161 . . 
'X-RAY DIFFRACTION' . 2.3119 2.6463  2502 0.1593 100.00 0.1809 . . 130 . . 
'X-RAY DIFFRACTION' . 2.6463 3.3334  2525 0.1592 100.00 0.2158 . . 138 . . 
'X-RAY DIFFRACTION' . 3.3334 31.2826 2595 0.1539 100.00 0.1742 . . 131 . . 
# 
_struct.entry_id                  4V11 
_struct.title                     'Structure of Synaptotagmin-1 with SV2A peptide phosphorylated at Thr84' 
_struct.pdbx_model_details        ? 
_struct.pdbx_CASP_flag            ? 
_struct.pdbx_model_type_details   ? 
# 
_struct_keywords.entry_id        4V11 
_struct_keywords.pdbx_keywords   'SIGNALING PROTEIN' 
_struct_keywords.text            'SIGNALING PROTEIN' 
# 
loop_
_struct_asym.id 
_struct_asym.pdbx_blank_PDB_chainid_flag 
_struct_asym.pdbx_modified 
_struct_asym.entity_id 
_struct_asym.details 
A N N 1 ? 
B N N 2 ? 
C N N 3 ? 
D N N 3 ? 
E N N 3 ? 
F N N 4 ? 
G N N 5 ? 
H N N 5 ? 
# 
loop_
_struct_ref.id 
_struct_ref.db_name 
_struct_ref.db_code 
_struct_ref.entity_id 
_struct_ref.pdbx_seq_one_letter_code 
_struct_ref.pdbx_align_begin 
_struct_ref.pdbx_db_accession 
_struct_ref.pdbx_db_isoform 
1 UNP SYT1_HUMAN 1 ? ? P21579 ? 
2 UNP SV2A_HUMAN 2 ? ? Q7L0J3 ? 
# 
loop_
_struct_ref_seq.align_id 
_struct_ref_seq.ref_id 
_struct_ref_seq.pdbx_PDB_id_code 
_struct_ref_seq.pdbx_strand_id 
_struct_ref_seq.seq_align_beg 
_struct_ref_seq.pdbx_seq_align_beg_ins_code 
_struct_ref_seq.seq_align_end 
_struct_ref_seq.pdbx_seq_align_end_ins_code 
_struct_ref_seq.pdbx_db_accession 
_struct_ref_seq.db_align_beg 
_struct_ref_seq.pdbx_db_align_beg_ins_code 
_struct_ref_seq.db_align_end 
_struct_ref_seq.pdbx_db_align_end_ins_code 
_struct_ref_seq.pdbx_auth_seq_align_beg 
_struct_ref_seq.pdbx_auth_seq_align_end 
1 1 4V11 A 1 ? 150 ? P21579 273 ? 422 ? 273 422 
2 2 4V11 B 1 ? 10  ? Q7L0J3 81  ? 90  ? 81  90  
# 
_pdbx_struct_assembly.id                   1 
_pdbx_struct_assembly.details              author_and_software_defined_assembly 
_pdbx_struct_assembly.method_details       PISA 
_pdbx_struct_assembly.oligomeric_details   dimeric 
_pdbx_struct_assembly.oligomeric_count     2 
# 
loop_
_pdbx_struct_assembly_prop.biol_id 
_pdbx_struct_assembly_prop.type 
_pdbx_struct_assembly_prop.value 
_pdbx_struct_assembly_prop.details 
1 'ABSA (A^2)' 1190  ? 
1 MORE         -40.1 ? 
1 'SSA (A^2)'  8710  ? 
# 
_pdbx_struct_assembly_gen.assembly_id       1 
_pdbx_struct_assembly_gen.oper_expression   1 
_pdbx_struct_assembly_gen.asym_id_list      A,B,C,D,E,F,G,H 
# 
_pdbx_struct_oper_list.id                   1 
_pdbx_struct_oper_list.type                 'identity operation' 
_pdbx_struct_oper_list.name                 1_555 
_pdbx_struct_oper_list.symmetry_operation   x,y,z 
_pdbx_struct_oper_list.matrix[1][1]         1.0000000000 
_pdbx_struct_oper_list.matrix[1][2]         0.0000000000 
_pdbx_struct_oper_list.matrix[1][3]         0.0000000000 
_pdbx_struct_oper_list.vector[1]            0.0000000000 
_pdbx_struct_oper_list.matrix[2][1]         0.0000000000 
_pdbx_struct_oper_list.matrix[2][2]         1.0000000000 
_pdbx_struct_oper_list.matrix[2][3]         0.0000000000 
_pdbx_struct_oper_list.vector[2]            0.0000000000 
_pdbx_struct_oper_list.matrix[3][1]         0.0000000000 
_pdbx_struct_oper_list.matrix[3][2]         0.0000000000 
_pdbx_struct_oper_list.matrix[3][3]         1.0000000000 
_pdbx_struct_oper_list.vector[3]            0.0000000000 
# 
_struct_biol.id   1 
# 
loop_
_struct_conf.conf_type_id 
_struct_conf.id 
_struct_conf.pdbx_PDB_helix_id 
_struct_conf.beg_label_comp_id 
_struct_conf.beg_label_asym_id 
_struct_conf.beg_label_seq_id 
_struct_conf.pdbx_beg_PDB_ins_code 
_struct_conf.end_label_comp_id 
_struct_conf.end_label_asym_id 
_struct_conf.end_label_seq_id 
_struct_conf.pdbx_end_PDB_ins_code 
_struct_conf.beg_auth_comp_id 
_struct_conf.beg_auth_asym_id 
_struct_conf.beg_auth_seq_id 
_struct_conf.end_auth_comp_id 
_struct_conf.end_auth_asym_id 
_struct_conf.end_auth_seq_id 
_struct_conf.pdbx_PDB_helix_class 
_struct_conf.details 
_struct_conf.pdbx_PDB_helix_length 
HELX_P HELX_P1 1 PRO A 77  ? ILE A 81  ? PRO A 349 ILE A 353 5 ? 5  
HELX_P HELX_P2 2 THR A 112 ? ASN A 125 ? THR A 384 ASN A 397 1 ? 14 
HELX_P HELX_P3 3 VAL A 138 ? LEU A 146 ? VAL A 410 LEU A 418 1 ? 9  
# 
_struct_conf_type.id          HELX_P 
_struct_conf_type.criteria    ? 
_struct_conf_type.reference   ? 
# 
loop_
_struct_conn.id 
_struct_conn.conn_type_id 
_struct_conn.pdbx_leaving_atom_flag 
_struct_conn.pdbx_PDB_id 
_struct_conn.ptnr1_label_asym_id 
_struct_conn.ptnr1_label_comp_id 
_struct_conn.ptnr1_label_seq_id 
_struct_conn.ptnr1_label_atom_id 
_struct_conn.pdbx_ptnr1_label_alt_id 
_struct_conn.pdbx_ptnr1_PDB_ins_code 
_struct_conn.pdbx_ptnr1_standard_comp_id 
_struct_conn.ptnr1_symmetry 
_struct_conn.ptnr2_label_asym_id 
_struct_conn.ptnr2_label_comp_id 
_struct_conn.ptnr2_label_seq_id 
_struct_conn.ptnr2_label_atom_id 
_struct_conn.pdbx_ptnr2_label_alt_id 
_struct_conn.pdbx_ptnr2_PDB_ins_code 
_struct_conn.ptnr1_auth_asym_id 
_struct_conn.ptnr1_auth_comp_id 
_struct_conn.ptnr1_auth_seq_id 
_struct_conn.ptnr2_auth_asym_id 
_struct_conn.ptnr2_auth_comp_id 
_struct_conn.ptnr2_auth_seq_id 
_struct_conn.ptnr2_symmetry 
_struct_conn.pdbx_ptnr3_label_atom_id 
_struct_conn.pdbx_ptnr3_label_seq_id 
_struct_conn.pdbx_ptnr3_label_comp_id 
_struct_conn.pdbx_ptnr3_label_asym_id 
_struct_conn.pdbx_ptnr3_label_alt_id 
_struct_conn.pdbx_ptnr3_PDB_ins_code 
_struct_conn.details 
_struct_conn.pdbx_dist_value 
_struct_conn.pdbx_value_order 
_struct_conn.pdbx_role 
covale1  covale both ? B ALA 3  C   ? ? ? 1_555 B TPO 4 N  ? ? B ALA 83   B TPO 84   1_555 ? ? ? ? ? ? ? 1.329 ? ? 
covale2  covale both ? B TPO 4  C   ? ? ? 1_555 B GLU 5 N  ? ? B TPO 84   B GLU 85   1_555 ? ? ? ? ? ? ? 1.334 ? ? 
metalc1  metalc ?    ? A MET 31 O   ? ? ? 1_555 D CA  . CA ? ? A MET 303  A CA  1424 1_555 ? ? ? ? ? ? ? 2.469 ? ? 
metalc2  metalc ?    ? A ASP 32 OD1 ? ? ? 1_555 C CA  . CA ? ? A ASP 304  A CA  1423 1_555 ? ? ? ? ? ? ? 2.586 ? ? 
metalc3  metalc ?    ? A ASP 32 OD2 ? ? ? 1_555 C CA  . CA ? ? A ASP 304  A CA  1423 1_555 ? ? ? ? ? ? ? 2.380 ? ? 
metalc4  metalc ?    ? A ASP 32 OD1 ? ? ? 1_555 D CA  . CA ? ? A ASP 304  A CA  1424 1_555 ? ? ? ? ? ? ? 2.375 ? ? 
metalc5  metalc ?    ? A ASP 38 OD2 ? ? ? 1_555 C CA  . CA ? ? A ASP 310  A CA  1423 1_555 ? ? ? ? ? ? ? 2.370 ? ? 
metalc6  metalc ?    ? A ASP 92 OD2 ? ? ? 1_555 C CA  . CA ? ? A ASP 364  A CA  1423 1_555 ? ? ? ? ? ? ? 3.028 ? ? 
metalc7  metalc ?    ? A ASP 92 OD1 ? ? ? 1_555 C CA  . CA ? ? A ASP 364  A CA  1423 1_555 ? ? ? ? ? ? ? 2.367 ? ? 
metalc8  metalc ?    ? A ASP 92 OD2 ? ? ? 1_555 D CA  . CA ? ? A ASP 364  A CA  1424 1_555 ? ? ? ? ? ? ? 2.303 ? ? 
metalc9  metalc ?    ? A TYR 93 O   ? ? ? 1_555 C CA  . CA ? ? A TYR 365  A CA  1423 1_555 ? ? ? ? ? ? ? 2.316 ? ? 
metalc10 metalc ?    ? A ASP 94 OD1 ? ? ? 1_555 C CA  . CA ? ? A ASP 366  A CA  1423 1_555 ? ? ? ? ? ? ? 2.339 ? ? 
metalc11 metalc ?    ? A ASP 94 OD2 ? ? ? 1_555 D CA  . CA ? ? A ASP 366  A CA  1424 1_555 ? ? ? ? ? ? ? 2.459 ? ? 
metalc12 metalc ?    ? A ASP 94 OD1 ? ? ? 1_555 D CA  . CA ? ? A ASP 366  A CA  1424 1_555 ? ? ? ? ? ? ? 2.597 ? ? 
metalc13 metalc ?    ? C CA  .  CA  ? ? ? 1_555 G HOH . O  ? ? A CA  1423 A HOH 2024 1_555 ? ? ? ? ? ? ? 2.434 ? ? 
metalc14 metalc ?    ? D CA  .  CA  ? ? ? 1_555 G HOH . O  ? ? A CA  1424 A HOH 2022 1_555 ? ? ? ? ? ? ? 2.480 ? ? 
metalc15 metalc ?    ? D CA  .  CA  ? ? ? 1_555 G HOH . O  ? ? A CA  1424 A HOH 2023 1_555 ? ? ? ? ? ? ? 2.423 ? ? 
metalc16 metalc ?    ? D CA  .  CA  ? ? ? 1_555 G HOH . O  ? ? A CA  1424 A HOH 2081 1_555 ? ? ? ? ? ? ? 2.832 ? ? 
metalc17 metalc ?    ? E CA  .  CA  ? ? ? 1_555 G HOH . O  ? ? A CA  1425 A HOH 2042 1_555 ? ? ? ? ? ? ? 2.711 ? ? 
metalc18 metalc ?    ? E CA  .  CA  ? ? ? 1_555 G HOH . O  ? ? A CA  1425 A HOH 2137 1_555 ? ? ? ? ? ? ? 2.798 ? ? 
metalc19 metalc ?    ? E CA  .  CA  ? ? ? 1_555 G HOH . O  ? ? A CA  1425 A HOH 2138 1_555 ? ? ? ? ? ? ? 2.728 ? ? 
# 
loop_
_struct_conn_type.id 
_struct_conn_type.criteria 
_struct_conn_type.reference 
covale ? ? 
metalc ? ? 
# 
loop_
_pdbx_struct_conn_angle.id 
_pdbx_struct_conn_angle.ptnr1_label_atom_id 
_pdbx_struct_conn_angle.ptnr1_label_alt_id 
_pdbx_struct_conn_angle.ptnr1_label_asym_id 
_pdbx_struct_conn_angle.ptnr1_label_comp_id 
_pdbx_struct_conn_angle.ptnr1_label_seq_id 
_pdbx_struct_conn_angle.ptnr1_auth_atom_id 
_pdbx_struct_conn_angle.ptnr1_auth_asym_id 
_pdbx_struct_conn_angle.ptnr1_auth_comp_id 
_pdbx_struct_conn_angle.ptnr1_auth_seq_id 
_pdbx_struct_conn_angle.ptnr1_PDB_ins_code 
_pdbx_struct_conn_angle.ptnr1_symmetry 
_pdbx_struct_conn_angle.ptnr2_label_atom_id 
_pdbx_struct_conn_angle.ptnr2_label_alt_id 
_pdbx_struct_conn_angle.ptnr2_label_asym_id 
_pdbx_struct_conn_angle.ptnr2_label_comp_id 
_pdbx_struct_conn_angle.ptnr2_label_seq_id 
_pdbx_struct_conn_angle.ptnr2_auth_atom_id 
_pdbx_struct_conn_angle.ptnr2_auth_asym_id 
_pdbx_struct_conn_angle.ptnr2_auth_comp_id 
_pdbx_struct_conn_angle.ptnr2_auth_seq_id 
_pdbx_struct_conn_angle.ptnr2_PDB_ins_code 
_pdbx_struct_conn_angle.ptnr2_symmetry 
_pdbx_struct_conn_angle.ptnr3_label_atom_id 
_pdbx_struct_conn_angle.ptnr3_label_alt_id 
_pdbx_struct_conn_angle.ptnr3_label_asym_id 
_pdbx_struct_conn_angle.ptnr3_label_comp_id 
_pdbx_struct_conn_angle.ptnr3_label_seq_id 
_pdbx_struct_conn_angle.ptnr3_auth_atom_id 
_pdbx_struct_conn_angle.ptnr3_auth_asym_id 
_pdbx_struct_conn_angle.ptnr3_auth_comp_id 
_pdbx_struct_conn_angle.ptnr3_auth_seq_id 
_pdbx_struct_conn_angle.ptnr3_PDB_ins_code 
_pdbx_struct_conn_angle.ptnr3_symmetry 
_pdbx_struct_conn_angle.value 
_pdbx_struct_conn_angle.value_esd 
1  O   ? A MET 31 ? A MET 303  ? 1_555 CA ? D CA . ? A CA 1424 ? 1_555 OD1 ? A ASP 32 ? A ASP 304  ? 1_555 78.5  ? 
2  O   ? A MET 31 ? A MET 303  ? 1_555 CA ? D CA . ? A CA 1424 ? 1_555 OD2 ? A ASP 92 ? A ASP 364  ? 1_555 87.2  ? 
3  OD1 ? A ASP 32 ? A ASP 304  ? 1_555 CA ? D CA . ? A CA 1424 ? 1_555 OD2 ? A ASP 92 ? A ASP 364  ? 1_555 77.4  ? 
4  O   ? A MET 31 ? A MET 303  ? 1_555 CA ? D CA . ? A CA 1424 ? 1_555 OD2 ? A ASP 94 ? A ASP 366  ? 1_555 155.2 ? 
5  OD1 ? A ASP 32 ? A ASP 304  ? 1_555 CA ? D CA . ? A CA 1424 ? 1_555 OD2 ? A ASP 94 ? A ASP 366  ? 1_555 114.0 ? 
6  OD2 ? A ASP 92 ? A ASP 364  ? 1_555 CA ? D CA . ? A CA 1424 ? 1_555 OD2 ? A ASP 94 ? A ASP 366  ? 1_555 115.8 ? 
7  O   ? A MET 31 ? A MET 303  ? 1_555 CA ? D CA . ? A CA 1424 ? 1_555 OD1 ? A ASP 94 ? A ASP 366  ? 1_555 149.7 ? 
8  OD1 ? A ASP 32 ? A ASP 304  ? 1_555 CA ? D CA . ? A CA 1424 ? 1_555 OD1 ? A ASP 94 ? A ASP 366  ? 1_555 72.4  ? 
9  OD2 ? A ASP 92 ? A ASP 364  ? 1_555 CA ? D CA . ? A CA 1424 ? 1_555 OD1 ? A ASP 94 ? A ASP 366  ? 1_555 78.6  ? 
10 OD2 ? A ASP 94 ? A ASP 366  ? 1_555 CA ? D CA . ? A CA 1424 ? 1_555 OD1 ? A ASP 94 ? A ASP 366  ? 1_555 51.5  ? 
11 O   ? A MET 31 ? A MET 303  ? 1_555 CA ? D CA . ? A CA 1424 ? 1_555 O   ? G HOH .  ? A HOH 2022 ? 1_555 83.6  ? 
12 OD1 ? A ASP 32 ? A ASP 304  ? 1_555 CA ? D CA . ? A CA 1424 ? 1_555 O   ? G HOH .  ? A HOH 2022 ? 1_555 85.5  ? 
13 OD2 ? A ASP 92 ? A ASP 364  ? 1_555 CA ? D CA . ? A CA 1424 ? 1_555 O   ? G HOH .  ? A HOH 2022 ? 1_555 161.9 ? 
14 OD2 ? A ASP 94 ? A ASP 366  ? 1_555 CA ? D CA . ? A CA 1424 ? 1_555 O   ? G HOH .  ? A HOH 2022 ? 1_555 76.5  ? 
15 OD1 ? A ASP 94 ? A ASP 366  ? 1_555 CA ? D CA . ? A CA 1424 ? 1_555 O   ? G HOH .  ? A HOH 2022 ? 1_555 102.0 ? 
16 O   ? A MET 31 ? A MET 303  ? 1_555 CA ? D CA . ? A CA 1424 ? 1_555 O   ? G HOH .  ? A HOH 2023 ? 1_555 80.7  ? 
17 OD1 ? A ASP 32 ? A ASP 304  ? 1_555 CA ? D CA . ? A CA 1424 ? 1_555 O   ? G HOH .  ? A HOH 2023 ? 1_555 157.8 ? 
18 OD2 ? A ASP 92 ? A ASP 364  ? 1_555 CA ? D CA . ? A CA 1424 ? 1_555 O   ? G HOH .  ? A HOH 2023 ? 1_555 94.1  ? 
19 OD2 ? A ASP 94 ? A ASP 366  ? 1_555 CA ? D CA . ? A CA 1424 ? 1_555 O   ? G HOH .  ? A HOH 2023 ? 1_555 88.2  ? 
20 OD1 ? A ASP 94 ? A ASP 366  ? 1_555 CA ? D CA . ? A CA 1424 ? 1_555 O   ? G HOH .  ? A HOH 2023 ? 1_555 126.5 ? 
21 O   ? G HOH .  ? A HOH 2022 ? 1_555 CA ? D CA . ? A CA 1424 ? 1_555 O   ? G HOH .  ? A HOH 2023 ? 1_555 99.7  ? 
22 O   ? A MET 31 ? A MET 303  ? 1_555 CA ? D CA . ? A CA 1424 ? 1_555 O   ? G HOH .  ? A HOH 2081 ? 1_555 124.9 ? 
23 OD1 ? A ASP 32 ? A ASP 304  ? 1_555 CA ? D CA . ? A CA 1424 ? 1_555 O   ? G HOH .  ? A HOH 2081 ? 1_555 140.2 ? 
24 OD2 ? A ASP 92 ? A ASP 364  ? 1_555 CA ? D CA . ? A CA 1424 ? 1_555 O   ? G HOH .  ? A HOH 2081 ? 1_555 72.9  ? 
25 OD2 ? A ASP 94 ? A ASP 366  ? 1_555 CA ? D CA . ? A CA 1424 ? 1_555 O   ? G HOH .  ? A HOH 2081 ? 1_555 59.6  ? 
26 OD1 ? A ASP 94 ? A ASP 366  ? 1_555 CA ? D CA . ? A CA 1424 ? 1_555 O   ? G HOH .  ? A HOH 2081 ? 1_555 76.2  ? 
27 O   ? G HOH .  ? A HOH 2022 ? 1_555 CA ? D CA . ? A CA 1424 ? 1_555 O   ? G HOH .  ? A HOH 2081 ? 1_555 125.1 ? 
28 O   ? G HOH .  ? A HOH 2023 ? 1_555 CA ? D CA . ? A CA 1424 ? 1_555 O   ? G HOH .  ? A HOH 2081 ? 1_555 51.5  ? 
29 OD1 ? A ASP 32 ? A ASP 304  ? 1_555 CA ? C CA . ? A CA 1423 ? 1_555 OD2 ? A ASP 32 ? A ASP 304  ? 1_555 52.2  ? 
30 OD1 ? A ASP 32 ? A ASP 304  ? 1_555 CA ? C CA . ? A CA 1423 ? 1_555 OD2 ? A ASP 38 ? A ASP 310  ? 1_555 125.6 ? 
31 OD2 ? A ASP 32 ? A ASP 304  ? 1_555 CA ? C CA . ? A CA 1423 ? 1_555 OD2 ? A ASP 38 ? A ASP 310  ? 1_555 75.5  ? 
32 OD1 ? A ASP 32 ? A ASP 304  ? 1_555 CA ? C CA . ? A CA 1423 ? 1_555 OD2 ? A ASP 92 ? A ASP 364  ? 1_555 62.2  ? 
33 OD2 ? A ASP 32 ? A ASP 304  ? 1_555 CA ? C CA . ? A CA 1423 ? 1_555 OD2 ? A ASP 92 ? A ASP 364  ? 1_555 88.1  ? 
34 OD2 ? A ASP 38 ? A ASP 310  ? 1_555 CA ? C CA . ? A CA 1423 ? 1_555 OD2 ? A ASP 92 ? A ASP 364  ? 1_555 137.5 ? 
35 OD1 ? A ASP 32 ? A ASP 304  ? 1_555 CA ? C CA . ? A CA 1423 ? 1_555 OD1 ? A ASP 92 ? A ASP 364  ? 1_555 100.3 ? 
36 OD2 ? A ASP 32 ? A ASP 304  ? 1_555 CA ? C CA . ? A CA 1423 ? 1_555 OD1 ? A ASP 92 ? A ASP 364  ? 1_555 92.3  ? 
37 OD2 ? A ASP 38 ? A ASP 310  ? 1_555 CA ? C CA . ? A CA 1423 ? 1_555 OD1 ? A ASP 92 ? A ASP 364  ? 1_555 95.1  ? 
38 OD2 ? A ASP 92 ? A ASP 364  ? 1_555 CA ? C CA . ? A CA 1423 ? 1_555 OD1 ? A ASP 92 ? A ASP 364  ? 1_555 45.9  ? 
39 OD1 ? A ASP 32 ? A ASP 304  ? 1_555 CA ? C CA . ? A CA 1423 ? 1_555 O   ? A TYR 93 ? A TYR 365  ? 1_555 148.6 ? 
40 OD2 ? A ASP 32 ? A ASP 304  ? 1_555 CA ? C CA . ? A CA 1423 ? 1_555 O   ? A TYR 93 ? A TYR 365  ? 1_555 158.9 ? 
41 OD2 ? A ASP 38 ? A ASP 310  ? 1_555 CA ? C CA . ? A CA 1423 ? 1_555 O   ? A TYR 93 ? A TYR 365  ? 1_555 85.1  ? 
42 OD2 ? A ASP 92 ? A ASP 364  ? 1_555 CA ? C CA . ? A CA 1423 ? 1_555 O   ? A TYR 93 ? A TYR 365  ? 1_555 101.0 ? 
43 OD1 ? A ASP 92 ? A ASP 364  ? 1_555 CA ? C CA . ? A CA 1423 ? 1_555 O   ? A TYR 93 ? A TYR 365  ? 1_555 81.0  ? 
44 OD1 ? A ASP 32 ? A ASP 304  ? 1_555 CA ? C CA . ? A CA 1423 ? 1_555 OD1 ? A ASP 94 ? A ASP 366  ? 1_555 73.2  ? 
45 OD2 ? A ASP 32 ? A ASP 304  ? 1_555 CA ? C CA . ? A CA 1423 ? 1_555 OD1 ? A ASP 94 ? A ASP 366  ? 1_555 125.1 ? 
46 OD2 ? A ASP 38 ? A ASP 310  ? 1_555 CA ? C CA . ? A CA 1423 ? 1_555 OD1 ? A ASP 94 ? A ASP 366  ? 1_555 150.5 ? 
47 OD2 ? A ASP 92 ? A ASP 364  ? 1_555 CA ? C CA . ? A CA 1423 ? 1_555 OD1 ? A ASP 94 ? A ASP 366  ? 1_555 69.5  ? 
48 OD1 ? A ASP 92 ? A ASP 364  ? 1_555 CA ? C CA . ? A CA 1423 ? 1_555 OD1 ? A ASP 94 ? A ASP 366  ? 1_555 103.9 ? 
49 O   ? A TYR 93 ? A TYR 365  ? 1_555 CA ? C CA . ? A CA 1423 ? 1_555 OD1 ? A ASP 94 ? A ASP 366  ? 1_555 76.0  ? 
50 OD1 ? A ASP 32 ? A ASP 304  ? 1_555 CA ? C CA . ? A CA 1423 ? 1_555 O   ? G HOH .  ? A HOH 2024 ? 1_555 81.6  ? 
51 OD2 ? A ASP 32 ? A ASP 304  ? 1_555 CA ? C CA . ? A CA 1423 ? 1_555 O   ? G HOH .  ? A HOH 2024 ? 1_555 84.2  ? 
52 OD2 ? A ASP 38 ? A ASP 310  ? 1_555 CA ? C CA . ? A CA 1423 ? 1_555 O   ? G HOH .  ? A HOH 2024 ? 1_555 79.1  ? 
53 OD2 ? A ASP 92 ? A ASP 364  ? 1_555 CA ? C CA . ? A CA 1423 ? 1_555 O   ? G HOH .  ? A HOH 2024 ? 1_555 138.8 ? 
54 OD1 ? A ASP 92 ? A ASP 364  ? 1_555 CA ? C CA . ? A CA 1423 ? 1_555 O   ? G HOH .  ? A HOH 2024 ? 1_555 173.8 ? 
55 O   ? A TYR 93 ? A TYR 365  ? 1_555 CA ? C CA . ? A CA 1423 ? 1_555 O   ? G HOH .  ? A HOH 2024 ? 1_555 100.5 ? 
56 OD1 ? A ASP 94 ? A ASP 366  ? 1_555 CA ? C CA . ? A CA 1423 ? 1_555 O   ? G HOH .  ? A HOH 2024 ? 1_555 82.3  ? 
57 O   ? G HOH .  ? A HOH 2042 ? 1_555 CA ? E CA . ? A CA 1425 ? 1_555 O   ? G HOH .  ? A HOH 2137 ? 1_555 66.3  ? 
58 O   ? G HOH .  ? A HOH 2042 ? 1_555 CA ? E CA . ? A CA 1425 ? 1_555 O   ? G HOH .  ? A HOH 2138 ? 1_555 118.9 ? 
59 O   ? G HOH .  ? A HOH 2137 ? 1_555 CA ? E CA . ? A CA 1425 ? 1_555 O   ? G HOH .  ? A HOH 2138 ? 1_555 150.5 ? 
# 
_pdbx_modification_feature.ordinal                            1 
_pdbx_modification_feature.label_comp_id                      TPO 
_pdbx_modification_feature.label_asym_id                      B 
_pdbx_modification_feature.label_seq_id                       4 
_pdbx_modification_feature.label_alt_id                       ? 
_pdbx_modification_feature.modified_residue_label_comp_id     . 
_pdbx_modification_feature.modified_residue_label_asym_id     . 
_pdbx_modification_feature.modified_residue_label_seq_id      . 
_pdbx_modification_feature.modified_residue_label_alt_id      . 
_pdbx_modification_feature.auth_comp_id                       TPO 
_pdbx_modification_feature.auth_asym_id                       B 
_pdbx_modification_feature.auth_seq_id                        84 
_pdbx_modification_feature.PDB_ins_code                       ? 
_pdbx_modification_feature.symmetry                           1_555 
_pdbx_modification_feature.modified_residue_auth_comp_id      . 
_pdbx_modification_feature.modified_residue_auth_asym_id      . 
_pdbx_modification_feature.modified_residue_auth_seq_id       . 
_pdbx_modification_feature.modified_residue_PDB_ins_code      . 
_pdbx_modification_feature.modified_residue_symmetry          . 
_pdbx_modification_feature.comp_id_linking_atom               . 
_pdbx_modification_feature.modified_residue_id_linking_atom   . 
_pdbx_modification_feature.modified_residue_id                THR 
_pdbx_modification_feature.ref_pcm_id                         1 
_pdbx_modification_feature.ref_comp_id                        TPO 
_pdbx_modification_feature.type                               Phosphorylation 
_pdbx_modification_feature.category                           'Named protein modification' 
# 
loop_
_struct_sheet.id 
_struct_sheet.type 
_struct_sheet.number_strands 
_struct_sheet.details 
AA ? 4 ? 
AB ? 4 ? 
# 
loop_
_struct_sheet_order.sheet_id 
_struct_sheet_order.range_id_1 
_struct_sheet_order.range_id_2 
_struct_sheet_order.offset 
_struct_sheet_order.sense 
AA 1 2 ? anti-parallel 
AA 2 3 ? anti-parallel 
AA 3 4 ? anti-parallel 
AB 1 2 ? anti-parallel 
AB 2 3 ? anti-parallel 
AB 3 4 ? anti-parallel 
# 
loop_
_struct_sheet_range.sheet_id 
_struct_sheet_range.id 
_struct_sheet_range.beg_label_comp_id 
_struct_sheet_range.beg_label_asym_id 
_struct_sheet_range.beg_label_seq_id 
_struct_sheet_range.pdbx_beg_PDB_ins_code 
_struct_sheet_range.end_label_comp_id 
_struct_sheet_range.end_label_asym_id 
_struct_sheet_range.end_label_seq_id 
_struct_sheet_range.pdbx_end_PDB_ins_code 
_struct_sheet_range.beg_auth_comp_id 
_struct_sheet_range.beg_auth_asym_id 
_struct_sheet_range.beg_auth_seq_id 
_struct_sheet_range.end_auth_comp_id 
_struct_sheet_range.end_auth_asym_id 
_struct_sheet_range.end_auth_seq_id 
AA 1 TYR A 67  ? GLU A 75  ? TYR A 339 GLU A 347 
AA 2 LYS A 17  ? LYS A 26  ? LYS A 289 LYS A 298 
AA 3 ASP A 4   ? VAL A 12  ? ASP A 276 VAL A 284 
AA 4 ILE A 130 ? THR A 135 ? ILE A 402 THR A 407 
AB 1 LYS A 50  ? LYS A 56  ? LYS A 322 LYS A 328 
AB 2 PRO A 39  ? GLN A 47  ? PRO A 311 GLN A 319 
AB 3 GLN A 85  ? ASP A 92  ? GLN A 357 ASP A 364 
AB 4 ALA A 101 ? GLY A 108 ? ALA A 373 GLY A 380 
# 
loop_
_pdbx_struct_sheet_hbond.sheet_id 
_pdbx_struct_sheet_hbond.range_id_1 
_pdbx_struct_sheet_hbond.range_id_2 
_pdbx_struct_sheet_hbond.range_1_label_atom_id 
_pdbx_struct_sheet_hbond.range_1_label_comp_id 
_pdbx_struct_sheet_hbond.range_1_label_asym_id 
_pdbx_struct_sheet_hbond.range_1_label_seq_id 
_pdbx_struct_sheet_hbond.range_1_PDB_ins_code 
_pdbx_struct_sheet_hbond.range_1_auth_atom_id 
_pdbx_struct_sheet_hbond.range_1_auth_comp_id 
_pdbx_struct_sheet_hbond.range_1_auth_asym_id 
_pdbx_struct_sheet_hbond.range_1_auth_seq_id 
_pdbx_struct_sheet_hbond.range_2_label_atom_id 
_pdbx_struct_sheet_hbond.range_2_label_comp_id 
_pdbx_struct_sheet_hbond.range_2_label_asym_id 
_pdbx_struct_sheet_hbond.range_2_label_seq_id 
_pdbx_struct_sheet_hbond.range_2_PDB_ins_code 
_pdbx_struct_sheet_hbond.range_2_auth_atom_id 
_pdbx_struct_sheet_hbond.range_2_auth_comp_id 
_pdbx_struct_sheet_hbond.range_2_auth_asym_id 
_pdbx_struct_sheet_hbond.range_2_auth_seq_id 
AA 1 2 N PHE A 74 ? N PHE A 346 O LEU A 18  ? O LEU A 290 
AA 2 3 N LYS A 26 ? N LYS A 298 O ASP A 4   ? O ASP A 276 
AA 3 4 N LEU A 9  ? N LEU A 281 O ILE A 130 ? O ILE A 402 
AB 1 2 N LYS A 55 ? N LYS A 327 O ILE A 43  ? O ILE A 315 
AB 2 3 N MET A 46 ? N MET A 318 O GLN A 85  ? O GLN A 357 
AB 3 4 O VAL A 90 ? O VAL A 362 N ILE A 102 ? N ILE A 374 
# 
loop_
_struct_site.id 
_struct_site.pdbx_evidence_code 
_struct_site.pdbx_auth_asym_id 
_struct_site.pdbx_auth_comp_id 
_struct_site.pdbx_auth_seq_id 
_struct_site.pdbx_auth_ins_code 
_struct_site.pdbx_num_residues 
_struct_site.details 
AC1 Software A CA  1423 ? 6 'BINDING SITE FOR RESIDUE CA A 1423'  
AC2 Software A CA  1424 ? 7 'BINDING SITE FOR RESIDUE CA A 1424'  
AC3 Software A CA  1425 ? 5 'BINDING SITE FOR RESIDUE CA A 1425'  
AC4 Software A GOL 1426 ? 4 'BINDING SITE FOR RESIDUE GOL A 1426' 
# 
loop_
_struct_site_gen.id 
_struct_site_gen.site_id 
_struct_site_gen.pdbx_num_res 
_struct_site_gen.label_comp_id 
_struct_site_gen.label_asym_id 
_struct_site_gen.label_seq_id 
_struct_site_gen.pdbx_auth_ins_code 
_struct_site_gen.auth_comp_id 
_struct_site_gen.auth_asym_id 
_struct_site_gen.auth_seq_id 
_struct_site_gen.label_atom_id 
_struct_site_gen.label_alt_id 
_struct_site_gen.symmetry 
_struct_site_gen.details 
1  AC1 6 ASP A 32 ? ASP A 304  . ? 1_555 ? 
2  AC1 6 ASP A 38 ? ASP A 310  . ? 1_555 ? 
3  AC1 6 ASP A 92 ? ASP A 364  . ? 1_555 ? 
4  AC1 6 TYR A 93 ? TYR A 365  . ? 1_555 ? 
5  AC1 6 ASP A 94 ? ASP A 366  . ? 1_555 ? 
6  AC1 6 HOH G .  ? HOH A 2024 . ? 1_555 ? 
7  AC2 7 MET A 31 ? MET A 303  . ? 1_555 ? 
8  AC2 7 ASP A 32 ? ASP A 304  . ? 1_555 ? 
9  AC2 7 ASP A 92 ? ASP A 364  . ? 1_555 ? 
10 AC2 7 ASP A 94 ? ASP A 366  . ? 1_555 ? 
11 AC2 7 HOH G .  ? HOH A 2022 . ? 1_555 ? 
12 AC2 7 HOH G .  ? HOH A 2023 . ? 1_555 ? 
13 AC2 7 HOH G .  ? HOH A 2081 . ? 1_555 ? 
14 AC3 5 LYS A 53 ? LYS A 325  . ? 1_555 ? 
15 AC3 5 LYS A 54 ? LYS A 326  . ? 1_555 ? 
16 AC3 5 HOH G .  ? HOH A 2042 . ? 1_555 ? 
17 AC3 5 HOH G .  ? HOH A 2137 . ? 1_555 ? 
18 AC3 5 HOH G .  ? HOH A 2138 . ? 1_555 ? 
19 AC4 4 LEU A 23 ? LEU A 295  . ? 1_555 ? 
20 AC4 4 GLU A 24 ? GLU A 296  . ? 1_555 ? 
21 AC4 4 HOH G .  ? HOH A 2126 . ? 1_555 ? 
22 AC4 4 HOH G .  ? HOH A 2139 . ? 1_555 ? 
# 
_pdbx_entry_details.entry_id                   4V11 
_pdbx_entry_details.compound_details           ? 
_pdbx_entry_details.source_details             ? 
_pdbx_entry_details.nonpolymer_details         ? 
_pdbx_entry_details.sequence_details           'RESIDUES 81-90 WITH PHOSPHORYLATED T84' 
_pdbx_entry_details.has_ligand_of_interest     ? 
_pdbx_entry_details.has_protein_modification   Y 
# 
_pdbx_validate_close_contact.id               1 
_pdbx_validate_close_contact.PDB_model_num    1 
_pdbx_validate_close_contact.auth_atom_id_1   O 
_pdbx_validate_close_contact.auth_asym_id_1   A 
_pdbx_validate_close_contact.auth_comp_id_1   HOH 
_pdbx_validate_close_contact.auth_seq_id_1    2083 
_pdbx_validate_close_contact.PDB_ins_code_1   ? 
_pdbx_validate_close_contact.label_alt_id_1   ? 
_pdbx_validate_close_contact.auth_atom_id_2   O 
_pdbx_validate_close_contact.auth_asym_id_2   A 
_pdbx_validate_close_contact.auth_comp_id_2   HOH 
_pdbx_validate_close_contact.auth_seq_id_2    2084 
_pdbx_validate_close_contact.PDB_ins_code_2   ? 
_pdbx_validate_close_contact.label_alt_id_2   ? 
_pdbx_validate_close_contact.dist             2.07 
# 
loop_
_pdbx_validate_torsion.id 
_pdbx_validate_torsion.PDB_model_num 
_pdbx_validate_torsion.auth_comp_id 
_pdbx_validate_torsion.auth_asym_id 
_pdbx_validate_torsion.auth_seq_id 
_pdbx_validate_torsion.PDB_ins_code 
_pdbx_validate_torsion.label_alt_id 
_pdbx_validate_torsion.phi 
_pdbx_validate_torsion.psi 
1 1 LEU A 295 ? ? -92.73 -65.20 
2 1 LEU A 308 ? ? -99.32 -98.70 
3 1 ASN A 320 ? ? 58.02  -98.43 
4 1 ARG A 399 ? ? 73.32  -2.46  
# 
_pdbx_struct_mod_residue.id               1 
_pdbx_struct_mod_residue.label_asym_id    B 
_pdbx_struct_mod_residue.label_comp_id    TPO 
_pdbx_struct_mod_residue.label_seq_id     4 
_pdbx_struct_mod_residue.auth_asym_id     B 
_pdbx_struct_mod_residue.auth_comp_id     TPO 
_pdbx_struct_mod_residue.auth_seq_id      84 
_pdbx_struct_mod_residue.PDB_ins_code     ? 
_pdbx_struct_mod_residue.parent_comp_id   THR 
_pdbx_struct_mod_residue.details          PHOSPHOTHREONINE 
# 
loop_
_chem_comp_atom.comp_id 
_chem_comp_atom.atom_id 
_chem_comp_atom.type_symbol 
_chem_comp_atom.pdbx_aromatic_flag 
_chem_comp_atom.pdbx_stereo_config 
_chem_comp_atom.pdbx_ordinal 
ALA N    N  N N 1   
ALA CA   C  N S 2   
ALA C    C  N N 3   
ALA O    O  N N 4   
ALA CB   C  N N 5   
ALA OXT  O  N N 6   
ALA H    H  N N 7   
ALA H2   H  N N 8   
ALA HA   H  N N 9   
ALA HB1  H  N N 10  
ALA HB2  H  N N 11  
ALA HB3  H  N N 12  
ALA HXT  H  N N 13  
ARG N    N  N N 14  
ARG CA   C  N S 15  
ARG C    C  N N 16  
ARG O    O  N N 17  
ARG CB   C  N N 18  
ARG CG   C  N N 19  
ARG CD   C  N N 20  
ARG NE   N  N N 21  
ARG CZ   C  N N 22  
ARG NH1  N  N N 23  
ARG NH2  N  N N 24  
ARG OXT  O  N N 25  
ARG H    H  N N 26  
ARG H2   H  N N 27  
ARG HA   H  N N 28  
ARG HB2  H  N N 29  
ARG HB3  H  N N 30  
ARG HG2  H  N N 31  
ARG HG3  H  N N 32  
ARG HD2  H  N N 33  
ARG HD3  H  N N 34  
ARG HE   H  N N 35  
ARG HH11 H  N N 36  
ARG HH12 H  N N 37  
ARG HH21 H  N N 38  
ARG HH22 H  N N 39  
ARG HXT  H  N N 40  
ASN N    N  N N 41  
ASN CA   C  N S 42  
ASN C    C  N N 43  
ASN O    O  N N 44  
ASN CB   C  N N 45  
ASN CG   C  N N 46  
ASN OD1  O  N N 47  
ASN ND2  N  N N 48  
ASN OXT  O  N N 49  
ASN H    H  N N 50  
ASN H2   H  N N 51  
ASN HA   H  N N 52  
ASN HB2  H  N N 53  
ASN HB3  H  N N 54  
ASN HD21 H  N N 55  
ASN HD22 H  N N 56  
ASN HXT  H  N N 57  
ASP N    N  N N 58  
ASP CA   C  N S 59  
ASP C    C  N N 60  
ASP O    O  N N 61  
ASP CB   C  N N 62  
ASP CG   C  N N 63  
ASP OD1  O  N N 64  
ASP OD2  O  N N 65  
ASP OXT  O  N N 66  
ASP H    H  N N 67  
ASP H2   H  N N 68  
ASP HA   H  N N 69  
ASP HB2  H  N N 70  
ASP HB3  H  N N 71  
ASP HD2  H  N N 72  
ASP HXT  H  N N 73  
CA  CA   CA N N 74  
CYS N    N  N N 75  
CYS CA   C  N R 76  
CYS C    C  N N 77  
CYS O    O  N N 78  
CYS CB   C  N N 79  
CYS SG   S  N N 80  
CYS OXT  O  N N 81  
CYS H    H  N N 82  
CYS H2   H  N N 83  
CYS HA   H  N N 84  
CYS HB2  H  N N 85  
CYS HB3  H  N N 86  
CYS HG   H  N N 87  
CYS HXT  H  N N 88  
GLN N    N  N N 89  
GLN CA   C  N S 90  
GLN C    C  N N 91  
GLN O    O  N N 92  
GLN CB   C  N N 93  
GLN CG   C  N N 94  
GLN CD   C  N N 95  
GLN OE1  O  N N 96  
GLN NE2  N  N N 97  
GLN OXT  O  N N 98  
GLN H    H  N N 99  
GLN H2   H  N N 100 
GLN HA   H  N N 101 
GLN HB2  H  N N 102 
GLN HB3  H  N N 103 
GLN HG2  H  N N 104 
GLN HG3  H  N N 105 
GLN HE21 H  N N 106 
GLN HE22 H  N N 107 
GLN HXT  H  N N 108 
GLU N    N  N N 109 
GLU CA   C  N S 110 
GLU C    C  N N 111 
GLU O    O  N N 112 
GLU CB   C  N N 113 
GLU CG   C  N N 114 
GLU CD   C  N N 115 
GLU OE1  O  N N 116 
GLU OE2  O  N N 117 
GLU OXT  O  N N 118 
GLU H    H  N N 119 
GLU H2   H  N N 120 
GLU HA   H  N N 121 
GLU HB2  H  N N 122 
GLU HB3  H  N N 123 
GLU HG2  H  N N 124 
GLU HG3  H  N N 125 
GLU HE2  H  N N 126 
GLU HXT  H  N N 127 
GLY N    N  N N 128 
GLY CA   C  N N 129 
GLY C    C  N N 130 
GLY O    O  N N 131 
GLY OXT  O  N N 132 
GLY H    H  N N 133 
GLY H2   H  N N 134 
GLY HA2  H  N N 135 
GLY HA3  H  N N 136 
GLY HXT  H  N N 137 
GOL C1   C  N N 138 
GOL O1   O  N N 139 
GOL C2   C  N N 140 
GOL O2   O  N N 141 
GOL C3   C  N N 142 
GOL O3   O  N N 143 
GOL H11  H  N N 144 
GOL H12  H  N N 145 
GOL HO1  H  N N 146 
GOL H2   H  N N 147 
GOL HO2  H  N N 148 
GOL H31  H  N N 149 
GOL H32  H  N N 150 
GOL HO3  H  N N 151 
HIS N    N  N N 152 
HIS CA   C  N S 153 
HIS C    C  N N 154 
HIS O    O  N N 155 
HIS CB   C  N N 156 
HIS CG   C  Y N 157 
HIS ND1  N  Y N 158 
HIS CD2  C  Y N 159 
HIS CE1  C  Y N 160 
HIS NE2  N  Y N 161 
HIS OXT  O  N N 162 
HIS H    H  N N 163 
HIS H2   H  N N 164 
HIS HA   H  N N 165 
HIS HB2  H  N N 166 
HIS HB3  H  N N 167 
HIS HD1  H  N N 168 
HIS HD2  H  N N 169 
HIS HE1  H  N N 170 
HIS HE2  H  N N 171 
HIS HXT  H  N N 172 
HOH O    O  N N 173 
HOH H1   H  N N 174 
HOH H2   H  N N 175 
ILE N    N  N N 176 
ILE CA   C  N S 177 
ILE C    C  N N 178 
ILE O    O  N N 179 
ILE CB   C  N S 180 
ILE CG1  C  N N 181 
ILE CG2  C  N N 182 
ILE CD1  C  N N 183 
ILE OXT  O  N N 184 
ILE H    H  N N 185 
ILE H2   H  N N 186 
ILE HA   H  N N 187 
ILE HB   H  N N 188 
ILE HG12 H  N N 189 
ILE HG13 H  N N 190 
ILE HG21 H  N N 191 
ILE HG22 H  N N 192 
ILE HG23 H  N N 193 
ILE HD11 H  N N 194 
ILE HD12 H  N N 195 
ILE HD13 H  N N 196 
ILE HXT  H  N N 197 
LEU N    N  N N 198 
LEU CA   C  N S 199 
LEU C    C  N N 200 
LEU O    O  N N 201 
LEU CB   C  N N 202 
LEU CG   C  N N 203 
LEU CD1  C  N N 204 
LEU CD2  C  N N 205 
LEU OXT  O  N N 206 
LEU H    H  N N 207 
LEU H2   H  N N 208 
LEU HA   H  N N 209 
LEU HB2  H  N N 210 
LEU HB3  H  N N 211 
LEU HG   H  N N 212 
LEU HD11 H  N N 213 
LEU HD12 H  N N 214 
LEU HD13 H  N N 215 
LEU HD21 H  N N 216 
LEU HD22 H  N N 217 
LEU HD23 H  N N 218 
LEU HXT  H  N N 219 
LYS N    N  N N 220 
LYS CA   C  N S 221 
LYS C    C  N N 222 
LYS O    O  N N 223 
LYS CB   C  N N 224 
LYS CG   C  N N 225 
LYS CD   C  N N 226 
LYS CE   C  N N 227 
LYS NZ   N  N N 228 
LYS OXT  O  N N 229 
LYS H    H  N N 230 
LYS H2   H  N N 231 
LYS HA   H  N N 232 
LYS HB2  H  N N 233 
LYS HB3  H  N N 234 
LYS HG2  H  N N 235 
LYS HG3  H  N N 236 
LYS HD2  H  N N 237 
LYS HD3  H  N N 238 
LYS HE2  H  N N 239 
LYS HE3  H  N N 240 
LYS HZ1  H  N N 241 
LYS HZ2  H  N N 242 
LYS HZ3  H  N N 243 
LYS HXT  H  N N 244 
MET N    N  N N 245 
MET CA   C  N S 246 
MET C    C  N N 247 
MET O    O  N N 248 
MET CB   C  N N 249 
MET CG   C  N N 250 
MET SD   S  N N 251 
MET CE   C  N N 252 
MET OXT  O  N N 253 
MET H    H  N N 254 
MET H2   H  N N 255 
MET HA   H  N N 256 
MET HB2  H  N N 257 
MET HB3  H  N N 258 
MET HG2  H  N N 259 
MET HG3  H  N N 260 
MET HE1  H  N N 261 
MET HE2  H  N N 262 
MET HE3  H  N N 263 
MET HXT  H  N N 264 
PHE N    N  N N 265 
PHE CA   C  N S 266 
PHE C    C  N N 267 
PHE O    O  N N 268 
PHE CB   C  N N 269 
PHE CG   C  Y N 270 
PHE CD1  C  Y N 271 
PHE CD2  C  Y N 272 
PHE CE1  C  Y N 273 
PHE CE2  C  Y N 274 
PHE CZ   C  Y N 275 
PHE OXT  O  N N 276 
PHE H    H  N N 277 
PHE H2   H  N N 278 
PHE HA   H  N N 279 
PHE HB2  H  N N 280 
PHE HB3  H  N N 281 
PHE HD1  H  N N 282 
PHE HD2  H  N N 283 
PHE HE1  H  N N 284 
PHE HE2  H  N N 285 
PHE HZ   H  N N 286 
PHE HXT  H  N N 287 
PRO N    N  N N 288 
PRO CA   C  N S 289 
PRO C    C  N N 290 
PRO O    O  N N 291 
PRO CB   C  N N 292 
PRO CG   C  N N 293 
PRO CD   C  N N 294 
PRO OXT  O  N N 295 
PRO H    H  N N 296 
PRO HA   H  N N 297 
PRO HB2  H  N N 298 
PRO HB3  H  N N 299 
PRO HG2  H  N N 300 
PRO HG3  H  N N 301 
PRO HD2  H  N N 302 
PRO HD3  H  N N 303 
PRO HXT  H  N N 304 
SER N    N  N N 305 
SER CA   C  N S 306 
SER C    C  N N 307 
SER O    O  N N 308 
SER CB   C  N N 309 
SER OG   O  N N 310 
SER OXT  O  N N 311 
SER H    H  N N 312 
SER H2   H  N N 313 
SER HA   H  N N 314 
SER HB2  H  N N 315 
SER HB3  H  N N 316 
SER HG   H  N N 317 
SER HXT  H  N N 318 
THR N    N  N N 319 
THR CA   C  N S 320 
THR C    C  N N 321 
THR O    O  N N 322 
THR CB   C  N R 323 
THR OG1  O  N N 324 
THR CG2  C  N N 325 
THR OXT  O  N N 326 
THR H    H  N N 327 
THR H2   H  N N 328 
THR HA   H  N N 329 
THR HB   H  N N 330 
THR HG1  H  N N 331 
THR HG21 H  N N 332 
THR HG22 H  N N 333 
THR HG23 H  N N 334 
THR HXT  H  N N 335 
TPO N    N  N N 336 
TPO CA   C  N S 337 
TPO CB   C  N R 338 
TPO CG2  C  N N 339 
TPO OG1  O  N N 340 
TPO P    P  N N 341 
TPO O1P  O  N N 342 
TPO O2P  O  N N 343 
TPO O3P  O  N N 344 
TPO C    C  N N 345 
TPO O    O  N N 346 
TPO OXT  O  N N 347 
TPO H    H  N N 348 
TPO H2   H  N N 349 
TPO HA   H  N N 350 
TPO HB   H  N N 351 
TPO HG21 H  N N 352 
TPO HG22 H  N N 353 
TPO HG23 H  N N 354 
TPO HOP2 H  N N 355 
TPO HOP3 H  N N 356 
TPO HXT  H  N N 357 
TRP N    N  N N 358 
TRP CA   C  N S 359 
TRP C    C  N N 360 
TRP O    O  N N 361 
TRP CB   C  N N 362 
TRP CG   C  Y N 363 
TRP CD1  C  Y N 364 
TRP CD2  C  Y N 365 
TRP NE1  N  Y N 366 
TRP CE2  C  Y N 367 
TRP CE3  C  Y N 368 
TRP CZ2  C  Y N 369 
TRP CZ3  C  Y N 370 
TRP CH2  C  Y N 371 
TRP OXT  O  N N 372 
TRP H    H  N N 373 
TRP H2   H  N N 374 
TRP HA   H  N N 375 
TRP HB2  H  N N 376 
TRP HB3  H  N N 377 
TRP HD1  H  N N 378 
TRP HE1  H  N N 379 
TRP HE3  H  N N 380 
TRP HZ2  H  N N 381 
TRP HZ3  H  N N 382 
TRP HH2  H  N N 383 
TRP HXT  H  N N 384 
TYR N    N  N N 385 
TYR CA   C  N S 386 
TYR C    C  N N 387 
TYR O    O  N N 388 
TYR CB   C  N N 389 
TYR CG   C  Y N 390 
TYR CD1  C  Y N 391 
TYR CD2  C  Y N 392 
TYR CE1  C  Y N 393 
TYR CE2  C  Y N 394 
TYR CZ   C  Y N 395 
TYR OH   O  N N 396 
TYR OXT  O  N N 397 
TYR H    H  N N 398 
TYR H2   H  N N 399 
TYR HA   H  N N 400 
TYR HB2  H  N N 401 
TYR HB3  H  N N 402 
TYR HD1  H  N N 403 
TYR HD2  H  N N 404 
TYR HE1  H  N N 405 
TYR HE2  H  N N 406 
TYR HH   H  N N 407 
TYR HXT  H  N N 408 
VAL N    N  N N 409 
VAL CA   C  N S 410 
VAL C    C  N N 411 
VAL O    O  N N 412 
VAL CB   C  N N 413 
VAL CG1  C  N N 414 
VAL CG2  C  N N 415 
VAL OXT  O  N N 416 
VAL H    H  N N 417 
VAL H2   H  N N 418 
VAL HA   H  N N 419 
VAL HB   H  N N 420 
VAL HG11 H  N N 421 
VAL HG12 H  N N 422 
VAL HG13 H  N N 423 
VAL HG21 H  N N 424 
VAL HG22 H  N N 425 
VAL HG23 H  N N 426 
VAL HXT  H  N N 427 
# 
loop_
_chem_comp_bond.comp_id 
_chem_comp_bond.atom_id_1 
_chem_comp_bond.atom_id_2 
_chem_comp_bond.value_order 
_chem_comp_bond.pdbx_aromatic_flag 
_chem_comp_bond.pdbx_stereo_config 
_chem_comp_bond.pdbx_ordinal 
ALA N   CA   sing N N 1   
ALA N   H    sing N N 2   
ALA N   H2   sing N N 3   
ALA CA  C    sing N N 4   
ALA CA  CB   sing N N 5   
ALA CA  HA   sing N N 6   
ALA C   O    doub N N 7   
ALA C   OXT  sing N N 8   
ALA CB  HB1  sing N N 9   
ALA CB  HB2  sing N N 10  
ALA CB  HB3  sing N N 11  
ALA OXT HXT  sing N N 12  
ARG N   CA   sing N N 13  
ARG N   H    sing N N 14  
ARG N   H2   sing N N 15  
ARG CA  C    sing N N 16  
ARG CA  CB   sing N N 17  
ARG CA  HA   sing N N 18  
ARG C   O    doub N N 19  
ARG C   OXT  sing N N 20  
ARG CB  CG   sing N N 21  
ARG CB  HB2  sing N N 22  
ARG CB  HB3  sing N N 23  
ARG CG  CD   sing N N 24  
ARG CG  HG2  sing N N 25  
ARG CG  HG3  sing N N 26  
ARG CD  NE   sing N N 27  
ARG CD  HD2  sing N N 28  
ARG CD  HD3  sing N N 29  
ARG NE  CZ   sing N N 30  
ARG NE  HE   sing N N 31  
ARG CZ  NH1  sing N N 32  
ARG CZ  NH2  doub N N 33  
ARG NH1 HH11 sing N N 34  
ARG NH1 HH12 sing N N 35  
ARG NH2 HH21 sing N N 36  
ARG NH2 HH22 sing N N 37  
ARG OXT HXT  sing N N 38  
ASN N   CA   sing N N 39  
ASN N   H    sing N N 40  
ASN N   H2   sing N N 41  
ASN CA  C    sing N N 42  
ASN CA  CB   sing N N 43  
ASN CA  HA   sing N N 44  
ASN C   O    doub N N 45  
ASN C   OXT  sing N N 46  
ASN CB  CG   sing N N 47  
ASN CB  HB2  sing N N 48  
ASN CB  HB3  sing N N 49  
ASN CG  OD1  doub N N 50  
ASN CG  ND2  sing N N 51  
ASN ND2 HD21 sing N N 52  
ASN ND2 HD22 sing N N 53  
ASN OXT HXT  sing N N 54  
ASP N   CA   sing N N 55  
ASP N   H    sing N N 56  
ASP N   H2   sing N N 57  
ASP CA  C    sing N N 58  
ASP CA  CB   sing N N 59  
ASP CA  HA   sing N N 60  
ASP C   O    doub N N 61  
ASP C   OXT  sing N N 62  
ASP CB  CG   sing N N 63  
ASP CB  HB2  sing N N 64  
ASP CB  HB3  sing N N 65  
ASP CG  OD1  doub N N 66  
ASP CG  OD2  sing N N 67  
ASP OD2 HD2  sing N N 68  
ASP OXT HXT  sing N N 69  
CYS N   CA   sing N N 70  
CYS N   H    sing N N 71  
CYS N   H2   sing N N 72  
CYS CA  C    sing N N 73  
CYS CA  CB   sing N N 74  
CYS CA  HA   sing N N 75  
CYS C   O    doub N N 76  
CYS C   OXT  sing N N 77  
CYS CB  SG   sing N N 78  
CYS CB  HB2  sing N N 79  
CYS CB  HB3  sing N N 80  
CYS SG  HG   sing N N 81  
CYS OXT HXT  sing N N 82  
GLN N   CA   sing N N 83  
GLN N   H    sing N N 84  
GLN N   H2   sing N N 85  
GLN CA  C    sing N N 86  
GLN CA  CB   sing N N 87  
GLN CA  HA   sing N N 88  
GLN C   O    doub N N 89  
GLN C   OXT  sing N N 90  
GLN CB  CG   sing N N 91  
GLN CB  HB2  sing N N 92  
GLN CB  HB3  sing N N 93  
GLN CG  CD   sing N N 94  
GLN CG  HG2  sing N N 95  
GLN CG  HG3  sing N N 96  
GLN CD  OE1  doub N N 97  
GLN CD  NE2  sing N N 98  
GLN NE2 HE21 sing N N 99  
GLN NE2 HE22 sing N N 100 
GLN OXT HXT  sing N N 101 
GLU N   CA   sing N N 102 
GLU N   H    sing N N 103 
GLU N   H2   sing N N 104 
GLU CA  C    sing N N 105 
GLU CA  CB   sing N N 106 
GLU CA  HA   sing N N 107 
GLU C   O    doub N N 108 
GLU C   OXT  sing N N 109 
GLU CB  CG   sing N N 110 
GLU CB  HB2  sing N N 111 
GLU CB  HB3  sing N N 112 
GLU CG  CD   sing N N 113 
GLU CG  HG2  sing N N 114 
GLU CG  HG3  sing N N 115 
GLU CD  OE1  doub N N 116 
GLU CD  OE2  sing N N 117 
GLU OE2 HE2  sing N N 118 
GLU OXT HXT  sing N N 119 
GLY N   CA   sing N N 120 
GLY N   H    sing N N 121 
GLY N   H2   sing N N 122 
GLY CA  C    sing N N 123 
GLY CA  HA2  sing N N 124 
GLY CA  HA3  sing N N 125 
GLY C   O    doub N N 126 
GLY C   OXT  sing N N 127 
GLY OXT HXT  sing N N 128 
GOL C1  O1   sing N N 129 
GOL C1  C2   sing N N 130 
GOL C1  H11  sing N N 131 
GOL C1  H12  sing N N 132 
GOL O1  HO1  sing N N 133 
GOL C2  O2   sing N N 134 
GOL C2  C3   sing N N 135 
GOL C2  H2   sing N N 136 
GOL O2  HO2  sing N N 137 
GOL C3  O3   sing N N 138 
GOL C3  H31  sing N N 139 
GOL C3  H32  sing N N 140 
GOL O3  HO3  sing N N 141 
HIS N   CA   sing N N 142 
HIS N   H    sing N N 143 
HIS N   H2   sing N N 144 
HIS CA  C    sing N N 145 
HIS CA  CB   sing N N 146 
HIS CA  HA   sing N N 147 
HIS C   O    doub N N 148 
HIS C   OXT  sing N N 149 
HIS CB  CG   sing N N 150 
HIS CB  HB2  sing N N 151 
HIS CB  HB3  sing N N 152 
HIS CG  ND1  sing Y N 153 
HIS CG  CD2  doub Y N 154 
HIS ND1 CE1  doub Y N 155 
HIS ND1 HD1  sing N N 156 
HIS CD2 NE2  sing Y N 157 
HIS CD2 HD2  sing N N 158 
HIS CE1 NE2  sing Y N 159 
HIS CE1 HE1  sing N N 160 
HIS NE2 HE2  sing N N 161 
HIS OXT HXT  sing N N 162 
HOH O   H1   sing N N 163 
HOH O   H2   sing N N 164 
ILE N   CA   sing N N 165 
ILE N   H    sing N N 166 
ILE N   H2   sing N N 167 
ILE CA  C    sing N N 168 
ILE CA  CB   sing N N 169 
ILE CA  HA   sing N N 170 
ILE C   O    doub N N 171 
ILE C   OXT  sing N N 172 
ILE CB  CG1  sing N N 173 
ILE CB  CG2  sing N N 174 
ILE CB  HB   sing N N 175 
ILE CG1 CD1  sing N N 176 
ILE CG1 HG12 sing N N 177 
ILE CG1 HG13 sing N N 178 
ILE CG2 HG21 sing N N 179 
ILE CG2 HG22 sing N N 180 
ILE CG2 HG23 sing N N 181 
ILE CD1 HD11 sing N N 182 
ILE CD1 HD12 sing N N 183 
ILE CD1 HD13 sing N N 184 
ILE OXT HXT  sing N N 185 
LEU N   CA   sing N N 186 
LEU N   H    sing N N 187 
LEU N   H2   sing N N 188 
LEU CA  C    sing N N 189 
LEU CA  CB   sing N N 190 
LEU CA  HA   sing N N 191 
LEU C   O    doub N N 192 
LEU C   OXT  sing N N 193 
LEU CB  CG   sing N N 194 
LEU CB  HB2  sing N N 195 
LEU CB  HB3  sing N N 196 
LEU CG  CD1  sing N N 197 
LEU CG  CD2  sing N N 198 
LEU CG  HG   sing N N 199 
LEU CD1 HD11 sing N N 200 
LEU CD1 HD12 sing N N 201 
LEU CD1 HD13 sing N N 202 
LEU CD2 HD21 sing N N 203 
LEU CD2 HD22 sing N N 204 
LEU CD2 HD23 sing N N 205 
LEU OXT HXT  sing N N 206 
LYS N   CA   sing N N 207 
LYS N   H    sing N N 208 
LYS N   H2   sing N N 209 
LYS CA  C    sing N N 210 
LYS CA  CB   sing N N 211 
LYS CA  HA   sing N N 212 
LYS C   O    doub N N 213 
LYS C   OXT  sing N N 214 
LYS CB  CG   sing N N 215 
LYS CB  HB2  sing N N 216 
LYS CB  HB3  sing N N 217 
LYS CG  CD   sing N N 218 
LYS CG  HG2  sing N N 219 
LYS CG  HG3  sing N N 220 
LYS CD  CE   sing N N 221 
LYS CD  HD2  sing N N 222 
LYS CD  HD3  sing N N 223 
LYS CE  NZ   sing N N 224 
LYS CE  HE2  sing N N 225 
LYS CE  HE3  sing N N 226 
LYS NZ  HZ1  sing N N 227 
LYS NZ  HZ2  sing N N 228 
LYS NZ  HZ3  sing N N 229 
LYS OXT HXT  sing N N 230 
MET N   CA   sing N N 231 
MET N   H    sing N N 232 
MET N   H2   sing N N 233 
MET CA  C    sing N N 234 
MET CA  CB   sing N N 235 
MET CA  HA   sing N N 236 
MET C   O    doub N N 237 
MET C   OXT  sing N N 238 
MET CB  CG   sing N N 239 
MET CB  HB2  sing N N 240 
MET CB  HB3  sing N N 241 
MET CG  SD   sing N N 242 
MET CG  HG2  sing N N 243 
MET CG  HG3  sing N N 244 
MET SD  CE   sing N N 245 
MET CE  HE1  sing N N 246 
MET CE  HE2  sing N N 247 
MET CE  HE3  sing N N 248 
MET OXT HXT  sing N N 249 
PHE N   CA   sing N N 250 
PHE N   H    sing N N 251 
PHE N   H2   sing N N 252 
PHE CA  C    sing N N 253 
PHE CA  CB   sing N N 254 
PHE CA  HA   sing N N 255 
PHE C   O    doub N N 256 
PHE C   OXT  sing N N 257 
PHE CB  CG   sing N N 258 
PHE CB  HB2  sing N N 259 
PHE CB  HB3  sing N N 260 
PHE CG  CD1  doub Y N 261 
PHE CG  CD2  sing Y N 262 
PHE CD1 CE1  sing Y N 263 
PHE CD1 HD1  sing N N 264 
PHE CD2 CE2  doub Y N 265 
PHE CD2 HD2  sing N N 266 
PHE CE1 CZ   doub Y N 267 
PHE CE1 HE1  sing N N 268 
PHE CE2 CZ   sing Y N 269 
PHE CE2 HE2  sing N N 270 
PHE CZ  HZ   sing N N 271 
PHE OXT HXT  sing N N 272 
PRO N   CA   sing N N 273 
PRO N   CD   sing N N 274 
PRO N   H    sing N N 275 
PRO CA  C    sing N N 276 
PRO CA  CB   sing N N 277 
PRO CA  HA   sing N N 278 
PRO C   O    doub N N 279 
PRO C   OXT  sing N N 280 
PRO CB  CG   sing N N 281 
PRO CB  HB2  sing N N 282 
PRO CB  HB3  sing N N 283 
PRO CG  CD   sing N N 284 
PRO CG  HG2  sing N N 285 
PRO CG  HG3  sing N N 286 
PRO CD  HD2  sing N N 287 
PRO CD  HD3  sing N N 288 
PRO OXT HXT  sing N N 289 
SER N   CA   sing N N 290 
SER N   H    sing N N 291 
SER N   H2   sing N N 292 
SER CA  C    sing N N 293 
SER CA  CB   sing N N 294 
SER CA  HA   sing N N 295 
SER C   O    doub N N 296 
SER C   OXT  sing N N 297 
SER CB  OG   sing N N 298 
SER CB  HB2  sing N N 299 
SER CB  HB3  sing N N 300 
SER OG  HG   sing N N 301 
SER OXT HXT  sing N N 302 
THR N   CA   sing N N 303 
THR N   H    sing N N 304 
THR N   H2   sing N N 305 
THR CA  C    sing N N 306 
THR CA  CB   sing N N 307 
THR CA  HA   sing N N 308 
THR C   O    doub N N 309 
THR C   OXT  sing N N 310 
THR CB  OG1  sing N N 311 
THR CB  CG2  sing N N 312 
THR CB  HB   sing N N 313 
THR OG1 HG1  sing N N 314 
THR CG2 HG21 sing N N 315 
THR CG2 HG22 sing N N 316 
THR CG2 HG23 sing N N 317 
THR OXT HXT  sing N N 318 
TPO N   CA   sing N N 319 
TPO N   H    sing N N 320 
TPO N   H2   sing N N 321 
TPO CA  CB   sing N N 322 
TPO CA  C    sing N N 323 
TPO CA  HA   sing N N 324 
TPO CB  CG2  sing N N 325 
TPO CB  OG1  sing N N 326 
TPO CB  HB   sing N N 327 
TPO CG2 HG21 sing N N 328 
TPO CG2 HG22 sing N N 329 
TPO CG2 HG23 sing N N 330 
TPO OG1 P    sing N N 331 
TPO P   O1P  doub N N 332 
TPO P   O2P  sing N N 333 
TPO P   O3P  sing N N 334 
TPO O2P HOP2 sing N N 335 
TPO O3P HOP3 sing N N 336 
TPO C   O    doub N N 337 
TPO C   OXT  sing N N 338 
TPO OXT HXT  sing N N 339 
TRP N   CA   sing N N 340 
TRP N   H    sing N N 341 
TRP N   H2   sing N N 342 
TRP CA  C    sing N N 343 
TRP CA  CB   sing N N 344 
TRP CA  HA   sing N N 345 
TRP C   O    doub N N 346 
TRP C   OXT  sing N N 347 
TRP CB  CG   sing N N 348 
TRP CB  HB2  sing N N 349 
TRP CB  HB3  sing N N 350 
TRP CG  CD1  doub Y N 351 
TRP CG  CD2  sing Y N 352 
TRP CD1 NE1  sing Y N 353 
TRP CD1 HD1  sing N N 354 
TRP CD2 CE2  doub Y N 355 
TRP CD2 CE3  sing Y N 356 
TRP NE1 CE2  sing Y N 357 
TRP NE1 HE1  sing N N 358 
TRP CE2 CZ2  sing Y N 359 
TRP CE3 CZ3  doub Y N 360 
TRP CE3 HE3  sing N N 361 
TRP CZ2 CH2  doub Y N 362 
TRP CZ2 HZ2  sing N N 363 
TRP CZ3 CH2  sing Y N 364 
TRP CZ3 HZ3  sing N N 365 
TRP CH2 HH2  sing N N 366 
TRP OXT HXT  sing N N 367 
TYR N   CA   sing N N 368 
TYR N   H    sing N N 369 
TYR N   H2   sing N N 370 
TYR CA  C    sing N N 371 
TYR CA  CB   sing N N 372 
TYR CA  HA   sing N N 373 
TYR C   O    doub N N 374 
TYR C   OXT  sing N N 375 
TYR CB  CG   sing N N 376 
TYR CB  HB2  sing N N 377 
TYR CB  HB3  sing N N 378 
TYR CG  CD1  doub Y N 379 
TYR CG  CD2  sing Y N 380 
TYR CD1 CE1  sing Y N 381 
TYR CD1 HD1  sing N N 382 
TYR CD2 CE2  doub Y N 383 
TYR CD2 HD2  sing N N 384 
TYR CE1 CZ   doub Y N 385 
TYR CE1 HE1  sing N N 386 
TYR CE2 CZ   sing Y N 387 
TYR CE2 HE2  sing N N 388 
TYR CZ  OH   sing N N 389 
TYR OH  HH   sing N N 390 
TYR OXT HXT  sing N N 391 
VAL N   CA   sing N N 392 
VAL N   H    sing N N 393 
VAL N   H2   sing N N 394 
VAL CA  C    sing N N 395 
VAL CA  CB   sing N N 396 
VAL CA  HA   sing N N 397 
VAL C   O    doub N N 398 
VAL C   OXT  sing N N 399 
VAL CB  CG1  sing N N 400 
VAL CB  CG2  sing N N 401 
VAL CB  HB   sing N N 402 
VAL CG1 HG11 sing N N 403 
VAL CG1 HG12 sing N N 404 
VAL CG1 HG13 sing N N 405 
VAL CG2 HG21 sing N N 406 
VAL CG2 HG22 sing N N 407 
VAL CG2 HG23 sing N N 408 
VAL OXT HXT  sing N N 409 
# 
_pdbx_initial_refinement_model.id               1 
_pdbx_initial_refinement_model.entity_id_list   ? 
_pdbx_initial_refinement_model.type             'experimental model' 
_pdbx_initial_refinement_model.source_name      PDB 
_pdbx_initial_refinement_model.accession_code   1TJX 
_pdbx_initial_refinement_model.details          'PDB ENTRY 1TJX' 
# 
_atom_sites.entry_id                    4V11 
_atom_sites.fract_transf_matrix[1][1]   -0.00032876 
_atom_sites.fract_transf_matrix[1][2]   0.00300077 
_atom_sites.fract_transf_matrix[1][3]   0.02165103 
_atom_sites.fract_transf_matrix[2][1]   0.00748322 
_atom_sites.fract_transf_matrix[2][2]   0.02274454 
_atom_sites.fract_transf_matrix[2][3]   -0.00303870 
_atom_sites.fract_transf_matrix[3][1]   -0.01983483 
_atom_sites.fract_transf_matrix[3][2]   0.00668644 
_atom_sites.fract_transf_matrix[3][3]   0.00120171 
_atom_sites.fract_transf_vector[1]      0.185372 
_atom_sites.fract_transf_vector[2]      -0.062978 
_atom_sites.fract_transf_vector[3]      1.326172 
# 
loop_
_atom_type.symbol 
C  
CA 
N  
O  
P  
S  
# 
loop_
_atom_site.group_PDB 
_atom_site.id 
_atom_site.type_symbol 
_atom_site.label_atom_id 
_atom_site.label_alt_id 
_atom_site.label_comp_id 
_atom_site.label_asym_id 
_atom_site.label_entity_id 
_atom_site.label_seq_id 
_atom_site.pdbx_PDB_ins_code 
_atom_site.Cartn_x 
_atom_site.Cartn_y 
_atom_site.Cartn_z 
_atom_site.occupancy 
_atom_site.B_iso_or_equiv 
_atom_site.pdbx_formal_charge 
_atom_site.auth_seq_id 
_atom_site.auth_comp_id 
_atom_site.auth_asym_id 
_atom_site.auth_atom_id 
_atom_site.pdbx_PDB_model_num 
ATOM   1    N  N   . LYS A 1 1   ? 8.078   -13.821 6.921   1.00 37.95 ? 273  LYS A N   1 
ATOM   2    C  CA  . LYS A 1 1   ? 7.902   -14.961 6.037   1.00 17.35 ? 273  LYS A CA  1 
ATOM   3    C  C   . LYS A 1 1   ? 7.116   -14.595 4.779   1.00 13.65 ? 273  LYS A C   1 
ATOM   4    O  O   . LYS A 1 1   ? 7.041   -15.387 3.854   1.00 14.70 ? 273  LYS A O   1 
ATOM   5    C  CB  . LYS A 1 1   ? 7.198   -16.104 6.774   1.00 24.27 ? 273  LYS A CB  1 
ATOM   6    C  CG  . LYS A 1 1   ? 5.798   -15.753 7.285   1.00 17.50 ? 273  LYS A CG  1 
ATOM   7    C  CD  . LYS A 1 1   ? 5.154   -16.934 8.006   1.00 38.52 ? 273  LYS A CD  1 
ATOM   8    C  CE  . LYS A 1 1   ? 5.871   -17.255 9.309   1.00 36.15 ? 273  LYS A CE  1 
ATOM   9    N  NZ  . LYS A 1 1   ? 5.218   -18.374 10.030  1.00 49.62 ? 273  LYS A NZ  1 
ATOM   10   N  N   . LEU A 1 2   ? 6.519   -13.405 4.743   1.00 11.32 ? 274  LEU A N   1 
ATOM   11   C  CA  . LEU A 1 2   ? 5.692   -13.031 3.591   1.00 9.91  ? 274  LEU A CA  1 
ATOM   12   C  C   . LEU A 1 2   ? 6.406   -12.080 2.640   1.00 10.47 ? 274  LEU A C   1 
ATOM   13   O  O   . LEU A 1 2   ? 6.110   -12.041 1.443   1.00 9.35  ? 274  LEU A O   1 
ATOM   14   C  CB  . LEU A 1 2   ? 4.380   -12.393 4.055   1.00 9.53  ? 274  LEU A CB  1 
ATOM   15   C  CG  . LEU A 1 2   ? 3.534   -13.274 4.970   1.00 10.27 ? 274  LEU A CG  1 
ATOM   16   C  CD1 . LEU A 1 2   ? 2.257   -12.522 5.380   1.00 11.12 ? 274  LEU A CD1 1 
ATOM   17   C  CD2 . LEU A 1 2   ? 3.221   -14.583 4.259   1.00 13.54 ? 274  LEU A CD2 1 
ATOM   18   N  N   . GLY A 1 3   ? 7.338   -11.308 3.179   1.00 9.30  ? 275  GLY A N   1 
ATOM   19   C  CA  . GLY A 1 3   ? 8.088   -10.366 2.375   1.00 9.08  ? 275  GLY A CA  1 
ATOM   20   C  C   . GLY A 1 3   ? 8.056   -8.967  2.944   1.00 7.31  ? 275  GLY A C   1 
ATOM   21   O  O   . GLY A 1 3   ? 7.414   -8.706  3.966   1.00 6.19  ? 275  GLY A O   1 
ATOM   22   N  N   . ASP A 1 4   ? 8.774   -8.072  2.277   1.00 5.78  ? 276  ASP A N   1 
ATOM   23   C  CA  . ASP A 1 4   ? 8.920   -6.692  2.724   1.00 7.01  ? 276  ASP A CA  1 
ATOM   24   C  C   . ASP A 1 4   ? 8.556   -5.761  1.585   1.00 5.18  ? 276  ASP A C   1 
ATOM   25   O  O   . ASP A 1 4   ? 8.820   -6.071  0.424   1.00 5.22  ? 276  ASP A O   1 
ATOM   26   C  CB  . ASP A 1 4   ? 10.353  -6.411  3.181   1.00 8.32  ? 276  ASP A CB  1 
ATOM   27   C  CG  . ASP A 1 4   ? 10.836  -7.402  4.216   1.00 14.64 ? 276  ASP A CG  1 
ATOM   28   O  OD1 . ASP A 1 4   ? 10.292  -7.398  5.327   1.00 13.25 ? 276  ASP A OD1 1 
ATOM   29   O  OD2 . ASP A 1 4   ? 11.767  -8.175  3.923   1.00 18.83 ? 276  ASP A OD2 1 
ATOM   30   N  N   . ILE A 1 5   ? 7.967   -4.616  1.903   1.00 6.37  ? 277  ILE A N   1 
ATOM   31   C  CA  . ILE A 1 5   ? 7.654   -3.656  0.847   1.00 4.70  ? 277  ILE A CA  1 
ATOM   32   C  C   . ILE A 1 5   ? 8.160   -2.278  1.238   1.00 4.45  ? 277  ILE A C   1 
ATOM   33   O  O   . ILE A 1 5   ? 8.100   -1.902  2.412   1.00 4.35  ? 277  ILE A O   1 
ATOM   34   C  CB  . ILE A 1 5   ? 6.138   -3.611  0.535   1.00 5.14  ? 277  ILE A CB  1 
ATOM   35   C  CG1 . ILE A 1 5   ? 5.866   -2.756  -0.706  1.00 6.18  ? 277  ILE A CG1 1 
ATOM   36   C  CG2 . ILE A 1 5   ? 5.324   -3.125  1.731   1.00 5.36  ? 277  ILE A CG2 1 
ATOM   37   C  CD1 . ILE A 1 5   ? 4.473   -2.925  -1.270  1.00 12.38 ? 277  ILE A CD1 1 
ATOM   38   N  N   . CYS A 1 6   ? 8.691   -1.550  0.256   1.00 2.99  ? 278  CYS A N   1 
ATOM   39   C  CA  . CYS A 1 6   ? 9.168   -0.191  0.473   1.00 5.78  ? 278  CYS A CA  1 
ATOM   40   C  C   . CYS A 1 6   ? 8.306   0.761   -0.332  1.00 4.78  ? 278  CYS A C   1 
ATOM   41   O  O   . CYS A 1 6   ? 8.102   0.556   -1.521  1.00 3.73  ? 278  CYS A O   1 
ATOM   42   C  CB  . CYS A 1 6   ? 10.640  -0.042  0.065   1.00 6.51  ? 278  CYS A CB  1 
ATOM   43   S  SG  . CYS A 1 6   ? 11.395  1.558   0.534   1.00 8.46  ? 278  CYS A SG  1 
ATOM   44   N  N   . PHE A 1 7   ? 7.775   1.787   0.322   1.00 8.01  ? 279  PHE A N   1 
ATOM   45   C  CA  . PHE A 1 7   ? 7.076   2.825   -0.408  1.00 4.17  ? 279  PHE A CA  1 
ATOM   46   C  C   . PHE A 1 7   ? 7.347   4.162   0.247   1.00 4.24  ? 279  PHE A C   1 
ATOM   47   O  O   . PHE A 1 7   ? 7.747   4.222   1.418   1.00 5.71  ? 279  PHE A O   1 
ATOM   48   C  CB  . PHE A 1 7   ? 5.567   2.542   -0.502  1.00 2.89  ? 279  PHE A CB  1 
ATOM   49   C  CG  . PHE A 1 7   ? 4.882   2.264   0.825   1.00 6.35  ? 279  PHE A CG  1 
ATOM   50   C  CD1 . PHE A 1 7   ? 4.509   3.299   1.678   1.00 3.93  ? 279  PHE A CD1 1 
ATOM   51   C  CD2 . PHE A 1 7   ? 4.563   0.965   1.188   1.00 3.44  ? 279  PHE A CD2 1 
ATOM   52   C  CE1 . PHE A 1 7   ? 3.852   3.032   2.883   1.00 6.24  ? 279  PHE A CE1 1 
ATOM   53   C  CE2 . PHE A 1 7   ? 3.907   0.696   2.390   1.00 5.49  ? 279  PHE A CE2 1 
ATOM   54   C  CZ  . PHE A 1 7   ? 3.561   1.732   3.237   1.00 4.11  ? 279  PHE A CZ  1 
ATOM   55   N  N   . SER A 1 8   ? 7.178   5.236   -0.519  1.00 4.06  ? 280  SER A N   1 
ATOM   56   C  CA  . SER A 1 8   ? 7.322   6.559   0.058   1.00 4.58  ? 280  SER A CA  1 
ATOM   57   C  C   . SER A 1 8   ? 5.947   7.170   0.277   1.00 5.86  ? 280  SER A C   1 
ATOM   58   O  O   . SER A 1 8   ? 4.970   6.788   -0.373  1.00 5.23  ? 280  SER A O   1 
ATOM   59   C  CB  . SER A 1 8   ? 8.190   7.462   -0.821  1.00 5.83  ? 280  SER A CB  1 
ATOM   60   O  OG  . SER A 1 8   ? 7.512   7.824   -2.008  1.00 5.15  ? 280  SER A OG  1 
ATOM   61   N  N   . LEU A 1 9   ? 5.880   8.084   1.238   1.00 3.56  ? 281  LEU A N   1 
ATOM   62   C  CA  . LEU A 1 9   ? 4.678   8.843   1.542   1.00 2.99  ? 281  LEU A CA  1 
ATOM   63   C  C   . LEU A 1 9   ? 5.003   10.324  1.467   1.00 4.04  ? 281  LEU A C   1 
ATOM   64   O  O   . LEU A 1 9   ? 6.037   10.759  1.988   1.00 5.84  ? 281  LEU A O   1 
ATOM   65   C  CB  . LEU A 1 9   ? 4.154   8.505   2.942   1.00 4.15  ? 281  LEU A CB  1 
ATOM   66   C  CG  . LEU A 1 9   ? 3.685   7.072   3.216   1.00 4.10  ? 281  LEU A CG  1 
ATOM   67   C  CD1 . LEU A 1 9   ? 3.340   6.942   4.687   1.00 3.90  ? 281  LEU A CD1 1 
ATOM   68   C  CD2 . LEU A 1 9   ? 2.464   6.740   2.354   1.00 1.83  ? 281  LEU A CD2 1 
ATOM   69   N  N   . ARG A 1 10  ? 4.135   11.086  0.810   1.00 5.56  ? 282  ARG A N   1 
ATOM   70   C  CA  . ARG A 1 10  ? 4.250   12.546  0.752   1.00 3.65  ? 282  ARG A CA  1 
ATOM   71   C  C   . ARG A 1 10  ? 2.875   13.168  0.979   1.00 4.28  ? 282  ARG A C   1 
ATOM   72   O  O   . ARG A 1 10  ? 1.895   12.744  0.377   1.00 4.34  ? 282  ARG A O   1 
ATOM   73   C  CB  . ARG A 1 10  ? 4.814   13.014  -0.601  1.00 5.04  ? 282  ARG A CB  1 
ATOM   74   C  CG  . ARG A 1 10  ? 5.133   14.517  -0.632  1.00 8.28  ? 282  ARG A CG  1 
ATOM   75   C  CD  . ARG A 1 10  ? 5.447   15.030  -2.040  1.00 12.71 ? 282  ARG A CD  1 
ATOM   76   N  NE  . ARG A 1 10  ? 4.303   14.867  -2.936  1.00 11.46 ? 282  ARG A NE  1 
ATOM   77   C  CZ  . ARG A 1 10  ? 4.324   15.136  -4.239  1.00 23.37 ? 282  ARG A CZ  1 
ATOM   78   N  NH1 . ARG A 1 10  ? 5.432   15.588  -4.812  1.00 16.20 ? 282  ARG A NH1 1 
ATOM   79   N  NH2 . ARG A 1 10  ? 3.237   14.944  -4.972  1.00 13.66 ? 282  ARG A NH2 1 
ATOM   80   N  N   . TYR A 1 11  ? 2.795   14.156  1.860   1.00 4.63  ? 283  TYR A N   1 
ATOM   81   C  CA  . TYR A 1 11  ? 1.560   14.913  1.993   1.00 6.14  ? 283  TYR A CA  1 
ATOM   82   C  C   . TYR A 1 11  ? 1.831   16.384  1.669   1.00 7.79  ? 283  TYR A C   1 
ATOM   83   O  O   . TYR A 1 11  ? 2.802   16.971  2.161   1.00 7.90  ? 283  TYR A O   1 
ATOM   84   C  CB  . TYR A 1 11  ? 0.972   14.755  3.396   1.00 4.78  ? 283  TYR A CB  1 
ATOM   85   C  CG  . TYR A 1 11  ? -0.432  15.303  3.529   1.00 4.67  ? 283  TYR A CG  1 
ATOM   86   C  CD1 . TYR A 1 11  ? -1.446  14.861  2.688   1.00 3.75  ? 283  TYR A CD1 1 
ATOM   87   C  CD2 . TYR A 1 11  ? -0.744  16.260  4.493   1.00 6.56  ? 283  TYR A CD2 1 
ATOM   88   C  CE1 . TYR A 1 11  ? -2.744  15.353  2.799   1.00 3.95  ? 283  TYR A CE1 1 
ATOM   89   C  CE2 . TYR A 1 11  ? -2.041  16.764  4.615   1.00 4.45  ? 283  TYR A CE2 1 
ATOM   90   C  CZ  . TYR A 1 11  ? -3.032  16.305  3.763   1.00 7.45  ? 283  TYR A CZ  1 
ATOM   91   O  OH  . TYR A 1 11  ? -4.323  16.781  3.856   1.00 7.75  ? 283  TYR A OH  1 
ATOM   92   N  N   . VAL A 1 12  ? 1.003   16.958  0.802   1.00 7.98  ? 284  VAL A N   1 
ATOM   93   C  CA  . VAL A 1 12  ? 1.084   18.377  0.474   1.00 7.07  ? 284  VAL A CA  1 
ATOM   94   C  C   . VAL A 1 12  ? -0.128  19.060  1.102   1.00 7.83  ? 284  VAL A C   1 
ATOM   95   O  O   . VAL A 1 12  ? -1.209  19.094  0.501   1.00 8.33  ? 284  VAL A O   1 
ATOM   96   C  CB  . VAL A 1 12  ? 1.107   18.635  -1.053  1.00 6.71  ? 284  VAL A CB  1 
ATOM   97   C  CG1 . VAL A 1 12  ? 1.254   20.123  -1.332  1.00 11.38 ? 284  VAL A CG1 1 
ATOM   98   C  CG2 . VAL A 1 12  ? 2.239   17.852  -1.707  1.00 8.47  ? 284  VAL A CG2 1 
ATOM   99   N  N   . PRO A 1 13  ? 0.048   19.585  2.326   1.00 9.35  ? 285  PRO A N   1 
ATOM   100  C  CA  . PRO A 1 13  ? -1.053  20.041  3.189   1.00 8.92  ? 285  PRO A CA  1 
ATOM   101  C  C   . PRO A 1 13  ? -1.993  21.023  2.502   1.00 8.58  ? 285  PRO A C   1 
ATOM   102  O  O   . PRO A 1 13  ? -3.210  20.853  2.549   1.00 11.72 ? 285  PRO A O   1 
ATOM   103  C  CB  . PRO A 1 13  ? -0.333  20.732  4.353   1.00 12.16 ? 285  PRO A CB  1 
ATOM   104  C  CG  . PRO A 1 13  ? 1.016   20.185  4.362   1.00 13.01 ? 285  PRO A CG  1 
ATOM   105  C  CD  . PRO A 1 13  ? 1.365   19.812  2.947   1.00 9.77  ? 285  PRO A CD  1 
ATOM   106  N  N   . THR A 1 14  ? -1.431  22.042  1.864   1.00 14.18 ? 286  THR A N   1 
ATOM   107  C  CA  . THR A 1 14  ? -2.260  23.093  1.285   1.00 15.13 ? 286  THR A CA  1 
ATOM   108  C  C   . THR A 1 14  ? -3.000  22.573  0.058   1.00 17.33 ? 286  THR A C   1 
ATOM   109  O  O   . THR A 1 14  ? -4.019  23.132  -0.343  1.00 18.23 ? 286  THR A O   1 
ATOM   110  C  CB  . THR A 1 14  ? -1.426  24.333  0.925   1.00 20.65 ? 286  THR A CB  1 
ATOM   111  O  OG1 . THR A 1 14  ? -0.376  23.956  0.035   1.00 21.13 ? 286  THR A OG1 1 
ATOM   112  C  CG2 . THR A 1 14  ? -0.813  24.932  2.179   1.00 21.71 ? 286  THR A CG2 1 
ATOM   113  N  N   . ALA A 1 15  ? -2.515  21.475  -0.513  1.00 10.56 ? 287  ALA A N   1 
ATOM   114  C  CA  . ALA A 1 15  ? -3.173  20.876  -1.666  1.00 7.05  ? 287  ALA A CA  1 
ATOM   115  C  C   . ALA A 1 15  ? -4.144  19.758  -1.281  1.00 11.36 ? 287  ALA A C   1 
ATOM   116  O  O   . ALA A 1 15  ? -4.948  19.323  -2.110  1.00 11.68 ? 287  ALA A O   1 
ATOM   117  C  CB  . ALA A 1 15  ? -2.130  20.344  -2.649  1.00 9.69  ? 287  ALA A CB  1 
ATOM   118  N  N   . GLY A 1 16  ? -4.074  19.297  -0.035  1.00 7.50  ? 288  GLY A N   1 
ATOM   119  C  CA  . GLY A 1 16  ? -4.799  18.105  0.366   1.00 7.38  ? 288  GLY A CA  1 
ATOM   120  C  C   . GLY A 1 16  ? -4.427  16.930  -0.526  1.00 11.29 ? 288  GLY A C   1 
ATOM   121  O  O   . GLY A 1 16  ? -5.290  16.152  -0.932  1.00 10.69 ? 288  GLY A O   1 
ATOM   122  N  N   . LYS A 1 17  ? -3.139  16.803  -0.841  1.00 4.98  ? 289  LYS A N   1 
ATOM   123  C  CA  . LYS A 1 17  ? -2.690  15.780  -1.790  1.00 6.37  ? 289  LYS A CA  1 
ATOM   124  C  C   . LYS A 1 17  ? -1.772  14.758  -1.124  1.00 5.92  ? 289  LYS A C   1 
ATOM   125  O  O   . LYS A 1 17  ? -0.705  15.106  -0.616  1.00 4.76  ? 289  LYS A O   1 
ATOM   126  C  CB  . LYS A 1 17  ? -1.962  16.416  -2.981  1.00 5.42  ? 289  LYS A CB  1 
ATOM   127  C  CG  . LYS A 1 17  ? -1.590  15.407  -4.094  1.00 6.64  ? 289  LYS A CG  1 
ATOM   128  C  CD  . LYS A 1 17  ? -0.811  16.107  -5.226  1.00 5.24  ? 289  LYS A CD  1 
ATOM   129  C  CE  . LYS A 1 17  ? -0.574  15.188  -6.431  1.00 7.94  ? 289  LYS A CE  1 
ATOM   130  N  NZ  . LYS A 1 17  ? -1.817  15.025  -7.239  1.00 7.99  ? 289  LYS A NZ  1 
ATOM   131  N  N   . LEU A 1 18  ? -2.195  13.500  -1.147  1.00 3.56  ? 290  LEU A N   1 
ATOM   132  C  CA  . LEU A 1 18  ? -1.440  12.410  -0.533  1.00 3.49  ? 290  LEU A CA  1 
ATOM   133  C  C   . LEU A 1 18  ? -0.878  11.499  -1.607  1.00 4.17  ? 290  LEU A C   1 
ATOM   134  O  O   . LEU A 1 18  ? -1.638  10.922  -2.382  1.00 4.83  ? 290  LEU A O   1 
ATOM   135  C  CB  . LEU A 1 18  ? -2.340  11.608  0.406   1.00 4.10  ? 290  LEU A CB  1 
ATOM   136  C  CG  . LEU A 1 18  ? -1.748  10.328  0.995   1.00 6.55  ? 290  LEU A CG  1 
ATOM   137  C  CD1 . LEU A 1 18  ? -0.577  10.661  1.899   1.00 6.18  ? 290  LEU A CD1 1 
ATOM   138  C  CD2 . LEU A 1 18  ? -2.828  9.583   1.768   1.00 8.41  ? 290  LEU A CD2 1 
ATOM   139  N  N   . THR A 1 19  ? 0.441   11.363  -1.657  1.00 4.61  ? 291  THR A N   1 
ATOM   140  C  CA  . THR A 1 19  ? 1.066   10.570  -2.711  1.00 3.38  ? 291  THR A CA  1 
ATOM   141  C  C   . THR A 1 19  ? 1.836   9.390   -2.133  1.00 5.88  ? 291  THR A C   1 
ATOM   142  O  O   . THR A 1 19  ? 2.702   9.539   -1.267  1.00 6.55  ? 291  THR A O   1 
ATOM   143  C  CB  . THR A 1 19  ? 1.997   11.439  -3.593  1.00 3.84  ? 291  THR A CB  1 
ATOM   144  O  OG1 . THR A 1 19  ? 1.218   12.460  -4.232  1.00 6.32  ? 291  THR A OG1 1 
ATOM   145  C  CG2 . THR A 1 19  ? 2.679   10.594  -4.680  1.00 3.98  ? 291  THR A CG2 1 
ATOM   146  N  N   . VAL A 1 20  ? 1.489   8.208   -2.622  1.00 3.95  ? 292  VAL A N   1 
ATOM   147  C  CA  . VAL A 1 20  ? 2.143   6.973   -2.242  1.00 3.99  ? 292  VAL A CA  1 
ATOM   148  C  C   . VAL A 1 20  ? 2.923   6.458   -3.447  1.00 5.20  ? 292  VAL A C   1 
ATOM   149  O  O   . VAL A 1 20  ? 2.330   6.205   -4.494  1.00 4.28  ? 292  VAL A O   1 
ATOM   150  C  CB  . VAL A 1 20  ? 1.129   5.893   -1.810  1.00 6.62  ? 292  VAL A CB  1 
ATOM   151  C  CG1 . VAL A 1 20  ? 1.871   4.626   -1.374  1.00 4.21  ? 292  VAL A CG1 1 
ATOM   152  C  CG2 . VAL A 1 20  ? 0.231   6.419   -0.706  1.00 9.12  ? 292  VAL A CG2 1 
ATOM   153  N  N   . VAL A 1 21  ? 4.238   6.315   -3.313  1.00 3.91  ? 293  VAL A N   1 
ATOM   154  C  CA  . VAL A 1 21  ? 5.025   5.719   -4.384  1.00 3.12  ? 293  VAL A CA  1 
ATOM   155  C  C   . VAL A 1 21  ? 5.434   4.325   -3.975  1.00 4.62  ? 293  VAL A C   1 
ATOM   156  O  O   . VAL A 1 21  ? 6.181   4.157   -3.020  1.00 4.24  ? 293  VAL A O   1 
ATOM   157  C  CB  . VAL A 1 21  ? 6.292   6.538   -4.721  1.00 4.04  ? 293  VAL A CB  1 
ATOM   158  C  CG1 . VAL A 1 21  ? 7.066   5.884   -5.879  1.00 3.45  ? 293  VAL A CG1 1 
ATOM   159  C  CG2 . VAL A 1 21  ? 5.923   7.992   -5.062  1.00 2.82  ? 293  VAL A CG2 1 
ATOM   160  N  N   . ILE A 1 22  ? 4.929   3.329   -4.688  1.00 4.06  ? 294  ILE A N   1 
ATOM   161  C  CA  . ILE A 1 22  ? 5.344   1.955   -4.447  1.00 3.07  ? 294  ILE A CA  1 
ATOM   162  C  C   . ILE A 1 22  ? 6.720   1.794   -5.075  1.00 4.17  ? 294  ILE A C   1 
ATOM   163  O  O   . ILE A 1 22  ? 6.879   1.926   -6.286  1.00 2.25  ? 294  ILE A O   1 
ATOM   164  C  CB  . ILE A 1 22  ? 4.342   0.932   -5.033  1.00 4.59  ? 294  ILE A CB  1 
ATOM   165  C  CG1 . ILE A 1 22  ? 2.948   1.145   -4.431  1.00 3.37  ? 294  ILE A CG1 1 
ATOM   166  C  CG2 . ILE A 1 22  ? 4.807   -0.511  -4.742  1.00 3.72  ? 294  ILE A CG2 1 
ATOM   167  C  CD1 . ILE A 1 22  ? 2.914   0.980   -2.913  1.00 5.62  ? 294  ILE A CD1 1 
ATOM   168  N  N   . LEU A 1 23  ? 7.726   1.547   -4.245  1.00 3.48  ? 295  LEU A N   1 
ATOM   169  C  CA  . LEU A 1 23  ? 9.086   1.481   -4.764  1.00 5.64  ? 295  LEU A CA  1 
ATOM   170  C  C   . LEU A 1 23  ? 9.478   0.043   -5.130  1.00 5.45  ? 295  LEU A C   1 
ATOM   171  O  O   . LEU A 1 23  ? 9.692   -0.278  -6.303  1.00 5.78  ? 295  LEU A O   1 
ATOM   172  C  CB  . LEU A 1 23  ? 10.060  2.085   -3.742  1.00 2.85  ? 295  LEU A CB  1 
ATOM   173  C  CG  . LEU A 1 23  ? 9.803   3.588   -3.497  1.00 6.29  ? 295  LEU A CG  1 
ATOM   174  C  CD1 . LEU A 1 23  ? 10.553  4.112   -2.276  1.00 7.38  ? 295  LEU A CD1 1 
ATOM   175  C  CD2 . LEU A 1 23  ? 10.136  4.432   -4.748  1.00 5.64  ? 295  LEU A CD2 1 
ATOM   176  N  N   . GLU A 1 24  ? 9.552   -0.821  -4.130  1.00 5.03  ? 296  GLU A N   1 
ATOM   177  C  CA  . GLU A 1 24  ? 10.118  -2.157  -4.320  1.00 4.99  ? 296  GLU A CA  1 
ATOM   178  C  C   . GLU A 1 24  ? 9.547   -3.114  -3.281  1.00 6.58  ? 296  GLU A C   1 
ATOM   179  O  O   . GLU A 1 24  ? 9.180   -2.691  -2.189  1.00 7.28  ? 296  GLU A O   1 
ATOM   180  C  CB  . GLU A 1 24  ? 11.654  -2.104  -4.199  1.00 8.79  ? 296  GLU A CB  1 
ATOM   181  C  CG  . GLU A 1 24  ? 12.343  -3.465  -4.209  1.00 14.97 ? 296  GLU A CG  1 
ATOM   182  C  CD  . GLU A 1 24  ? 13.838  -3.388  -3.935  1.00 11.99 ? 296  GLU A CD  1 
ATOM   183  O  OE1 . GLU A 1 24  ? 14.330  -2.319  -3.524  1.00 13.66 ? 296  GLU A OE1 1 
ATOM   184  O  OE2 . GLU A 1 24  ? 14.517  -4.410  -4.135  1.00 15.39 ? 296  GLU A OE2 1 
ATOM   185  N  N   . ALA A 1 25  ? 9.455   -4.395  -3.628  1.00 6.76  ? 297  ALA A N   1 
ATOM   186  C  CA  . ALA A 1 25  ? 9.203   -5.431  -2.644  1.00 5.40  ? 297  ALA A CA  1 
ATOM   187  C  C   . ALA A 1 25  ? 10.318  -6.481  -2.729  1.00 7.92  ? 297  ALA A C   1 
ATOM   188  O  O   . ALA A 1 25  ? 10.941  -6.637  -3.774  1.00 6.40  ? 297  ALA A O   1 
ATOM   189  C  CB  . ALA A 1 25  ? 7.840   -6.059  -2.855  1.00 4.73  ? 297  ALA A CB  1 
ATOM   190  N  N   . LYS A 1 26  ? 10.585  -7.183  -1.631  1.00 6.87  ? 298  LYS A N   1 
ATOM   191  C  CA  . LYS A 1 26  ? 11.643  -8.187  -1.637  1.00 8.80  ? 298  LYS A CA  1 
ATOM   192  C  C   . LYS A 1 26  ? 11.278  -9.335  -0.718  1.00 8.31  ? 298  LYS A C   1 
ATOM   193  O  O   . LYS A 1 26  ? 10.417  -9.186  0.152   1.00 8.05  ? 298  LYS A O   1 
ATOM   194  C  CB  . LYS A 1 26  ? 12.978  -7.569  -1.210  1.00 8.93  ? 298  LYS A CB  1 
ATOM   195  C  CG  . LYS A 1 26  ? 13.031  -7.215  0.259   1.00 9.78  ? 298  LYS A CG  1 
ATOM   196  C  CD  . LYS A 1 26  ? 14.354  -6.560  0.654   1.00 16.11 ? 298  LYS A CD  1 
ATOM   197  C  CE  . LYS A 1 26  ? 14.329  -6.193  2.137   1.00 17.52 ? 298  LYS A CE  1 
ATOM   198  N  NZ  . LYS A 1 26  ? 15.593  -5.567  2.588   1.00 35.63 ? 298  LYS A NZ  1 
ATOM   199  N  N   . ASN A 1 27  ? 11.930  -10.477 -0.923  1.00 9.71  ? 299  ASN A N   1 
ATOM   200  C  CA  . ASN A 1 27  ? 11.679  -11.670 -0.121  1.00 9.56  ? 299  ASN A CA  1 
ATOM   201  C  C   . ASN A 1 27  ? 10.229  -12.135 -0.175  1.00 8.95  ? 299  ASN A C   1 
ATOM   202  O  O   . ASN A 1 27  ? 9.730   -12.701 0.790   1.00 6.20  ? 299  ASN A O   1 
ATOM   203  C  CB  . ASN A 1 27  ? 12.075  -11.428 1.339   1.00 10.01 ? 299  ASN A CB  1 
ATOM   204  C  CG  . ASN A 1 27  ? 13.536  -11.100 1.497   1.00 15.74 ? 299  ASN A CG  1 
ATOM   205  O  OD1 . ASN A 1 27  ? 14.376  -11.638 0.785   1.00 18.51 ? 299  ASN A OD1 1 
ATOM   206  N  ND2 . ASN A 1 27  ? 13.850  -10.212 2.436   1.00 22.40 ? 299  ASN A ND2 1 
ATOM   207  N  N   . LEU A 1 28  ? 9.549   -11.893 -1.296  1.00 6.60  ? 300  LEU A N   1 
ATOM   208  C  CA  . LEU A 1 28  ? 8.132   -12.239 -1.387  1.00 5.07  ? 300  LEU A CA  1 
ATOM   209  C  C   . LEU A 1 28  ? 7.946   -13.745 -1.321  1.00 7.86  ? 300  LEU A C   1 
ATOM   210  O  O   . LEU A 1 28  ? 8.779   -14.506 -1.796  1.00 5.35  ? 300  LEU A O   1 
ATOM   211  C  CB  . LEU A 1 28  ? 7.507   -11.712 -2.681  1.00 6.29  ? 300  LEU A CB  1 
ATOM   212  C  CG  . LEU A 1 28  ? 7.398   -10.194 -2.841  1.00 6.04  ? 300  LEU A CG  1 
ATOM   213  C  CD1 . LEU A 1 28  ? 6.656   -9.867  -4.142  1.00 5.12  ? 300  LEU A CD1 1 
ATOM   214  C  CD2 . LEU A 1 28  ? 6.692   -9.558  -1.646  1.00 7.56  ? 300  LEU A CD2 1 
ATOM   215  N  N   . LYS A 1 29  ? 6.834   -14.163 -0.738  1.00 4.35  ? 301  LYS A N   1 
ATOM   216  C  CA  . LYS A 1 29  ? 6.486   -15.571 -0.734  1.00 11.93 ? 301  LYS A CA  1 
ATOM   217  C  C   . LYS A 1 29  ? 6.268   -16.053 -2.163  1.00 8.37  ? 301  LYS A C   1 
ATOM   218  O  O   . LYS A 1 29  ? 5.738   -15.325 -3.006  1.00 7.11  ? 301  LYS A O   1 
ATOM   219  C  CB  . LYS A 1 29  ? 5.232   -15.805 0.115   1.00 8.78  ? 301  LYS A CB  1 
ATOM   220  C  CG  . LYS A 1 29  ? 4.781   -17.247 0.199   1.00 12.07 ? 301  LYS A CG  1 
ATOM   221  C  CD  . LYS A 1 29  ? 3.538   -17.359 1.084   1.00 16.38 ? 301  LYS A CD  1 
ATOM   222  C  CE  . LYS A 1 29  ? 3.003   -18.784 1.134   1.00 20.38 ? 301  LYS A CE  1 
ATOM   223  N  NZ  . LYS A 1 29  ? 1.745   -18.837 1.925   1.00 32.57 ? 301  LYS A NZ  1 
ATOM   224  N  N   . LYS A 1 30  ? 6.695   -17.283 -2.423  1.00 8.07  ? 302  LYS A N   1 
ATOM   225  C  CA  . LYS A 1 30  ? 6.500   -17.938 -3.704  1.00 7.95  ? 302  LYS A CA  1 
ATOM   226  C  C   . LYS A 1 30  ? 5.075   -18.479 -3.750  1.00 10.43 ? 302  LYS A C   1 
ATOM   227  O  O   . LYS A 1 30  ? 4.704   -19.323 -2.928  1.00 6.47  ? 302  LYS A O   1 
ATOM   228  C  CB  . LYS A 1 30  ? 7.535   -19.058 -3.870  1.00 6.82  ? 302  LYS A CB  1 
ATOM   229  C  CG  . LYS A 1 30  ? 7.469   -19.846 -5.163  1.00 6.42  ? 302  LYS A CG  1 
ATOM   230  C  CD  . LYS A 1 30  ? 8.572   -20.916 -5.172  1.00 6.67  ? 302  LYS A CD  1 
ATOM   231  C  CE  . LYS A 1 30  ? 8.663   -21.640 -6.510  1.00 7.76  ? 302  LYS A CE  1 
ATOM   232  N  NZ  . LYS A 1 30  ? 7.385   -22.341 -6.876  1.00 9.33  ? 302  LYS A NZ  1 
ATOM   233  N  N   . MET A 1 31  ? 4.283   -17.994 -4.702  1.00 6.27  ? 303  MET A N   1 
ATOM   234  C  CA  . MET A 1 31  ? 2.852   -18.294 -4.756  1.00 6.40  ? 303  MET A CA  1 
ATOM   235  C  C   . MET A 1 31  ? 2.443   -19.068 -6.006  1.00 8.08  ? 303  MET A C   1 
ATOM   236  O  O   . MET A 1 31  ? 1.251   -19.253 -6.264  1.00 10.00 ? 303  MET A O   1 
ATOM   237  C  CB  . MET A 1 31  ? 2.036   -16.998 -4.703  1.00 9.44  ? 303  MET A CB  1 
ATOM   238  C  CG  . MET A 1 31  ? 2.434   -16.047 -3.586  1.00 15.86 ? 303  MET A CG  1 
ATOM   239  S  SD  . MET A 1 31  ? 1.834   -16.621 -1.998  1.00 20.43 ? 303  MET A SD  1 
ATOM   240  C  CE  . MET A 1 31  ? 0.101   -16.211 -2.142  1.00 15.29 ? 303  MET A CE  1 
ATOM   241  N  N   . ASP A 1 32  ? 3.417   -19.504 -6.794  1.00 8.34  ? 304  ASP A N   1 
ATOM   242  C  CA  . ASP A 1 32  ? 3.115   -20.287 -7.983  1.00 6.17  ? 304  ASP A CA  1 
ATOM   243  C  C   . ASP A 1 32  ? 3.852   -21.619 -7.936  1.00 14.74 ? 304  ASP A C   1 
ATOM   244  O  O   . ASP A 1 32  ? 4.910   -21.725 -7.338  1.00 12.93 ? 304  ASP A O   1 
ATOM   245  C  CB  . ASP A 1 32  ? 3.494   -19.532 -9.262  1.00 7.72  ? 304  ASP A CB  1 
ATOM   246  C  CG  . ASP A 1 32  ? 2.577   -18.356 -9.540  1.00 7.41  ? 304  ASP A CG  1 
ATOM   247  O  OD1 . ASP A 1 32  ? 1.373   -18.443 -9.217  1.00 5.64  ? 304  ASP A OD1 1 
ATOM   248  O  OD2 . ASP A 1 32  ? 3.063   -17.356 -10.100 1.00 8.26  ? 304  ASP A OD2 1 
ATOM   249  N  N   . VAL A 1 33  ? 3.251   -22.640 -8.532  1.00 13.57 ? 305  VAL A N   1 
ATOM   250  C  CA  . VAL A 1 33  ? 3.931   -23.903 -8.780  1.00 12.65 ? 305  VAL A CA  1 
ATOM   251  C  C   . VAL A 1 33  ? 4.453   -23.826 -10.200 1.00 12.87 ? 305  VAL A C   1 
ATOM   252  O  O   . VAL A 1 33  ? 3.693   -23.522 -11.113 1.00 11.87 ? 305  VAL A O   1 
ATOM   253  C  CB  . VAL A 1 33  ? 2.976   -25.110 -8.613  1.00 15.61 ? 305  VAL A CB  1 
ATOM   254  C  CG1 . VAL A 1 33  ? 3.667   -26.419 -9.007  1.00 12.78 ? 305  VAL A CG1 1 
ATOM   255  C  CG2 . VAL A 1 33  ? 2.459   -25.180 -7.190  1.00 17.69 ? 305  VAL A CG2 1 
ATOM   256  N  N   . GLY A 1 34  ? 5.744   -24.079 -10.395 1.00 9.62  ? 306  GLY A N   1 
ATOM   257  C  CA  . GLY A 1 34  ? 6.323   -23.999 -11.722 1.00 9.91  ? 306  GLY A CA  1 
ATOM   258  C  C   . GLY A 1 34  ? 6.560   -22.554 -12.120 1.00 13.73 ? 306  GLY A C   1 
ATOM   259  O  O   . GLY A 1 34  ? 6.532   -22.201 -13.295 1.00 18.63 ? 306  GLY A O   1 
ATOM   260  N  N   . GLY A 1 35  ? 6.786   -21.711 -11.118 1.00 11.68 ? 307  GLY A N   1 
ATOM   261  C  CA  . GLY A 1 35  ? 7.005   -20.290 -11.325 1.00 11.51 ? 307  GLY A CA  1 
ATOM   262  C  C   . GLY A 1 35  ? 7.307   -19.670 -9.977  1.00 9.51  ? 307  GLY A C   1 
ATOM   263  O  O   . GLY A 1 35  ? 7.375   -20.373 -8.981  1.00 17.05 ? 307  GLY A O   1 
ATOM   264  N  N   . LEU A 1 36  ? 7.488   -18.360 -9.929  1.00 10.21 ? 308  LEU A N   1 
ATOM   265  C  CA  . LEU A 1 36  ? 7.764   -17.702 -8.661  1.00 6.02  ? 308  LEU A CA  1 
ATOM   266  C  C   . LEU A 1 36  ? 6.490   -17.059 -8.078  1.00 8.63  ? 308  LEU A C   1 
ATOM   267  O  O   . LEU A 1 36  ? 5.688   -17.730 -7.427  1.00 8.84  ? 308  LEU A O   1 
ATOM   268  C  CB  . LEU A 1 36  ? 8.874   -16.667 -8.846  1.00 8.51  ? 308  LEU A CB  1 
ATOM   269  C  CG  . LEU A 1 36  ? 10.235  -17.304 -9.167  1.00 9.41  ? 308  LEU A CG  1 
ATOM   270  C  CD1 . LEU A 1 36  ? 11.262  -16.246 -9.512  1.00 8.84  ? 308  LEU A CD1 1 
ATOM   271  C  CD2 . LEU A 1 36  ? 10.709  -18.167 -7.993  1.00 7.43  ? 308  LEU A CD2 1 
ATOM   272  N  N   . SER A 1 37  ? 6.339   -15.758 -8.284  1.00 4.87  ? 309  SER A N   1 
ATOM   273  C  CA  . SER A 1 37  ? 5.073   -15.060 -8.048  1.00 5.05  ? 309  SER A CA  1 
ATOM   274  C  C   . SER A 1 37  ? 5.006   -14.010 -9.135  1.00 4.55  ? 309  SER A C   1 
ATOM   275  O  O   . SER A 1 37  ? 6.013   -13.733 -9.782  1.00 6.05  ? 309  SER A O   1 
ATOM   276  C  CB  . SER A 1 37  ? 4.995   -14.418 -6.655  1.00 6.36  ? 309  SER A CB  1 
ATOM   277  O  OG  . SER A 1 37  ? 4.912   -15.397 -5.625  1.00 7.40  ? 309  SER A OG  1 
ATOM   278  N  N   . ASP A 1 38  ? 3.829   -13.441 -9.347  1.00 4.32  ? 310  ASP A N   1 
ATOM   279  C  CA  . ASP A 1 38  ? 3.645   -12.408 -10.357 1.00 4.31  ? 310  ASP A CA  1 
ATOM   280  C  C   . ASP A 1 38  ? 3.043   -11.202 -9.667  1.00 4.02  ? 310  ASP A C   1 
ATOM   281  O  O   . ASP A 1 38  ? 1.866   -10.915 -9.855  1.00 5.34  ? 310  ASP A O   1 
ATOM   282  C  CB  . ASP A 1 38  ? 2.734   -12.891 -11.482 1.00 4.38  ? 310  ASP A CB  1 
ATOM   283  C  CG  . ASP A 1 38  ? 3.218   -14.172 -12.102 1.00 9.10  ? 310  ASP A CG  1 
ATOM   284  O  OD1 . ASP A 1 38  ? 4.295   -14.133 -12.725 1.00 6.40  ? 310  ASP A OD1 1 
ATOM   285  O  OD2 . ASP A 1 38  ? 2.522   -15.204 -11.980 1.00 8.87  ? 310  ASP A OD2 1 
ATOM   286  N  N   . PRO A 1 39  ? 3.844   -10.508 -8.844  1.00 6.01  ? 311  PRO A N   1 
ATOM   287  C  CA  . PRO A 1 39  ? 3.281   -9.517  -7.920  1.00 3.42  ? 311  PRO A CA  1 
ATOM   288  C  C   . PRO A 1 39  ? 2.816   -8.210  -8.549  1.00 3.48  ? 311  PRO A C   1 
ATOM   289  O  O   . PRO A 1 39  ? 3.508   -7.618  -9.377  1.00 2.65  ? 311  PRO A O   1 
ATOM   290  C  CB  . PRO A 1 39  ? 4.447   -9.234  -6.964  1.00 3.72  ? 311  PRO A CB  1 
ATOM   291  C  CG  . PRO A 1 39  ? 5.676   -9.462  -7.810  1.00 2.67  ? 311  PRO A CG  1 
ATOM   292  C  CD  . PRO A 1 39  ? 5.301   -10.664 -8.664  1.00 5.00  ? 311  PRO A CD  1 
ATOM   293  N  N   . TYR A 1 40  ? 1.636   -7.773  -8.125  1.00 3.98  ? 312  TYR A N   1 
ATOM   294  C  CA  . TYR A 1 40  ? 1.205   -6.396  -8.312  1.00 2.83  ? 312  TYR A CA  1 
ATOM   295  C  C   . TYR A 1 40  ? 0.762   -5.893  -6.943  1.00 3.98  ? 312  TYR A C   1 
ATOM   296  O  O   . TYR A 1 40  ? 0.554   -6.680  -6.026  1.00 3.47  ? 312  TYR A O   1 
ATOM   297  C  CB  . TYR A 1 40  ? 0.080   -6.277  -9.348  1.00 3.05  ? 312  TYR A CB  1 
ATOM   298  C  CG  . TYR A 1 40  ? -1.202  -6.984  -8.987  1.00 5.55  ? 312  TYR A CG  1 
ATOM   299  C  CD1 . TYR A 1 40  ? -1.325  -8.367  -9.113  1.00 3.55  ? 312  TYR A CD1 1 
ATOM   300  C  CD2 . TYR A 1 40  ? -2.305  -6.268  -8.528  1.00 7.41  ? 312  TYR A CD2 1 
ATOM   301  C  CE1 . TYR A 1 40  ? -2.520  -9.022  -8.772  1.00 3.96  ? 312  TYR A CE1 1 
ATOM   302  C  CE2 . TYR A 1 40  ? -3.494  -6.904  -8.196  1.00 7.66  ? 312  TYR A CE2 1 
ATOM   303  C  CZ  . TYR A 1 40  ? -3.599  -8.279  -8.324  1.00 7.55  ? 312  TYR A CZ  1 
ATOM   304  O  OH  . TYR A 1 40  ? -4.788  -8.911  -7.988  1.00 7.91  ? 312  TYR A OH  1 
ATOM   305  N  N   . VAL A 1 41  ? 0.646   -4.581  -6.811  1.00 5.49  ? 313  VAL A N   1 
ATOM   306  C  CA  . VAL A 1 41  ? 0.298   -3.967  -5.540  1.00 3.52  ? 313  VAL A CA  1 
ATOM   307  C  C   . VAL A 1 41  ? -0.994  -3.189  -5.701  1.00 5.41  ? 313  VAL A C   1 
ATOM   308  O  O   . VAL A 1 41  ? -1.132  -2.395  -6.633  1.00 3.33  ? 313  VAL A O   1 
ATOM   309  C  CB  . VAL A 1 41  ? 1.427   -3.042  -5.050  1.00 2.68  ? 313  VAL A CB  1 
ATOM   310  C  CG1 . VAL A 1 41  ? 1.061   -2.440  -3.707  1.00 3.98  ? 313  VAL A CG1 1 
ATOM   311  C  CG2 . VAL A 1 41  ? 2.723   -3.842  -4.946  1.00 3.32  ? 313  VAL A CG2 1 
ATOM   312  N  N   . LYS A 1 42  ? -1.956  -3.448  -4.822  1.00 3.44  ? 314  LYS A N   1 
ATOM   313  C  CA  . LYS A 1 42  ? -3.190  -2.685  -4.828  1.00 4.84  ? 314  LYS A CA  1 
ATOM   314  C  C   . LYS A 1 42  ? -3.209  -1.748  -3.630  1.00 6.72  ? 314  LYS A C   1 
ATOM   315  O  O   . LYS A 1 42  ? -2.847  -2.141  -2.525  1.00 8.78  ? 314  LYS A O   1 
ATOM   316  C  CB  . LYS A 1 42  ? -4.406  -3.614  -4.814  1.00 4.29  ? 314  LYS A CB  1 
ATOM   317  C  CG  . LYS A 1 42  ? -5.656  -2.956  -5.369  1.00 12.65 ? 314  LYS A CG  1 
ATOM   318  C  CD  . LYS A 1 42  ? -6.739  -3.971  -5.664  1.00 16.64 ? 314  LYS A CD  1 
ATOM   319  C  CE  . LYS A 1 42  ? -7.882  -3.319  -6.407  1.00 12.68 ? 314  LYS A CE  1 
ATOM   320  N  NZ  . LYS A 1 42  ? -8.943  -4.294  -6.787  1.00 14.36 ? 314  LYS A NZ  1 
ATOM   321  N  N   . ILE A 1 43  ? -3.622  -0.505  -3.850  1.00 4.91  ? 315  ILE A N   1 
ATOM   322  C  CA  . ILE A 1 43  ? -3.671  0.478   -2.775  1.00 4.95  ? 315  ILE A CA  1 
ATOM   323  C  C   . ILE A 1 43  ? -5.104  0.925   -2.573  1.00 9.58  ? 315  ILE A C   1 
ATOM   324  O  O   . ILE A 1 43  ? -5.755  1.361   -3.525  1.00 7.73  ? 315  ILE A O   1 
ATOM   325  C  CB  . ILE A 1 43  ? -2.794  1.714   -3.079  1.00 4.54  ? 315  ILE A CB  1 
ATOM   326  C  CG1 . ILE A 1 43  ? -1.358  1.289   -3.390  1.00 9.13  ? 315  ILE A CG1 1 
ATOM   327  C  CG2 . ILE A 1 43  ? -2.837  2.717   -1.909  1.00 7.27  ? 315  ILE A CG2 1 
ATOM   328  C  CD1 . ILE A 1 43  ? -1.068  1.138   -4.878  1.00 14.43 ? 315  ILE A CD1 1 
ATOM   329  N  N   . HIS A 1 44  ? -5.602  0.781   -1.347  1.00 4.62  ? 316  HIS A N   1 
ATOM   330  C  CA  . HIS A 1 44  ? -6.938  1.252   -1.001  1.00 6.24  ? 316  HIS A CA  1 
ATOM   331  C  C   . HIS A 1 44  ? -6.839  2.417   -0.031  1.00 5.17  ? 316  HIS A C   1 
ATOM   332  O  O   . HIS A 1 44  ? -6.146  2.331   0.987   1.00 4.52  ? 316  HIS A O   1 
ATOM   333  C  CB  . HIS A 1 44  ? -7.788  0.143   -0.368  1.00 6.20  ? 316  HIS A CB  1 
ATOM   334  C  CG  . HIS A 1 44  ? -8.254  -0.902  -1.333  1.00 10.03 ? 316  HIS A CG  1 
ATOM   335  N  ND1 . HIS A 1 44  ? -7.514  -2.028  -1.627  1.00 14.14 ? 316  HIS A ND1 1 
ATOM   336  C  CD2 . HIS A 1 44  ? -9.389  -0.994  -2.067  1.00 8.33  ? 316  HIS A CD2 1 
ATOM   337  C  CE1 . HIS A 1 44  ? -8.176  -2.772  -2.497  1.00 14.15 ? 316  HIS A CE1 1 
ATOM   338  N  NE2 . HIS A 1 44  ? -9.314  -2.165  -2.783  1.00 12.21 ? 316  HIS A NE2 1 
ATOM   339  N  N   . LEU A 1 45  ? -7.518  3.509   -0.354  1.00 4.66  ? 317  LEU A N   1 
ATOM   340  C  CA  . LEU A 1 45  ? -7.694  4.595   0.605   1.00 3.55  ? 317  LEU A CA  1 
ATOM   341  C  C   . LEU A 1 45  ? -8.998  4.329   1.337   1.00 6.44  ? 317  LEU A C   1 
ATOM   342  O  O   . LEU A 1 45  ? -10.052 4.211   0.713   1.00 5.83  ? 317  LEU A O   1 
ATOM   343  C  CB  . LEU A 1 45  ? -7.730  5.960   -0.098  1.00 3.99  ? 317  LEU A CB  1 
ATOM   344  C  CG  . LEU A 1 45  ? -7.910  7.169   0.814   1.00 3.21  ? 317  LEU A CG  1 
ATOM   345  C  CD1 . LEU A 1 45  ? -6.634  7.407   1.595   1.00 6.50  ? 317  LEU A CD1 1 
ATOM   346  C  CD2 . LEU A 1 45  ? -8.296  8.416   0.020   1.00 5.18  ? 317  LEU A CD2 1 
ATOM   347  N  N   . MET A 1 46  ? -8.933  4.192   2.654   1.00 4.14  ? 318  MET A N   1 
ATOM   348  C  CA  . MET A 1 46  ? -10.131 3.855   3.402   1.00 6.26  ? 318  MET A CA  1 
ATOM   349  C  C   . MET A 1 46  ? -10.358 4.854   4.515   1.00 7.64  ? 318  MET A C   1 
ATOM   350  O  O   . MET A 1 46  ? -9.461  5.601   4.894   1.00 6.04  ? 318  MET A O   1 
ATOM   351  C  CB  . MET A 1 46  ? -10.032 2.434   3.962   1.00 7.44  ? 318  MET A CB  1 
ATOM   352  C  CG  . MET A 1 46  ? -9.777  1.386   2.875   1.00 10.64 ? 318  MET A CG  1 
ATOM   353  S  SD  . MET A 1 46  ? -10.067 -0.286  3.455   1.00 18.84 ? 318  MET A SD  1 
ATOM   354  C  CE  . MET A 1 46  ? -11.787 -0.184  3.952   1.00 22.76 ? 318  MET A CE  1 
ATOM   355  N  N   . GLN A 1 47  ? -11.578 4.890   5.022   1.00 7.38  ? 319  GLN A N   1 
ATOM   356  C  CA  . GLN A 1 47  ? -11.835 5.685   6.207   1.00 13.13 ? 319  GLN A CA  1 
ATOM   357  C  C   . GLN A 1 47  ? -12.416 4.717   7.216   1.00 27.07 ? 319  GLN A C   1 
ATOM   358  O  O   . GLN A 1 47  ? -13.621 4.482   7.255   1.00 31.22 ? 319  GLN A O   1 
ATOM   359  C  CB  . GLN A 1 47  ? -12.763 6.856   5.913   1.00 14.52 ? 319  GLN A CB  1 
ATOM   360  C  CG  . GLN A 1 47  ? -12.776 7.907   7.015   1.00 22.81 ? 319  GLN A CG  1 
ATOM   361  C  CD  . GLN A 1 47  ? -13.169 9.281   6.506   1.00 19.78 ? 319  GLN A CD  1 
ATOM   362  O  OE1 . GLN A 1 47  ? -12.461 9.887   5.699   1.00 28.96 ? 319  GLN A OE1 1 
ATOM   363  N  NE2 . GLN A 1 47  ? -14.296 9.783   6.986   1.00 39.24 ? 319  GLN A NE2 1 
ATOM   364  N  N   . ASN A 1 48  ? -11.505 4.134   7.991   1.00 36.20 ? 320  ASN A N   1 
ATOM   365  C  CA  . ASN A 1 48  ? -11.780 3.043   8.909   1.00 38.37 ? 320  ASN A CA  1 
ATOM   366  C  C   . ASN A 1 48  ? -12.375 1.847   8.171   1.00 35.89 ? 320  ASN A C   1 
ATOM   367  O  O   . ASN A 1 48  ? -11.631 1.076   7.557   1.00 24.62 ? 320  ASN A O   1 
ATOM   368  C  CB  . ASN A 1 48  ? -12.668 3.535   10.050  1.00 39.59 ? 320  ASN A CB  1 
ATOM   369  C  CG  . ASN A 1 48  ? -12.071 4.754   10.746  1.00 42.83 ? 320  ASN A CG  1 
ATOM   370  O  OD1 . ASN A 1 48  ? -12.623 5.852   10.682  1.00 54.46 ? 320  ASN A OD1 1 
ATOM   371  N  ND2 . ASN A 1 48  ? -10.913 4.569   11.378  1.00 33.61 ? 320  ASN A ND2 1 
ATOM   372  N  N   . GLY A 1 49  ? -13.697 1.701   8.202   1.00 37.84 ? 321  GLY A N   1 
ATOM   373  C  CA  . GLY A 1 49  ? -14.334 0.541   7.601   1.00 39.10 ? 321  GLY A CA  1 
ATOM   374  C  C   . GLY A 1 49  ? -14.736 0.685   6.141   1.00 43.92 ? 321  GLY A C   1 
ATOM   375  O  O   . GLY A 1 49  ? -15.115 -0.292  5.499   1.00 48.43 ? 321  GLY A O   1 
ATOM   376  N  N   . LYS A 1 50  ? -14.638 1.894   5.605   1.00 34.27 ? 322  LYS A N   1 
ATOM   377  C  CA  . LYS A 1 50  ? -15.227 2.188   4.307   1.00 20.12 ? 322  LYS A CA  1 
ATOM   378  C  C   . LYS A 1 50  ? -14.200 2.379   3.189   1.00 24.19 ? 322  LYS A C   1 
ATOM   379  O  O   . LYS A 1 50  ? -13.219 3.099   3.346   1.00 12.22 ? 322  LYS A O   1 
ATOM   380  C  CB  . LYS A 1 50  ? -16.096 3.434   4.422   1.00 29.50 ? 322  LYS A CB  1 
ATOM   381  C  CG  . LYS A 1 50  ? -16.828 3.808   3.159   1.00 31.66 ? 322  LYS A CG  1 
ATOM   382  C  CD  . LYS A 1 50  ? -18.294 4.089   3.459   1.00 41.78 ? 322  LYS A CD  1 
ATOM   383  C  CE  . LYS A 1 50  ? -18.451 5.049   4.623   1.00 43.64 ? 322  LYS A CE  1 
ATOM   384  N  NZ  . LYS A 1 50  ? -19.884 5.219   4.990   1.00 54.16 ? 322  LYS A NZ  1 
ATOM   385  N  N   . ARG A 1 51  ? -14.444 1.744   2.049   1.00 19.23 ? 323  ARG A N   1 
ATOM   386  C  CA  . ARG A 1 51  ? -13.578 1.923   0.886   1.00 13.42 ? 323  ARG A CA  1 
ATOM   387  C  C   . ARG A 1 51  ? -13.848 3.263   0.210   1.00 16.53 ? 323  ARG A C   1 
ATOM   388  O  O   . ARG A 1 51  ? -14.992 3.552   -0.141  1.00 24.57 ? 323  ARG A O   1 
ATOM   389  C  CB  . ARG A 1 51  ? -13.788 0.784   -0.107  1.00 19.51 ? 323  ARG A CB  1 
ATOM   390  C  CG  . ARG A 1 51  ? -13.259 -0.557  0.374   1.00 16.42 ? 323  ARG A CG  1 
ATOM   391  C  CD  . ARG A 1 51  ? -13.766 -1.687  -0.502  1.00 22.99 ? 323  ARG A CD  1 
ATOM   392  N  NE  . ARG A 1 51  ? -13.396 -2.977  0.067   1.00 28.25 ? 323  ARG A NE  1 
ATOM   393  C  CZ  . ARG A 1 51  ? -12.687 -3.901  -0.569  1.00 34.47 ? 323  ARG A CZ  1 
ATOM   394  N  NH1 . ARG A 1 51  ? -12.280 -3.691  -1.815  1.00 26.48 ? 323  ARG A NH1 1 
ATOM   395  N  NH2 . ARG A 1 51  ? -12.393 -5.043  0.042   1.00 28.30 ? 323  ARG A NH2 1 
ATOM   396  N  N   . LEU A 1 52  ? -12.810 4.084   0.040   1.00 7.93  ? 324  LEU A N   1 
ATOM   397  C  CA  . LEU A 1 52  ? -12.978 5.383   -0.622  1.00 4.96  ? 324  LEU A CA  1 
ATOM   398  C  C   . LEU A 1 52  ? -12.480 5.359   -2.071  1.00 8.40  ? 324  LEU A C   1 
ATOM   399  O  O   . LEU A 1 52  ? -13.234 5.670   -2.998  1.00 7.51  ? 324  LEU A O   1 
ATOM   400  C  CB  . LEU A 1 52  ? -12.254 6.501   0.154   1.00 9.71  ? 324  LEU A CB  1 
ATOM   401  C  CG  . LEU A 1 52  ? -12.650 6.752   1.621   1.00 7.70  ? 324  LEU A CG  1 
ATOM   402  C  CD1 . LEU A 1 52  ? -11.953 8.000   2.155   1.00 8.87  ? 324  LEU A CD1 1 
ATOM   403  C  CD2 . LEU A 1 52  ? -14.154 6.858   1.781   1.00 6.49  ? 324  LEU A CD2 1 
ATOM   404  N  N   . LYS A 1 53  ? -11.198 5.016   -2.247  1.00 6.31  ? 325  LYS A N   1 
ATOM   405  C  CA  . LYS A 1 53  ? -10.518 5.041   -3.545  1.00 3.97  ? 325  LYS A CA  1 
ATOM   406  C  C   . LYS A 1 53  ? -9.588  3.826   -3.627  1.00 5.20  ? 325  LYS A C   1 
ATOM   407  O  O   . LYS A 1 53  ? -9.128  3.332   -2.602  1.00 4.99  ? 325  LYS A O   1 
ATOM   408  C  CB  . LYS A 1 53  ? -9.700  6.327   -3.734  1.00 5.32  ? 325  LYS A CB  1 
ATOM   409  C  CG  . LYS A 1 53  ? -10.443 7.647   -3.452  1.00 5.47  ? 325  LYS A CG  1 
ATOM   410  C  CD  . LYS A 1 53  ? -11.285 8.114   -4.634  1.00 10.23 ? 325  LYS A CD  1 
ATOM   411  C  CE  . LYS A 1 53  ? -12.155 9.313   -4.256  1.00 7.35  ? 325  LYS A CE  1 
ATOM   412  N  NZ  . LYS A 1 53  ? -12.825 9.907   -5.442  1.00 5.47  ? 325  LYS A NZ  1 
ATOM   413  N  N   . LYS A 1 54  ? -9.313  3.354   -4.839  1.00 3.72  ? 326  LYS A N   1 
ATOM   414  C  CA  . LYS A 1 54  ? -8.377  2.251   -5.044  1.00 4.14  ? 326  LYS A CA  1 
ATOM   415  C  C   . LYS A 1 54  ? -7.483  2.533   -6.242  1.00 10.02 ? 326  LYS A C   1 
ATOM   416  O  O   . LYS A 1 54  ? -7.898  3.208   -7.191  1.00 8.68  ? 326  LYS A O   1 
ATOM   417  C  CB  . LYS A 1 54  ? -9.124  0.933   -5.258  1.00 6.63  ? 326  LYS A CB  1 
ATOM   418  C  CG  . LYS A 1 54  ? -10.104 0.993   -6.430  1.00 4.83  ? 326  LYS A CG  1 
ATOM   419  C  CD  . LYS A 1 54  ? -10.836 -0.328  -6.645  1.00 7.68  ? 326  LYS A CD  1 
ATOM   420  C  CE  . LYS A 1 54  ? -11.862 -0.204  -7.758  1.00 7.04  ? 326  LYS A CE  1 
ATOM   421  N  NZ  . LYS A 1 54  ? -12.580 -1.487  -8.062  1.00 5.52  ? 326  LYS A NZ  1 
ATOM   422  N  N   . LYS A 1 55  ? -6.250  2.041   -6.193  1.00 4.62  ? 327  LYS A N   1 
ATOM   423  C  CA  . LYS A 1 55  ? -5.356  2.104   -7.347  1.00 5.05  ? 327  LYS A CA  1 
ATOM   424  C  C   . LYS A 1 55  ? -4.509  0.844   -7.362  1.00 3.85  ? 327  LYS A C   1 
ATOM   425  O  O   . LYS A 1 55  ? -4.491  0.096   -6.377  1.00 5.13  ? 327  LYS A O   1 
ATOM   426  C  CB  . LYS A 1 55  ? -4.474  3.355   -7.305  1.00 5.89  ? 327  LYS A CB  1 
ATOM   427  C  CG  . LYS A 1 55  ? -5.264  4.667   -7.128  1.00 10.03 ? 327  LYS A CG  1 
ATOM   428  C  CD  . LYS A 1 55  ? -4.763  5.798   -7.970  1.00 8.06  ? 327  LYS A CD  1 
ATOM   429  C  CE  . LYS A 1 55  ? -5.678  7.032   -7.830  1.00 10.69 ? 327  LYS A CE  1 
ATOM   430  N  NZ  . LYS A 1 55  ? -5.121  8.251   -8.494  1.00 10.24 ? 327  LYS A NZ  1 
ATOM   431  N  N   . LYS A 1 56  ? -3.801  0.605   -8.458  1.00 3.46  ? 328  LYS A N   1 
ATOM   432  C  CA  . LYS A 1 56  ? -2.943  -0.574  -8.519  1.00 5.08  ? 328  LYS A CA  1 
ATOM   433  C  C   . LYS A 1 56  ? -1.746  -0.370  -9.432  1.00 6.23  ? 328  LYS A C   1 
ATOM   434  O  O   . LYS A 1 56  ? -1.803  0.414   -10.386 1.00 3.70  ? 328  LYS A O   1 
ATOM   435  C  CB  . LYS A 1 56  ? -3.746  -1.803  -8.979  1.00 3.31  ? 328  LYS A CB  1 
ATOM   436  C  CG  . LYS A 1 56  ? -4.226  -1.743  -10.431 1.00 8.05  ? 328  LYS A CG  1 
ATOM   437  C  CD  . LYS A 1 56  ? -5.180  -2.901  -10.756 1.00 7.91  ? 328  LYS A CD  1 
ATOM   438  C  CE  . LYS A 1 56  ? -5.668  -2.851  -12.200 1.00 7.72  ? 328  LYS A CE  1 
ATOM   439  N  NZ  . LYS A 1 56  ? -6.750  -3.868  -12.415 1.00 8.86  ? 328  LYS A NZ  1 
ATOM   440  N  N   . THR A 1 57  ? -0.661  -1.078  -9.128  1.00 4.38  ? 329  THR A N   1 
ATOM   441  C  CA  . THR A 1 57  ? 0.509   -1.087  -9.993  1.00 2.80  ? 329  THR A CA  1 
ATOM   442  C  C   . THR A 1 57  ? 0.348   -2.008  -11.189 1.00 6.06  ? 329  THR A C   1 
ATOM   443  O  O   . THR A 1 57  ? -0.590  -2.803  -11.261 1.00 4.57  ? 329  THR A O   1 
ATOM   444  C  CB  . THR A 1 57  ? 1.773   -1.575  -9.263  1.00 5.33  ? 329  THR A CB  1 
ATOM   445  O  OG1 . THR A 1 57  ? 1.639   -2.972  -8.955  1.00 2.97  ? 329  THR A OG1 1 
ATOM   446  C  CG2 . THR A 1 57  ? 2.036   -0.785  -8.005  1.00 1.91  ? 329  THR A CG2 1 
ATOM   447  N  N   . THR A 1 58  ? 1.300   -1.920  -12.115 1.00 3.17  ? 330  THR A N   1 
ATOM   448  C  CA  . THR A 1 58  ? 1.453   -2.957  -13.115 1.00 5.04  ? 330  THR A CA  1 
ATOM   449  C  C   . THR A 1 58  ? 1.865   -4.277  -12.441 1.00 6.53  ? 330  THR A C   1 
ATOM   450  O  O   . THR A 1 58  ? 2.234   -4.314  -11.268 1.00 2.90  ? 330  THR A O   1 
ATOM   451  C  CB  . THR A 1 58  ? 2.511   -2.582  -14.176 1.00 8.11  ? 330  THR A CB  1 
ATOM   452  O  OG1 . THR A 1 58  ? 3.793   -2.495  -13.543 1.00 7.06  ? 330  THR A OG1 1 
ATOM   453  C  CG2 . THR A 1 58  ? 2.173   -1.230  -14.841 1.00 5.68  ? 330  THR A CG2 1 
ATOM   454  N  N   . ILE A 1 59  ? 1.781   -5.357  -13.207 1.00 5.43  ? 331  ILE A N   1 
ATOM   455  C  CA  . ILE A 1 59  ? 2.197   -6.687  -12.771 1.00 5.66  ? 331  ILE A CA  1 
ATOM   456  C  C   . ILE A 1 59  ? 3.630   -6.967  -13.192 1.00 7.13  ? 331  ILE A C   1 
ATOM   457  O  O   . ILE A 1 59  ? 3.969   -6.749  -14.348 1.00 5.47  ? 331  ILE A O   1 
ATOM   458  C  CB  . ILE A 1 59  ? 1.300   -7.770  -13.396 1.00 7.54  ? 331  ILE A CB  1 
ATOM   459  C  CG1 . ILE A 1 59  ? -0.175  -7.490  -13.097 1.00 9.61  ? 331  ILE A CG1 1 
ATOM   460  C  CG2 . ILE A 1 59  ? 1.736   -9.163  -12.944 1.00 5.56  ? 331  ILE A CG2 1 
ATOM   461  C  CD1 . ILE A 1 59  ? -1.126  -8.362  -13.909 1.00 13.50 ? 331  ILE A CD1 1 
ATOM   462  N  N   . LYS A 1 60  ? 4.470   -7.430  -12.264 1.00 3.90  ? 332  LYS A N   1 
ATOM   463  C  CA  . LYS A 1 60  ? 5.816   -7.882  -12.608 1.00 6.95  ? 332  LYS A CA  1 
ATOM   464  C  C   . LYS A 1 60  ? 5.831   -9.406  -12.640 1.00 7.90  ? 332  LYS A C   1 
ATOM   465  O  O   . LYS A 1 60  ? 5.510   -10.048 -11.649 1.00 10.08 ? 332  LYS A O   1 
ATOM   466  C  CB  . LYS A 1 60  ? 6.843   -7.355  -11.604 1.00 7.01  ? 332  LYS A CB  1 
ATOM   467  C  CG  . LYS A 1 60  ? 6.749   -5.865  -11.400 1.00 5.25  ? 332  LYS A CG  1 
ATOM   468  C  CD  . LYS A 1 60  ? 7.034   -5.149  -12.704 1.00 6.76  ? 332  LYS A CD  1 
ATOM   469  C  CE  . LYS A 1 60  ? 6.889   -3.637  -12.552 1.00 10.88 ? 332  LYS A CE  1 
ATOM   470  N  NZ  . LYS A 1 60  ? 7.097   -2.954  -13.854 1.00 15.11 ? 332  LYS A NZ  1 
ATOM   471  N  N   . LYS A 1 61  ? 6.197   -9.987  -13.776 1.00 7.19  ? 333  LYS A N   1 
ATOM   472  C  CA  . LYS A 1 61  ? 6.080   -11.433 -13.949 1.00 5.13  ? 333  LYS A CA  1 
ATOM   473  C  C   . LYS A 1 61  ? 7.246   -12.183 -13.341 1.00 6.23  ? 333  LYS A C   1 
ATOM   474  O  O   . LYS A 1 61  ? 8.403   -11.763 -13.489 1.00 6.18  ? 333  LYS A O   1 
ATOM   475  C  CB  . LYS A 1 61  ? 5.983   -11.786 -15.440 1.00 8.94  ? 333  LYS A CB  1 
ATOM   476  C  CG  . LYS A 1 61  ? 4.841   -11.095 -16.156 1.00 19.86 ? 333  LYS A CG  1 
ATOM   477  C  CD  . LYS A 1 61  ? 3.536   -11.386 -15.461 1.00 16.65 ? 333  LYS A CD  1 
ATOM   478  C  CE  . LYS A 1 61  ? 2.360   -10.787 -16.230 1.00 33.09 ? 333  LYS A CE  1 
ATOM   479  N  NZ  . LYS A 1 61  ? 2.263   -11.341 -17.610 1.00 34.47 ? 333  LYS A NZ  1 
ATOM   480  N  N   . ASN A 1 62  ? 6.936   -13.286 -12.662 1.00 6.15  ? 334  ASN A N   1 
ATOM   481  C  CA  . ASN A 1 62  ? 7.937   -14.276 -12.270 1.00 6.17  ? 334  ASN A CA  1 
ATOM   482  C  C   . ASN A 1 62  ? 9.090   -13.683 -11.463 1.00 6.81  ? 334  ASN A C   1 
ATOM   483  O  O   . ASN A 1 62  ? 10.256  -13.773 -11.851 1.00 5.60  ? 334  ASN A O   1 
ATOM   484  C  CB  . ASN A 1 62  ? 8.480   -14.975 -13.524 1.00 7.07  ? 334  ASN A CB  1 
ATOM   485  C  CG  . ASN A 1 62  ? 9.326   -16.183 -13.197 1.00 15.07 ? 334  ASN A CG  1 
ATOM   486  O  OD1 . ASN A 1 62  ? 9.035   -16.918 -12.258 1.00 13.21 ? 334  ASN A OD1 1 
ATOM   487  N  ND2 . ASN A 1 62  ? 10.387  -16.396 -13.974 1.00 15.53 ? 334  ASN A ND2 1 
ATOM   488  N  N   . THR A 1 63  ? 8.762   -13.053 -10.345 1.00 3.52  ? 335  THR A N   1 
ATOM   489  C  CA  . THR A 1 63  ? 9.797   -12.475 -9.507  1.00 5.15  ? 335  THR A CA  1 
ATOM   490  C  C   . THR A 1 63  ? 9.332   -12.406 -8.063  1.00 7.22  ? 335  THR A C   1 
ATOM   491  O  O   . THR A 1 63  ? 8.143   -12.229 -7.792  1.00 6.83  ? 335  THR A O   1 
ATOM   492  C  CB  . THR A 1 63  ? 10.215  -11.069 -9.965  1.00 5.05  ? 335  THR A CB  1 
ATOM   493  O  OG1 . THR A 1 63  ? 11.246  -10.590 -9.089  1.00 5.60  ? 335  THR A OG1 1 
ATOM   494  C  CG2 . THR A 1 63  ? 9.030   -10.085 -9.918  1.00 6.23  ? 335  THR A CG2 1 
ATOM   495  N  N   . LEU A 1 64  ? 10.282  -12.561 -7.146  1.00 6.28  ? 336  LEU A N   1 
ATOM   496  C  CA  . LEU A 1 64  ? 10.023  -12.378 -5.719  1.00 4.65  ? 336  LEU A CA  1 
ATOM   497  C  C   . LEU A 1 64  ? 10.619  -11.044 -5.225  1.00 5.45  ? 336  LEU A C   1 
ATOM   498  O  O   . LEU A 1 64  ? 10.558  -10.729 -4.034  1.00 6.40  ? 336  LEU A O   1 
ATOM   499  C  CB  . LEU A 1 64  ? 10.594  -13.556 -4.913  1.00 10.92 ? 336  LEU A CB  1 
ATOM   500  C  CG  . LEU A 1 64  ? 10.119  -14.969 -5.299  1.00 9.20  ? 336  LEU A CG  1 
ATOM   501  C  CD1 . LEU A 1 64  ? 10.678  -16.041 -4.342  1.00 8.84  ? 336  LEU A CD1 1 
ATOM   502  C  CD2 . LEU A 1 64  ? 8.600   -15.028 -5.326  1.00 5.40  ? 336  LEU A CD2 1 
ATOM   503  N  N   . ASN A 1 65  ? 11.178  -10.266 -6.151  1.00 3.36  ? 337  ASN A N   1 
ATOM   504  C  CA  . ASN A 1 65  ? 11.785  -8.966  -5.833  1.00 4.59  ? 337  ASN A CA  1 
ATOM   505  C  C   . ASN A 1 65  ? 11.429  -7.894  -6.877  1.00 9.45  ? 337  ASN A C   1 
ATOM   506  O  O   . ASN A 1 65  ? 12.297  -7.399  -7.605  1.00 5.21  ? 337  ASN A O   1 
ATOM   507  C  CB  . ASN A 1 65  ? 13.315  -9.127  -5.705  1.00 7.26  ? 337  ASN A CB  1 
ATOM   508  C  CG  . ASN A 1 65  ? 14.054  -7.807  -5.531  1.00 12.51 ? 337  ASN A CG  1 
ATOM   509  O  OD1 . ASN A 1 65  ? 15.135  -7.627  -6.095  1.00 19.04 ? 337  ASN A OD1 1 
ATOM   510  N  ND2 . ASN A 1 65  ? 13.469  -6.871  -4.782  1.00 13.27 ? 337  ASN A ND2 1 
ATOM   511  N  N   . PRO A 1 66  ? 10.138  -7.537  -6.963  1.00 6.62  ? 338  PRO A N   1 
ATOM   512  C  CA  . PRO A 1 66  ? 9.687   -6.562  -7.967  1.00 6.85  ? 338  PRO A CA  1 
ATOM   513  C  C   . PRO A 1 66  ? 10.134  -5.135  -7.673  1.00 5.66  ? 338  PRO A C   1 
ATOM   514  O  O   . PRO A 1 66  ? 10.133  -4.726  -6.511  1.00 6.64  ? 338  PRO A O   1 
ATOM   515  C  CB  . PRO A 1 66  ? 8.160   -6.654  -7.878  1.00 4.10  ? 338  PRO A CB  1 
ATOM   516  C  CG  . PRO A 1 66  ? 7.913   -7.027  -6.444  1.00 4.58  ? 338  PRO A CG  1 
ATOM   517  C  CD  . PRO A 1 66  ? 9.018   -8.026  -6.143  1.00 5.34  ? 338  PRO A CD  1 
ATOM   518  N  N   . TYR A 1 67  ? 10.480  -4.394  -8.725  1.00 5.03  ? 339  TYR A N   1 
ATOM   519  C  CA  . TYR A 1 67  ? 10.763  -2.964  -8.633  1.00 5.42  ? 339  TYR A CA  1 
ATOM   520  C  C   . TYR A 1 67  ? 9.712   -2.206  -9.449  1.00 6.05  ? 339  TYR A C   1 
ATOM   521  O  O   . TYR A 1 67  ? 9.558   -2.468  -10.638 1.00 6.16  ? 339  TYR A O   1 
ATOM   522  C  CB  . TYR A 1 67  ? 12.178  -2.658  -9.143  1.00 8.61  ? 339  TYR A CB  1 
ATOM   523  C  CG  . TYR A 1 67  ? 12.497  -1.174  -9.222  1.00 6.46  ? 339  TYR A CG  1 
ATOM   524  C  CD1 . TYR A 1 67  ? 12.465  -0.380  -8.086  1.00 7.82  ? 339  TYR A CD1 1 
ATOM   525  C  CD2 . TYR A 1 67  ? 12.834  -0.575  -10.429 1.00 7.82  ? 339  TYR A CD2 1 
ATOM   526  C  CE1 . TYR A 1 67  ? 12.750  0.979   -8.148  1.00 6.74  ? 339  TYR A CE1 1 
ATOM   527  C  CE2 . TYR A 1 67  ? 13.121  0.792   -10.501 1.00 10.58 ? 339  TYR A CE2 1 
ATOM   528  C  CZ  . TYR A 1 67  ? 13.079  1.555   -9.354  1.00 6.82  ? 339  TYR A CZ  1 
ATOM   529  O  OH  . TYR A 1 67  ? 13.360  2.903   -9.402  1.00 11.92 ? 339  TYR A OH  1 
ATOM   530  N  N   . TYR A 1 68  ? 8.994   -1.278  -8.810  1.00 2.97  ? 340  TYR A N   1 
ATOM   531  C  CA  . TYR A 1 68  ? 7.864   -0.595  -9.445  1.00 4.96  ? 340  TYR A CA  1 
ATOM   532  C  C   . TYR A 1 68  ? 8.163   0.859   -9.789  1.00 4.79  ? 340  TYR A C   1 
ATOM   533  O  O   . TYR A 1 68  ? 8.052   1.267   -10.943 1.00 5.91  ? 340  TYR A O   1 
ATOM   534  C  CB  . TYR A 1 68  ? 6.619   -0.644  -8.534  1.00 3.64  ? 340  TYR A CB  1 
ATOM   535  C  CG  . TYR A 1 68  ? 6.113   -2.048  -8.308  1.00 4.25  ? 340  TYR A CG  1 
ATOM   536  C  CD1 . TYR A 1 68  ? 5.291   -2.668  -9.241  1.00 4.68  ? 340  TYR A CD1 1 
ATOM   537  C  CD2 . TYR A 1 68  ? 6.466   -2.758  -7.165  1.00 3.24  ? 340  TYR A CD2 1 
ATOM   538  C  CE1 . TYR A 1 68  ? 4.837   -3.974  -9.036  1.00 5.02  ? 340  TYR A CE1 1 
ATOM   539  C  CE2 . TYR A 1 68  ? 6.020   -4.051  -6.955  1.00 2.43  ? 340  TYR A CE2 1 
ATOM   540  C  CZ  . TYR A 1 68  ? 5.208   -4.654  -7.892  1.00 5.56  ? 340  TYR A CZ  1 
ATOM   541  O  OH  . TYR A 1 68  ? 4.774   -5.953  -7.672  1.00 3.87  ? 340  TYR A OH  1 
ATOM   542  N  N   . ASN A 1 69  ? 8.535   1.624   -8.769  1.00 4.41  ? 341  ASN A N   1 
ATOM   543  C  CA  . ASN A 1 69  ? 8.628   3.082   -8.864  1.00 6.20  ? 341  ASN A CA  1 
ATOM   544  C  C   . ASN A 1 69  ? 7.385   3.674   -9.542  1.00 8.97  ? 341  ASN A C   1 
ATOM   545  O  O   . ASN A 1 69  ? 7.486   4.388   -10.545 1.00 4.88  ? 341  ASN A O   1 
ATOM   546  C  CB  . ASN A 1 69  ? 9.890   3.519   -9.621  1.00 9.58  ? 341  ASN A CB  1 
ATOM   547  C  CG  . ASN A 1 69  ? 10.220  4.995   -9.391  1.00 12.98 ? 341  ASN A CG  1 
ATOM   548  O  OD1 . ASN A 1 69  ? 9.885   5.559   -8.347  1.00 13.13 ? 341  ASN A OD1 1 
ATOM   549  N  ND2 . ASN A 1 69  ? 10.849  5.626   -10.369 1.00 9.38  ? 341  ASN A ND2 1 
ATOM   550  N  N   . GLU A 1 70  ? 6.214   3.362   -8.989  1.00 4.84  ? 342  GLU A N   1 
ATOM   551  C  CA  . GLU A 1 70  ? 4.954   3.869   -9.515  1.00 3.91  ? 342  GLU A CA  1 
ATOM   552  C  C   . GLU A 1 70  ? 4.271   4.743   -8.479  1.00 3.63  ? 342  GLU A C   1 
ATOM   553  O  O   . GLU A 1 70  ? 4.123   4.348   -7.324  1.00 1.67  ? 342  GLU A O   1 
ATOM   554  C  CB  . GLU A 1 70  ? 4.030   2.723   -9.931  1.00 4.42  ? 342  GLU A CB  1 
ATOM   555  C  CG  . GLU A 1 70  ? 4.495   2.017   -11.185 1.00 3.38  ? 342  GLU A CG  1 
ATOM   556  C  CD  . GLU A 1 70  ? 3.601   0.864   -11.573 1.00 4.18  ? 342  GLU A CD  1 
ATOM   557  O  OE1 . GLU A 1 70  ? 2.367   1.024   -11.534 1.00 7.15  ? 342  GLU A OE1 1 
ATOM   558  O  OE2 . GLU A 1 70  ? 4.138   -0.204  -11.929 1.00 10.29 ? 342  GLU A OE2 1 
ATOM   559  N  N   . SER A 1 71  ? 3.859   5.935   -8.901  1.00 3.08  ? 343  SER A N   1 
ATOM   560  C  CA  . SER A 1 71  ? 3.309   6.915   -7.967  1.00 3.87  ? 343  SER A CA  1 
ATOM   561  C  C   . SER A 1 71  ? 1.779   6.916   -7.973  1.00 6.11  ? 343  SER A C   1 
ATOM   562  O  O   . SER A 1 71  ? 1.163   6.777   -9.034  1.00 5.98  ? 343  SER A O   1 
ATOM   563  C  CB  . SER A 1 71  ? 3.854   8.311   -8.306  1.00 7.64  ? 343  SER A CB  1 
ATOM   564  O  OG  . SER A 1 71  ? 3.200   9.308   -7.549  1.00 9.55  ? 343  SER A OG  1 
ATOM   565  N  N   . PHE A 1 72  ? 1.171   7.052   -6.788  1.00 5.60  ? 344  PHE A N   1 
ATOM   566  C  CA  . PHE A 1 72  ? -0.293  7.069   -6.654  1.00 7.00  ? 344  PHE A CA  1 
ATOM   567  C  C   . PHE A 1 72  ? -0.750  8.196   -5.743  1.00 4.45  ? 344  PHE A C   1 
ATOM   568  O  O   . PHE A 1 72  ? -0.413  8.211   -4.566  1.00 5.15  ? 344  PHE A O   1 
ATOM   569  C  CB  . PHE A 1 72  ? -0.812  5.728   -6.118  1.00 4.63  ? 344  PHE A CB  1 
ATOM   570  C  CG  . PHE A 1 72  ? -0.365  4.568   -6.942  1.00 5.90  ? 344  PHE A CG  1 
ATOM   571  C  CD1 . PHE A 1 72  ? -1.090  4.176   -8.050  1.00 3.52  ? 344  PHE A CD1 1 
ATOM   572  C  CD2 . PHE A 1 72  ? 0.820   3.915   -6.650  1.00 3.85  ? 344  PHE A CD2 1 
ATOM   573  C  CE1 . PHE A 1 72  ? -0.647  3.130   -8.840  1.00 2.64  ? 344  PHE A CE1 1 
ATOM   574  C  CE2 . PHE A 1 72  ? 1.269   2.868   -7.440  1.00 6.84  ? 344  PHE A CE2 1 
ATOM   575  C  CZ  . PHE A 1 72  ? 0.530   2.472   -8.528  1.00 2.92  ? 344  PHE A CZ  1 
ATOM   576  N  N   . SER A 1 73  ? -1.543  9.117   -6.284  1.00 5.47  ? 345  SER A N   1 
ATOM   577  C  CA  . SER A 1 73  ? -1.998  10.270  -5.504  1.00 4.92  ? 345  SER A CA  1 
ATOM   578  C  C   . SER A 1 73  ? -3.489  10.221  -5.198  1.00 6.58  ? 345  SER A C   1 
ATOM   579  O  O   . SER A 1 73  ? -4.286  9.759   -6.013  1.00 4.77  ? 345  SER A O   1 
ATOM   580  C  CB  . SER A 1 73  ? -1.663  11.568  -6.240  1.00 5.45  ? 345  SER A CB  1 
ATOM   581  O  OG  . SER A 1 73  ? -0.260  11.678  -6.409  1.00 7.03  ? 345  SER A OG  1 
ATOM   582  N  N   . PHE A 1 74  ? -3.838  10.702  -4.008  1.00 4.48  ? 346  PHE A N   1 
ATOM   583  C  CA  . PHE A 1 74  ? -5.206  10.730  -3.515  1.00 5.27  ? 346  PHE A CA  1 
ATOM   584  C  C   . PHE A 1 74  ? -5.514  12.100  -2.960  1.00 5.99  ? 346  PHE A C   1 
ATOM   585  O  O   . PHE A 1 74  ? -4.650  12.738  -2.363  1.00 5.81  ? 346  PHE A O   1 
ATOM   586  C  CB  . PHE A 1 74  ? -5.423  9.697   -2.401  1.00 4.91  ? 346  PHE A CB  1 
ATOM   587  C  CG  . PHE A 1 74  ? -5.158  8.287   -2.824  1.00 6.25  ? 346  PHE A CG  1 
ATOM   588  C  CD1 . PHE A 1 74  ? -6.166  7.522   -3.390  1.00 7.08  ? 346  PHE A CD1 1 
ATOM   589  C  CD2 . PHE A 1 74  ? -3.907  7.729   -2.658  1.00 8.12  ? 346  PHE A CD2 1 
ATOM   590  C  CE1 . PHE A 1 74  ? -5.931  6.223   -3.773  1.00 5.56  ? 346  PHE A CE1 1 
ATOM   591  C  CE2 . PHE A 1 74  ? -3.665  6.417   -3.050  1.00 7.10  ? 346  PHE A CE2 1 
ATOM   592  C  CZ  . PHE A 1 74  ? -4.674  5.673   -3.600  1.00 8.26  ? 346  PHE A CZ  1 
ATOM   593  N  N   . GLU A 1 75  ? -6.759  12.523  -3.120  1.00 7.53  ? 347  GLU A N   1 
ATOM   594  C  CA  . GLU A 1 75  ? -7.218  13.768  -2.526  1.00 7.37  ? 347  GLU A CA  1 
ATOM   595  C  C   . GLU A 1 75  ? -7.665  13.507  -1.086  1.00 10.83 ? 347  GLU A C   1 
ATOM   596  O  O   . GLU A 1 75  ? -8.653  12.809  -0.848  1.00 8.86  ? 347  GLU A O   1 
ATOM   597  C  CB  . GLU A 1 75  ? -8.356  14.362  -3.364  1.00 13.54 ? 347  GLU A CB  1 
ATOM   598  C  CG  . GLU A 1 75  ? -9.140  15.460  -2.677  1.00 24.02 ? 347  GLU A CG  1 
ATOM   599  C  CD  . GLU A 1 75  ? -8.423  16.787  -2.704  1.00 35.57 ? 347  GLU A CD  1 
ATOM   600  O  OE1 . GLU A 1 75  ? -7.830  17.114  -3.759  1.00 34.48 ? 347  GLU A OE1 1 
ATOM   601  O  OE2 . GLU A 1 75  ? -8.453  17.496  -1.671  1.00 33.32 ? 347  GLU A OE2 1 
ATOM   602  N  N   . VAL A 1 76  ? -6.905  14.029  -0.128  1.00 7.63  ? 348  VAL A N   1 
ATOM   603  C  CA  . VAL A 1 76  ? -7.268  13.932  1.288   1.00 7.16  ? 348  VAL A CA  1 
ATOM   604  C  C   . VAL A 1 76  ? -7.120  15.306  1.927   1.00 7.88  ? 348  VAL A C   1 
ATOM   605  O  O   . VAL A 1 76  ? -6.007  15.750  2.202   1.00 6.67  ? 348  VAL A O   1 
ATOM   606  C  CB  . VAL A 1 76  ? -6.399  12.919  2.072   1.00 5.77  ? 348  VAL A CB  1 
ATOM   607  C  CG1 . VAL A 1 76  ? -6.953  12.751  3.485   1.00 7.79  ? 348  VAL A CG1 1 
ATOM   608  C  CG2 . VAL A 1 76  ? -6.361  11.557  1.372   1.00 5.74  ? 348  VAL A CG2 1 
ATOM   609  N  N   . PRO A 1 77  ? -8.245  15.984  2.153   1.00 9.67  ? 349  PRO A N   1 
ATOM   610  C  CA  . PRO A 1 77  ? -8.228  17.342  2.703   1.00 13.10 ? 349  PRO A CA  1 
ATOM   611  C  C   . PRO A 1 77  ? -7.546  17.370  4.068   1.00 13.58 ? 349  PRO A C   1 
ATOM   612  O  O   . PRO A 1 77  ? -7.609  16.387  4.809   1.00 9.31  ? 349  PRO A O   1 
ATOM   613  C  CB  . PRO A 1 77  ? -9.716  17.698  2.819   1.00 12.90 ? 349  PRO A CB  1 
ATOM   614  C  CG  . PRO A 1 77  ? -10.409 16.755  1.914   1.00 19.71 ? 349  PRO A CG  1 
ATOM   615  C  CD  . PRO A 1 77  ? -9.614  15.496  1.924   1.00 9.70  ? 349  PRO A CD  1 
ATOM   616  N  N   . PHE A 1 78  ? -6.891  18.485  4.365   1.00 11.08 ? 350  PHE A N   1 
ATOM   617  C  CA  . PHE A 1 78  ? -6.142  18.685  5.598   1.00 12.61 ? 350  PHE A CA  1 
ATOM   618  C  C   . PHE A 1 78  ? -6.916  18.169  6.807   1.00 11.49 ? 350  PHE A C   1 
ATOM   619  O  O   . PHE A 1 78  ? -6.393  17.387  7.598   1.00 7.69  ? 350  PHE A O   1 
ATOM   620  C  CB  . PHE A 1 78  ? -5.814  20.179  5.747   1.00 9.77  ? 350  PHE A CB  1 
ATOM   621  C  CG  . PHE A 1 78  ? -4.879  20.503  6.870   1.00 11.10 ? 350  PHE A CG  1 
ATOM   622  C  CD1 . PHE A 1 78  ? -5.346  20.622  8.163   1.00 9.72  ? 350  PHE A CD1 1 
ATOM   623  C  CD2 . PHE A 1 78  ? -3.536  20.729  6.624   1.00 9.57  ? 350  PHE A CD2 1 
ATOM   624  C  CE1 . PHE A 1 78  ? -4.492  20.939  9.195   1.00 12.74 ? 350  PHE A CE1 1 
ATOM   625  C  CE2 . PHE A 1 78  ? -2.680  21.045  7.647   1.00 12.14 ? 350  PHE A CE2 1 
ATOM   626  C  CZ  . PHE A 1 78  ? -3.164  21.154  8.942   1.00 9.52  ? 350  PHE A CZ  1 
ATOM   627  N  N   . GLU A 1 79  ? -8.180  18.567  6.920   1.00 10.94 ? 351  GLU A N   1 
ATOM   628  C  CA  . GLU A 1 79  ? -8.988  18.205  8.087   1.00 14.91 ? 351  GLU A CA  1 
ATOM   629  C  C   . GLU A 1 79  ? -9.239  16.700  8.224   1.00 17.14 ? 351  GLU A C   1 
ATOM   630  O  O   . GLU A 1 79  ? -9.648  16.241  9.285   1.00 12.37 ? 351  GLU A O   1 
ATOM   631  C  CB  . GLU A 1 79  ? -10.343 18.935  8.053   1.00 16.42 ? 351  GLU A CB  1 
ATOM   632  C  CG  . GLU A 1 79  ? -10.253 20.456  8.181   1.00 14.71 ? 351  GLU A CG  1 
ATOM   633  C  CD  . GLU A 1 79  ? -10.053 21.156  6.841   1.00 29.96 ? 351  GLU A CD  1 
ATOM   634  O  OE1 . GLU A 1 79  ? -9.818  20.468  5.820   1.00 15.43 ? 351  GLU A OE1 1 
ATOM   635  O  OE2 . GLU A 1 79  ? -10.144 22.403  6.813   1.00 35.67 ? 351  GLU A OE2 1 
ATOM   636  N  N   . GLN A 1 80  ? -8.997  15.937  7.158   1.00 15.08 ? 352  GLN A N   1 
ATOM   637  C  CA  . GLN A 1 80  ? -9.321  14.508  7.149   1.00 12.48 ? 352  GLN A CA  1 
ATOM   638  C  C   . GLN A 1 80  ? -8.097  13.584  7.181   1.00 9.49  ? 352  GLN A C   1 
ATOM   639  O  O   . GLN A 1 80  ? -8.239  12.362  7.210   1.00 8.95  ? 352  GLN A O   1 
ATOM   640  C  CB  . GLN A 1 80  ? -10.156 14.165  5.913   1.00 13.04 ? 352  GLN A CB  1 
ATOM   641  C  CG  . GLN A 1 80  ? -11.436 14.986  5.761   1.00 20.72 ? 352  GLN A CG  1 
ATOM   642  C  CD  . GLN A 1 80  ? -12.426 14.716  6.866   1.00 26.59 ? 352  GLN A CD  1 
ATOM   643  O  OE1 . GLN A 1 80  ? -12.590 13.574  7.290   1.00 33.38 ? 352  GLN A OE1 1 
ATOM   644  N  NE2 . GLN A 1 80  ? -13.082 15.766  7.356   1.00 30.82 ? 352  GLN A NE2 1 
ATOM   645  N  N   . ILE A 1 81  ? -6.897  14.149  7.174   1.00 9.42  ? 353  ILE A N   1 
ATOM   646  C  CA  . ILE A 1 81  ? -5.708  13.318  6.979   1.00 7.23  ? 353  ILE A CA  1 
ATOM   647  C  C   . ILE A 1 81  ? -5.481  12.336  8.144   1.00 7.16  ? 353  ILE A C   1 
ATOM   648  O  O   . ILE A 1 81  ? -4.884  11.266  7.961   1.00 5.26  ? 353  ILE A O   1 
ATOM   649  C  CB  . ILE A 1 81  ? -4.459  14.197  6.755   1.00 5.21  ? 353  ILE A CB  1 
ATOM   650  C  CG1 . ILE A 1 81  ? -3.281  13.343  6.266   1.00 6.35  ? 353  ILE A CG1 1 
ATOM   651  C  CG2 . ILE A 1 81  ? -4.113  14.985  8.029   1.00 5.11  ? 353  ILE A CG2 1 
ATOM   652  C  CD1 . ILE A 1 81  ? -3.551  12.561  4.979   1.00 5.94  ? 353  ILE A CD1 1 
ATOM   653  N  N   . GLN A 1 82  ? -6.010  12.651  9.331   1.00 7.10  ? 354  GLN A N   1 
ATOM   654  C  CA  . GLN A 1 82  ? -5.830  11.749  10.471  1.00 4.52  ? 354  GLN A CA  1 
ATOM   655  C  C   . GLN A 1 82  ? -7.010  10.797  10.651  1.00 9.88  ? 354  GLN A C   1 
ATOM   656  O  O   . GLN A 1 82  ? -7.125  10.119  11.677  1.00 7.09  ? 354  GLN A O   1 
ATOM   657  C  CB  . GLN A 1 82  ? -5.591  12.550  11.763  1.00 7.18  ? 354  GLN A CB  1 
ATOM   658  C  CG  . GLN A 1 82  ? -4.284  13.365  11.762  1.00 5.14  ? 354  GLN A CG  1 
ATOM   659  C  CD  . GLN A 1 82  ? -3.038  12.499  11.863  1.00 7.59  ? 354  GLN A CD  1 
ATOM   660  O  OE1 . GLN A 1 82  ? -2.863  11.554  11.100  1.00 5.69  ? 354  GLN A OE1 1 
ATOM   661  N  NE2 . GLN A 1 82  ? -2.149  12.840  12.793  1.00 6.42  ? 354  GLN A NE2 1 
ATOM   662  N  N   . LYS A 1 83  ? -7.865  10.727  9.639   1.00 6.43  ? 355  LYS A N   1 
ATOM   663  C  CA  . LYS A 1 83  ? -9.029  9.848   9.680   1.00 7.39  ? 355  LYS A CA  1 
ATOM   664  C  C   . LYS A 1 83  ? -8.937  8.718   8.666   1.00 8.15  ? 355  LYS A C   1 
ATOM   665  O  O   . LYS A 1 83  ? -9.776  7.821   8.659   1.00 10.91 ? 355  LYS A O   1 
ATOM   666  C  CB  . LYS A 1 83  ? -10.309 10.644  9.427   1.00 11.04 ? 355  LYS A CB  1 
ATOM   667  C  CG  . LYS A 1 83  ? -10.565 11.739  10.455  1.00 11.97 ? 355  LYS A CG  1 
ATOM   668  C  CD  . LYS A 1 83  ? -11.859 12.470  10.150  1.00 22.77 ? 355  LYS A CD  1 
ATOM   669  C  CE  . LYS A 1 83  ? -11.948 13.788  10.912  1.00 32.13 ? 355  LYS A CE  1 
ATOM   670  N  NZ  . LYS A 1 83  ? -11.787 13.587  12.379  1.00 34.33 ? 355  LYS A NZ  1 
ATOM   671  N  N   . VAL A 1 84  ? -7.932  8.762   7.798   1.00 5.27  ? 356  VAL A N   1 
ATOM   672  C  CA  . VAL A 1 84  ? -7.863  7.787   6.712   1.00 5.64  ? 356  VAL A CA  1 
ATOM   673  C  C   . VAL A 1 84  ? -6.818  6.698   6.936   1.00 9.12  ? 356  VAL A C   1 
ATOM   674  O  O   . VAL A 1 84  ? -5.950  6.817   7.808   1.00 6.57  ? 356  VAL A O   1 
ATOM   675  C  CB  . VAL A 1 84  ? -7.558  8.468   5.357   1.00 7.51  ? 356  VAL A CB  1 
ATOM   676  C  CG1 . VAL A 1 84  ? -8.670  9.465   4.996   1.00 8.45  ? 356  VAL A CG1 1 
ATOM   677  C  CG2 . VAL A 1 84  ? -6.185  9.169   5.407   1.00 6.91  ? 356  VAL A CG2 1 
ATOM   678  N  N   . GLN A 1 85  ? -6.909  5.638   6.131   1.00 6.44  ? 357  GLN A N   1 
ATOM   679  C  CA  . GLN A 1 85  ? -5.887  4.596   6.094   1.00 7.18  ? 357  GLN A CA  1 
ATOM   680  C  C   . GLN A 1 85  ? -5.444  4.381   4.666   1.00 7.26  ? 357  GLN A C   1 
ATOM   681  O  O   . GLN A 1 85  ? -6.278  4.318   3.774   1.00 5.80  ? 357  GLN A O   1 
ATOM   682  C  CB  . GLN A 1 85  ? -6.392  3.252   6.641   1.00 8.61  ? 357  GLN A CB  1 
ATOM   683  C  CG  . GLN A 1 85  ? -6.857  3.275   8.092   1.00 10.62 ? 357  GLN A CG  1 
ATOM   684  C  CD  . GLN A 1 85  ? -8.339  3.527   8.200   1.00 23.61 ? 357  GLN A CD  1 
ATOM   685  O  OE1 . GLN A 1 85  ? -9.123  2.947   7.449   1.00 19.56 ? 357  GLN A OE1 1 
ATOM   686  N  NE2 . GLN A 1 85  ? -8.737  4.408   9.129   1.00 19.49 ? 357  GLN A NE2 1 
ATOM   687  N  N   . VAL A 1 86  ? -4.140  4.244   4.460   1.00 5.40  ? 358  VAL A N   1 
ATOM   688  C  CA  . VAL A 1 86  ? -3.630  3.780   3.179   1.00 5.03  ? 358  VAL A CA  1 
ATOM   689  C  C   . VAL A 1 86  ? -3.265  2.315   3.323   1.00 7.19  ? 358  VAL A C   1 
ATOM   690  O  O   . VAL A 1 86  ? -2.331  1.974   4.042   1.00 3.72  ? 358  VAL A O   1 
ATOM   691  C  CB  . VAL A 1 86  ? -2.414  4.580   2.709   1.00 3.54  ? 358  VAL A CB  1 
ATOM   692  C  CG1 . VAL A 1 86  ? -1.878  3.996   1.401   1.00 7.12  ? 358  VAL A CG1 1 
ATOM   693  C  CG2 . VAL A 1 86  ? -2.810  6.041   2.528   1.00 6.90  ? 358  VAL A CG2 1 
ATOM   694  N  N   . VAL A 1 87  ? -4.023  1.462   2.647   1.00 3.73  ? 359  VAL A N   1 
ATOM   695  C  CA  . VAL A 1 87  ? -3.846  0.022   2.738   1.00 4.84  ? 359  VAL A CA  1 
ATOM   696  C  C   . VAL A 1 87  ? -3.092  -0.491  1.515   1.00 5.96  ? 359  VAL A C   1 
ATOM   697  O  O   . VAL A 1 87  ? -3.508  -0.255  0.384   1.00 7.11  ? 359  VAL A O   1 
ATOM   698  C  CB  . VAL A 1 87  ? -5.200  -0.699  2.842   1.00 8.30  ? 359  VAL A CB  1 
ATOM   699  C  CG1 . VAL A 1 87  ? -4.994  -2.170  3.105   1.00 6.16  ? 359  VAL A CG1 1 
ATOM   700  C  CG2 . VAL A 1 87  ? -6.070  -0.067  3.928   1.00 6.00  ? 359  VAL A CG2 1 
ATOM   701  N  N   . VAL A 1 88  ? -1.989  -1.198  1.748   1.00 6.05  ? 360  VAL A N   1 
ATOM   702  C  CA  . VAL A 1 88  ? -1.135  -1.668  0.661   1.00 3.82  ? 360  VAL A CA  1 
ATOM   703  C  C   . VAL A 1 88  ? -1.125  -3.192  0.676   1.00 4.65  ? 360  VAL A C   1 
ATOM   704  O  O   . VAL A 1 88  ? -0.738  -3.805  1.675   1.00 4.77  ? 360  VAL A O   1 
ATOM   705  C  CB  . VAL A 1 88  ? 0.306   -1.105  0.793   1.00 3.87  ? 360  VAL A CB  1 
ATOM   706  C  CG1 . VAL A 1 88  ? 1.219   -1.652  -0.315  1.00 3.98  ? 360  VAL A CG1 1 
ATOM   707  C  CG2 . VAL A 1 88  ? 0.288   0.422   0.767   1.00 6.00  ? 360  VAL A CG2 1 
ATOM   708  N  N   . THR A 1 89  ? -1.605  -3.795  -0.411  1.00 4.78  ? 361  THR A N   1 
ATOM   709  C  CA  . THR A 1 89  ? -1.693  -5.250  -0.508  1.00 4.83  ? 361  THR A CA  1 
ATOM   710  C  C   . THR A 1 89  ? -0.845  -5.743  -1.672  1.00 6.07  ? 361  THR A C   1 
ATOM   711  O  O   . THR A 1 89  ? -0.986  -5.249  -2.782  1.00 4.36  ? 361  THR A O   1 
ATOM   712  C  CB  . THR A 1 89  ? -3.150  -5.740  -0.733  1.00 9.32  ? 361  THR A CB  1 
ATOM   713  O  OG1 . THR A 1 89  ? -4.029  -5.179  0.258   1.00 7.15  ? 361  THR A OG1 1 
ATOM   714  C  CG2 . THR A 1 89  ? -3.218  -7.267  -0.667  1.00 5.46  ? 361  THR A CG2 1 
ATOM   715  N  N   . VAL A 1 90  ? 0.021   -6.723  -1.426  1.00 4.59  ? 362  VAL A N   1 
ATOM   716  C  CA  . VAL A 1 90  ? 0.743   -7.354  -2.519  1.00 4.04  ? 362  VAL A CA  1 
ATOM   717  C  C   . VAL A 1 90  ? 0.030   -8.650  -2.889  1.00 3.76  ? 362  VAL A C   1 
ATOM   718  O  O   . VAL A 1 90  ? -0.260  -9.485  -2.021  1.00 3.28  ? 362  VAL A O   1 
ATOM   719  C  CB  . VAL A 1 90  ? 2.213   -7.639  -2.157  1.00 3.40  ? 362  VAL A CB  1 
ATOM   720  C  CG1 . VAL A 1 90  ? 2.957   -8.192  -3.373  1.00 2.61  ? 362  VAL A CG1 1 
ATOM   721  C  CG2 . VAL A 1 90  ? 2.889   -6.352  -1.662  1.00 4.74  ? 362  VAL A CG2 1 
ATOM   722  N  N   . LEU A 1 91  ? -0.246  -8.816  -4.178  1.00 3.47  ? 363  LEU A N   1 
ATOM   723  C  CA  . LEU A 1 91  ? -0.966  -9.988  -4.663  1.00 5.16  ? 363  LEU A CA  1 
ATOM   724  C  C   . LEU A 1 91  ? -0.217  -10.664 -5.794  1.00 5.60  ? 363  LEU A C   1 
ATOM   725  O  O   . LEU A 1 91  ? 0.459   -10.001 -6.571  1.00 3.77  ? 363  LEU A O   1 
ATOM   726  C  CB  . LEU A 1 91  ? -2.364  -9.605  -5.144  1.00 7.20  ? 363  LEU A CB  1 
ATOM   727  C  CG  . LEU A 1 91  ? -3.276  -9.047  -4.059  1.00 10.43 ? 363  LEU A CG  1 
ATOM   728  C  CD1 . LEU A 1 91  ? -3.641  -7.618  -4.382  1.00 8.77  ? 363  LEU A CD1 1 
ATOM   729  C  CD2 . LEU A 1 91  ? -4.515  -9.923  -3.928  1.00 13.13 ? 363  LEU A CD2 1 
ATOM   730  N  N   . ASP A 1 92  ? -0.359  -11.983 -5.886  1.00 3.84  ? 364  ASP A N   1 
ATOM   731  C  CA  . ASP A 1 92  ? 0.225   -12.740 -6.990  1.00 5.54  ? 364  ASP A CA  1 
ATOM   732  C  C   . ASP A 1 92  ? -0.821  -12.941 -8.086  1.00 7.16  ? 364  ASP A C   1 
ATOM   733  O  O   . ASP A 1 92  ? -1.821  -13.638 -7.890  1.00 5.22  ? 364  ASP A O   1 
ATOM   734  C  CB  . ASP A 1 92  ? 0.752   -14.087 -6.500  1.00 5.51  ? 364  ASP A CB  1 
ATOM   735  C  CG  . ASP A 1 92  ? 0.956   -15.073 -7.624  1.00 7.23  ? 364  ASP A CG  1 
ATOM   736  O  OD1 . ASP A 1 92  ? 1.471   -14.675 -8.688  1.00 5.73  ? 364  ASP A OD1 1 
ATOM   737  O  OD2 . ASP A 1 92  ? 0.596   -16.249 -7.445  1.00 7.99  ? 364  ASP A OD2 1 
ATOM   738  N  N   . TYR A 1 93  ? -0.610  -12.299 -9.226  1.00 4.82  ? 365  TYR A N   1 
ATOM   739  C  CA  . TYR A 1 93  ? -1.510  -12.481 -10.362 1.00 6.15  ? 365  TYR A CA  1 
ATOM   740  C  C   . TYR A 1 93  ? -1.493  -13.925 -10.857 1.00 7.95  ? 365  TYR A C   1 
ATOM   741  O  O   . TYR A 1 93  ? -0.426  -14.488 -11.058 1.00 7.19  ? 365  TYR A O   1 
ATOM   742  C  CB  . TYR A 1 93  ? -1.121  -11.531 -11.500 1.00 7.39  ? 365  TYR A CB  1 
ATOM   743  C  CG  . TYR A 1 93  ? -1.700  -11.943 -12.837 1.00 10.66 ? 365  TYR A CG  1 
ATOM   744  C  CD1 . TYR A 1 93  ? -3.006  -11.620 -13.182 1.00 13.83 ? 365  TYR A CD1 1 
ATOM   745  C  CD2 . TYR A 1 93  ? -0.942  -12.663 -13.748 1.00 13.45 ? 365  TYR A CD2 1 
ATOM   746  C  CE1 . TYR A 1 93  ? -3.543  -12.009 -14.411 1.00 16.17 ? 365  TYR A CE1 1 
ATOM   747  C  CE2 . TYR A 1 93  ? -1.464  -13.055 -14.964 1.00 16.89 ? 365  TYR A CE2 1 
ATOM   748  C  CZ  . TYR A 1 93  ? -2.764  -12.728 -15.291 1.00 14.67 ? 365  TYR A CZ  1 
ATOM   749  O  OH  . TYR A 1 93  ? -3.272  -13.116 -16.511 1.00 31.23 ? 365  TYR A OH  1 
ATOM   750  N  N   . ASP A 1 94  ? -2.676  -14.513 -11.036 1.00 6.67  ? 366  ASP A N   1 
ATOM   751  C  CA  . ASP A 1 94  ? -2.839  -15.818 -11.691 1.00 7.95  ? 366  ASP A CA  1 
ATOM   752  C  C   . ASP A 1 94  ? -3.844  -15.720 -12.841 1.00 7.22  ? 366  ASP A C   1 
ATOM   753  O  O   . ASP A 1 94  ? -4.926  -15.152 -12.675 1.00 5.87  ? 366  ASP A O   1 
ATOM   754  C  CB  . ASP A 1 94  ? -3.348  -16.895 -10.719 1.00 7.46  ? 366  ASP A CB  1 
ATOM   755  C  CG  . ASP A 1 94  ? -2.291  -17.394 -9.770  1.00 13.21 ? 366  ASP A CG  1 
ATOM   756  O  OD1 . ASP A 1 94  ? -1.109  -17.031 -9.926  1.00 8.76  ? 366  ASP A OD1 1 
ATOM   757  O  OD2 . ASP A 1 94  ? -2.656  -18.175 -8.860  1.00 11.05 ? 366  ASP A OD2 1 
ATOM   758  N  N   . LYS A 1 95  ? -3.521  -16.312 -13.983 1.00 5.54  ? 367  LYS A N   1 
ATOM   759  C  CA  . LYS A 1 95  ? -4.514  -16.437 -15.047 1.00 9.18  ? 367  LYS A CA  1 
ATOM   760  C  C   . LYS A 1 95  ? -5.589  -17.444 -14.640 1.00 8.48  ? 367  LYS A C   1 
ATOM   761  O  O   . LYS A 1 95  ? -6.768  -17.296 -14.963 1.00 8.01  ? 367  LYS A O   1 
ATOM   762  C  CB  . LYS A 1 95  ? -3.865  -16.867 -16.359 1.00 12.41 ? 367  LYS A CB  1 
ATOM   763  C  CG  . LYS A 1 95  ? -4.877  -17.142 -17.467 1.00 22.04 ? 367  LYS A CG  1 
ATOM   764  C  CD  . LYS A 1 95  ? -4.334  -16.741 -18.835 1.00 38.08 ? 367  LYS A CD  1 
ATOM   765  C  CE  . LYS A 1 95  ? -5.346  -17.014 -19.949 1.00 33.60 ? 367  LYS A CE  1 
ATOM   766  N  NZ  . LYS A 1 95  ? -5.315  -18.430 -20.403 1.00 29.50 ? 367  LYS A NZ  1 
ATOM   767  N  N   . ILE A 1 96  ? -5.168  -18.477 -13.929 1.00 6.89  ? 368  ILE A N   1 
ATOM   768  C  CA  . ILE A 1 96  ? -6.085  -19.532 -13.535 1.00 7.89  ? 368  ILE A CA  1 
ATOM   769  C  C   . ILE A 1 96  ? -6.176  -19.578 -12.023 1.00 9.80  ? 368  ILE A C   1 
ATOM   770  O  O   . ILE A 1 96  ? -5.169  -19.772 -11.340 1.00 11.59 ? 368  ILE A O   1 
ATOM   771  C  CB  . ILE A 1 96  ? -5.639  -20.911 -14.059 1.00 7.72  ? 368  ILE A CB  1 
ATOM   772  C  CG1 . ILE A 1 96  ? -5.440  -20.864 -15.574 1.00 14.06 ? 368  ILE A CG1 1 
ATOM   773  C  CG2 . ILE A 1 96  ? -6.660  -21.997 -13.642 1.00 11.03 ? 368  ILE A CG2 1 
ATOM   774  C  CD1 . ILE A 1 96  ? -4.914  -22.152 -16.160 1.00 15.43 ? 368  ILE A CD1 1 
ATOM   775  N  N   . GLY A 1 97  ? -7.383  -19.382 -11.507 1.00 5.56  ? 369  GLY A N   1 
ATOM   776  C  CA  . GLY A 1 97  ? -7.618  -19.455 -10.083 1.00 8.03  ? 369  GLY A CA  1 
ATOM   777  C  C   . GLY A 1 97  ? -7.406  -18.111 -9.426  1.00 4.12  ? 369  GLY A C   1 
ATOM   778  O  O   . GLY A 1 97  ? -7.086  -17.130 -10.092 1.00 5.76  ? 369  GLY A O   1 
ATOM   779  N  N   . LYS A 1 98  ? -7.592  -18.068 -8.112  1.00 4.45  ? 370  LYS A N   1 
ATOM   780  C  CA  . LYS A 1 98  ? -7.566  -16.806 -7.371  1.00 8.29  ? 370  LYS A CA  1 
ATOM   781  C  C   . LYS A 1 98  ? -6.213  -16.105 -7.418  1.00 8.84  ? 370  LYS A C   1 
ATOM   782  O  O   . LYS A 1 98  ? -5.172  -16.750 -7.324  1.00 6.05  ? 370  LYS A O   1 
ATOM   783  C  CB  . LYS A 1 98  ? -7.951  -17.055 -5.913  1.00 8.22  ? 370  LYS A CB  1 
ATOM   784  C  CG  . LYS A 1 98  ? -8.251  -15.786 -5.105  1.00 11.42 ? 370  LYS A CG  1 
ATOM   785  C  CD  . LYS A 1 98  ? -8.393  -16.119 -3.614  1.00 18.98 ? 370  LYS A CD  1 
ATOM   786  C  CE  . LYS A 1 98  ? -9.309  -15.145 -2.880  1.00 35.90 ? 370  LYS A CE  1 
ATOM   787  N  NZ  . LYS A 1 98  ? -8.850  -13.732 -2.980  1.00 43.93 ? 370  LYS A NZ  1 
ATOM   788  N  N   . ASN A 1 99  ? -6.227  -14.780 -7.556  1.00 7.08  ? 371  ASN A N   1 
ATOM   789  C  CA  . ASN A 1 99  ? -5.032  -13.982 -7.287  1.00 7.00  ? 371  ASN A CA  1 
ATOM   790  C  C   . ASN A 1 99  ? -4.780  -13.920 -5.784  1.00 14.98 ? 371  ASN A C   1 
ATOM   791  O  O   . ASN A 1 99  ? -5.380  -13.096 -5.092  1.00 15.64 ? 371  ASN A O   1 
ATOM   792  C  CB  . ASN A 1 99  ? -5.177  -12.550 -7.821  1.00 8.78  ? 371  ASN A CB  1 
ATOM   793  C  CG  . ASN A 1 99  ? -5.215  -12.486 -9.326  1.00 7.16  ? 371  ASN A CG  1 
ATOM   794  O  OD1 . ASN A 1 99  ? -5.176  -13.513 -9.998  1.00 7.05  ? 371  ASN A OD1 1 
ATOM   795  N  ND2 . ASN A 1 99  ? -5.297  -11.268 -9.871  1.00 7.80  ? 371  ASN A ND2 1 
ATOM   796  N  N   . ASP A 1 100 ? -3.882  -14.749 -5.275  1.00 12.61 ? 372  ASP A N   1 
ATOM   797  C  CA  . ASP A 1 100 ? -3.729  -14.827 -3.824  1.00 16.49 ? 372  ASP A CA  1 
ATOM   798  C  C   . ASP A 1 100 ? -2.888  -13.688 -3.251  1.00 12.33 ? 372  ASP A C   1 
ATOM   799  O  O   . ASP A 1 100 ? -1.861  -13.288 -3.817  1.00 11.03 ? 372  ASP A O   1 
ATOM   800  C  CB  . ASP A 1 100 ? -3.121  -16.162 -3.416  1.00 18.90 ? 372  ASP A CB  1 
ATOM   801  C  CG  . ASP A 1 100 ? -4.050  -17.331 -3.667  1.00 21.59 ? 372  ASP A CG  1 
ATOM   802  O  OD1 . ASP A 1 100 ? -5.121  -17.420 -3.013  1.00 15.44 ? 372  ASP A OD1 1 
ATOM   803  O  OD2 . ASP A 1 100 ? -3.692  -18.161 -4.523  1.00 17.16 ? 372  ASP A OD2 1 
ATOM   804  N  N   . ALA A 1 101 ? -3.329  -13.174 -2.112  1.00 12.21 ? 373  ALA A N   1 
ATOM   805  C  CA  . ALA A 1 101 ? -2.583  -12.137 -1.431  1.00 11.99 ? 373  ALA A CA  1 
ATOM   806  C  C   . ALA A 1 101 ? -1.312  -12.729 -0.853  1.00 7.05  ? 373  ALA A C   1 
ATOM   807  O  O   . ALA A 1 101 ? -1.323  -13.805 -0.246  1.00 10.21 ? 373  ALA A O   1 
ATOM   808  C  CB  . ALA A 1 101 ? -3.424  -11.495 -0.344  1.00 18.26 ? 373  ALA A CB  1 
ATOM   809  N  N   . ILE A 1 102 ? -0.209  -12.027 -1.056  1.00 4.37  ? 374  ILE A N   1 
ATOM   810  C  CA  . ILE A 1 102 ? 1.048   -12.398 -0.433  1.00 6.00  ? 374  ILE A CA  1 
ATOM   811  C  C   . ILE A 1 102 ? 1.075   -11.811 0.976   1.00 12.14 ? 374  ILE A C   1 
ATOM   812  O  O   . ILE A 1 102 ? 1.406   -12.490 1.944   1.00 10.80 ? 374  ILE A O   1 
ATOM   813  C  CB  . ILE A 1 102 ? 2.252   -11.905 -1.251  1.00 8.21  ? 374  ILE A CB  1 
ATOM   814  C  CG1 . ILE A 1 102 ? 2.229   -12.562 -2.635  1.00 7.27  ? 374  ILE A CG1 1 
ATOM   815  C  CG2 . ILE A 1 102 ? 3.551   -12.244 -0.536  1.00 9.65  ? 374  ILE A CG2 1 
ATOM   816  C  CD1 . ILE A 1 102 ? 3.255   -12.012 -3.636  1.00 6.84  ? 374  ILE A CD1 1 
ATOM   817  N  N   . GLY A 1 103 ? 0.688   -10.548 1.095   1.00 5.87  ? 375  GLY A N   1 
ATOM   818  C  CA  . GLY A 1 103 ? 0.641   -9.911  2.397   1.00 6.44  ? 375  GLY A CA  1 
ATOM   819  C  C   . GLY A 1 103 ? 0.192   -8.472  2.276   1.00 6.23  ? 375  GLY A C   1 
ATOM   820  O  O   . GLY A 1 103 ? 0.044   -7.947  1.168   1.00 4.11  ? 375  GLY A O   1 
ATOM   821  N  N   . LYS A 1 104 ? -0.052  -7.831  3.411   1.00 4.32  ? 376  LYS A N   1 
ATOM   822  C  CA  . LYS A 1 104 ? -0.455  -6.438  3.368   1.00 5.55  ? 376  LYS A CA  1 
ATOM   823  C  C   . LYS A 1 104 ? -0.021  -5.682  4.616   1.00 8.17  ? 376  LYS A C   1 
ATOM   824  O  O   . LYS A 1 104 ? 0.415   -6.289  5.605   1.00 7.61  ? 376  LYS A O   1 
ATOM   825  C  CB  . LYS A 1 104 ? -1.970  -6.327  3.166   1.00 14.23 ? 376  LYS A CB  1 
ATOM   826  C  CG  . LYS A 1 104 ? -2.798  -6.569  4.386   1.00 15.44 ? 376  LYS A CG  1 
ATOM   827  C  CD  . LYS A 1 104 ? -4.279  -6.824  4.038   1.00 15.33 ? 376  LYS A CD  1 
ATOM   828  C  CE  . LYS A 1 104 ? -4.921  -5.692  3.272   1.00 12.83 ? 376  LYS A CE  1 
ATOM   829  N  NZ  . LYS A 1 104 ? -6.342  -5.998  2.908   1.00 17.76 ? 376  LYS A NZ  1 
ATOM   830  N  N   . VAL A 1 105 ? -0.102  -4.354  4.526   1.00 3.86  ? 377  VAL A N   1 
ATOM   831  C  CA  . VAL A 1 105 ? 0.175   -3.438  5.628   1.00 4.79  ? 377  VAL A CA  1 
ATOM   832  C  C   . VAL A 1 105 ? -0.719  -2.236  5.420   1.00 5.98  ? 377  VAL A C   1 
ATOM   833  O  O   . VAL A 1 105 ? -1.187  -2.001  4.303   1.00 5.54  ? 377  VAL A O   1 
ATOM   834  C  CB  . VAL A 1 105 ? 1.658   -2.950  5.677   1.00 10.72 ? 377  VAL A CB  1 
ATOM   835  C  CG1 . VAL A 1 105 ? 2.607   -4.097  5.867   1.00 20.42 ? 377  VAL A CG1 1 
ATOM   836  C  CG2 . VAL A 1 105 ? 2.034   -2.167  4.403   1.00 9.94  ? 377  VAL A CG2 1 
ATOM   837  N  N   . PHE A 1 106 ? -0.959  -1.461  6.468   1.00 4.98  ? 378  PHE A N   1 
ATOM   838  C  CA  . PHE A 1 106 ? -1.582  -0.167  6.237   1.00 5.22  ? 378  PHE A CA  1 
ATOM   839  C  C   . PHE A 1 106 ? -0.904  0.895   7.078   1.00 6.70  ? 378  PHE A C   1 
ATOM   840  O  O   . PHE A 1 106 ? -0.337  0.600   8.128   1.00 6.19  ? 378  PHE A O   1 
ATOM   841  C  CB  . PHE A 1 106 ? -3.096  -0.229  6.490   1.00 4.21  ? 378  PHE A CB  1 
ATOM   842  C  CG  . PHE A 1 106 ? -3.515  -0.070  7.936   1.00 7.23  ? 378  PHE A CG  1 
ATOM   843  C  CD1 . PHE A 1 106 ? -3.780  1.192   8.468   1.00 6.90  ? 378  PHE A CD1 1 
ATOM   844  C  CD2 . PHE A 1 106 ? -3.711  -1.183  8.742   1.00 9.38  ? 378  PHE A CD2 1 
ATOM   845  C  CE1 . PHE A 1 106 ? -4.215  1.332   9.787   1.00 6.45  ? 378  PHE A CE1 1 
ATOM   846  C  CE2 . PHE A 1 106 ? -4.139  -1.041  10.057  1.00 10.49 ? 378  PHE A CE2 1 
ATOM   847  C  CZ  . PHE A 1 106 ? -4.385  0.212   10.578  1.00 7.62  ? 378  PHE A CZ  1 
ATOM   848  N  N   . VAL A 1 107 ? -0.924  2.129   6.585   1.00 5.00  ? 379  VAL A N   1 
ATOM   849  C  CA  . VAL A 1 107 ? -0.444  3.258   7.365   1.00 5.40  ? 379  VAL A CA  1 
ATOM   850  C  C   . VAL A 1 107 ? -1.587  4.244   7.580   1.00 5.12  ? 379  VAL A C   1 
ATOM   851  O  O   . VAL A 1 107 ? -2.550  4.283   6.810   1.00 5.12  ? 379  VAL A O   1 
ATOM   852  C  CB  . VAL A 1 107 ? 0.759   3.960   6.686   1.00 4.27  ? 379  VAL A CB  1 
ATOM   853  C  CG1 . VAL A 1 107 ? 1.985   3.034   6.710   1.00 5.95  ? 379  VAL A CG1 1 
ATOM   854  C  CG2 . VAL A 1 107 ? 0.411   4.368   5.241   1.00 6.39  ? 379  VAL A CG2 1 
ATOM   855  N  N   . GLY A 1 108 ? -1.477  5.033   8.640   1.00 5.00  ? 380  GLY A N   1 
ATOM   856  C  CA  . GLY A 1 108 ? -2.507  5.987   8.997   1.00 3.71  ? 380  GLY A CA  1 
ATOM   857  C  C   . GLY A 1 108 ? -2.380  6.281   10.477  1.00 5.80  ? 380  GLY A C   1 
ATOM   858  O  O   . GLY A 1 108 ? -1.540  5.693   11.164  1.00 5.59  ? 380  GLY A O   1 
ATOM   859  N  N   . TYR A 1 109 ? -3.211  7.183   10.971  1.00 5.53  ? 381  TYR A N   1 
ATOM   860  C  CA  . TYR A 1 109 ? -3.177  7.543   12.384  1.00 4.29  ? 381  TYR A CA  1 
ATOM   861  C  C   . TYR A 1 109 ? -3.495  6.359   13.286  1.00 6.70  ? 381  TYR A C   1 
ATOM   862  O  O   . TYR A 1 109 ? -2.965  6.264   14.396  1.00 5.68  ? 381  TYR A O   1 
ATOM   863  C  CB  . TYR A 1 109 ? -4.165  8.671   12.672  1.00 6.41  ? 381  TYR A CB  1 
ATOM   864  C  CG  . TYR A 1 109 ? -4.052  9.223   14.076  1.00 7.49  ? 381  TYR A CG  1 
ATOM   865  C  CD1 . TYR A 1 109 ? -2.937  9.957   14.462  1.00 11.04 ? 381  TYR A CD1 1 
ATOM   866  C  CD2 . TYR A 1 109 ? -5.064  9.029   15.007  1.00 15.63 ? 381  TYR A CD2 1 
ATOM   867  C  CE1 . TYR A 1 109 ? -2.826  10.476  15.753  1.00 11.59 ? 381  TYR A CE1 1 
ATOM   868  C  CE2 . TYR A 1 109 ? -4.965  9.550   16.298  1.00 12.46 ? 381  TYR A CE2 1 
ATOM   869  C  CZ  . TYR A 1 109 ? -3.842  10.268  16.658  1.00 12.53 ? 381  TYR A CZ  1 
ATOM   870  O  OH  . TYR A 1 109 ? -3.736  10.784  17.937  1.00 19.46 ? 381  TYR A OH  1 
ATOM   871  N  N   . ASN A 1 110 ? -4.364  5.463   12.832  1.00 7.42  ? 382  ASN A N   1 
ATOM   872  C  CA  . ASN A 1 110 ? -4.716  4.326   13.677  1.00 7.43  ? 382  ASN A CA  1 
ATOM   873  C  C   . ASN A 1 110 ? -3.846  3.093   13.418  1.00 7.01  ? 382  ASN A C   1 
ATOM   874  O  O   . ASN A 1 110 ? -4.143  2.015   13.918  1.00 7.75  ? 382  ASN A O   1 
ATOM   875  C  CB  . ASN A 1 110 ? -6.214  3.976   13.550  1.00 10.38 ? 382  ASN A CB  1 
ATOM   876  C  CG  . ASN A 1 110 ? -6.562  3.229   12.280  1.00 13.24 ? 382  ASN A CG  1 
ATOM   877  O  OD1 . ASN A 1 110 ? -6.117  3.580   11.190  1.00 15.72 ? 382  ASN A OD1 1 
ATOM   878  N  ND2 . ASN A 1 110 ? -7.394  2.194   12.414  1.00 14.44 ? 382  ASN A ND2 1 
ATOM   879  N  N   . SER A 1 111 ? -2.752  3.257   12.682  1.00 5.20  ? 383  SER A N   1 
ATOM   880  C  CA  . SER A 1 111 ? -1.782  2.167   12.576  1.00 7.26  ? 383  SER A CA  1 
ATOM   881  C  C   . SER A 1 111 ? -0.860  2.169   13.804  1.00 9.76  ? 383  SER A C   1 
ATOM   882  O  O   . SER A 1 111 ? -1.010  3.001   14.691  1.00 6.80  ? 383  SER A O   1 
ATOM   883  C  CB  . SER A 1 111 ? -0.977  2.271   11.274  1.00 6.49  ? 383  SER A CB  1 
ATOM   884  O  OG  . SER A 1 111 ? -0.079  3.363   11.288  1.00 8.19  ? 383  SER A OG  1 
ATOM   885  N  N   . THR A 1 112 ? 0.075   1.221   13.867  1.00 10.21 ? 384  THR A N   1 
ATOM   886  C  CA  . THR A 1 112 ? 0.957   1.084   15.024  1.00 10.32 ? 384  THR A CA  1 
ATOM   887  C  C   . THR A 1 112 ? 2.408   0.870   14.624  1.00 9.74  ? 384  THR A C   1 
ATOM   888  O  O   . THR A 1 112 ? 2.700   0.552   13.473  1.00 7.91  ? 384  THR A O   1 
ATOM   889  C  CB  . THR A 1 112 ? 0.544   -0.110  15.910  1.00 16.20 ? 384  THR A CB  1 
ATOM   890  O  OG1 . THR A 1 112 ? 0.597   -1.310  15.130  1.00 17.35 ? 384  THR A OG1 1 
ATOM   891  C  CG2 . THR A 1 112 ? -0.859  0.076   16.439  1.00 17.60 ? 384  THR A CG2 1 
ATOM   892  N  N   . GLY A 1 113 ? 3.316   1.025   15.582  1.00 13.37 ? 385  GLY A N   1 
ATOM   893  C  CA  . GLY A 1 113 ? 4.696   0.627   15.373  1.00 12.59 ? 385  GLY A CA  1 
ATOM   894  C  C   . GLY A 1 113 ? 5.365   1.324   14.204  1.00 11.04 ? 385  GLY A C   1 
ATOM   895  O  O   . GLY A 1 113 ? 5.307   2.545   14.102  1.00 7.06  ? 385  GLY A O   1 
ATOM   896  N  N   . ALA A 1 114 ? 5.996   0.550   13.321  1.00 11.49 ? 386  ALA A N   1 
ATOM   897  C  CA  . ALA A 1 114 ? 6.721   1.125   12.188  1.00 8.90  ? 386  ALA A CA  1 
ATOM   898  C  C   . ALA A 1 114 ? 5.783   1.765   11.169  1.00 9.36  ? 386  ALA A C   1 
ATOM   899  O  O   . ALA A 1 114 ? 6.190   2.650   10.417  1.00 9.89  ? 386  ALA A O   1 
ATOM   900  C  CB  . ALA A 1 114 ? 7.572   0.062   11.507  1.00 10.27 ? 386  ALA A CB  1 
ATOM   901  N  N   . GLU A 1 115 ? 4.534   1.307   11.129  1.00 7.96  ? 387  GLU A N   1 
ATOM   902  C  CA  . GLU A 1 115 ? 3.560   1.874   10.197  1.00 5.58  ? 387  GLU A CA  1 
ATOM   903  C  C   . GLU A 1 115 ? 3.154   3.264   10.671  1.00 7.48  ? 387  GLU A C   1 
ATOM   904  O  O   . GLU A 1 115 ? 3.094   4.201   9.879   1.00 5.36  ? 387  GLU A O   1 
ATOM   905  C  CB  . GLU A 1 115 ? 2.340   0.963   10.052  1.00 6.49  ? 387  GLU A CB  1 
ATOM   906  C  CG  . GLU A 1 115 ? 2.629   -0.282  9.175   1.00 10.05 ? 387  GLU A CG  1 
ATOM   907  C  CD  . GLU A 1 115 ? 3.708   -1.178  9.766   1.00 14.06 ? 387  GLU A CD  1 
ATOM   908  O  OE1 . GLU A 1 115 ? 3.534   -1.613  10.916  1.00 11.87 ? 387  GLU A OE1 1 
ATOM   909  O  OE2 . GLU A 1 115 ? 4.737   -1.442  9.097   1.00 10.61 ? 387  GLU A OE2 1 
ATOM   910  N  N   . LEU A 1 116 ? 2.902   3.401   11.970  1.00 3.94  ? 388  LEU A N   1 
ATOM   911  C  CA  . LEU A 1 116 ? 2.596   4.712   12.544  1.00 7.16  ? 388  LEU A CA  1 
ATOM   912  C  C   . LEU A 1 116 ? 3.792   5.673   12.465  1.00 5.51  ? 388  LEU A C   1 
ATOM   913  O  O   . LEU A 1 116 ? 3.627   6.876   12.238  1.00 8.73  ? 388  LEU A O   1 
ATOM   914  C  CB  . LEU A 1 116 ? 2.132   4.552   13.995  1.00 6.42  ? 388  LEU A CB  1 
ATOM   915  C  CG  . LEU A 1 116 ? 1.800   5.860   14.717  1.00 9.07  ? 388  LEU A CG  1 
ATOM   916  C  CD1 . LEU A 1 116 ? 0.653   6.567   14.012  1.00 5.01  ? 388  LEU A CD1 1 
ATOM   917  C  CD2 . LEU A 1 116 ? 1.467   5.596   16.190  1.00 8.94  ? 388  LEU A CD2 1 
ATOM   918  N  N   . ARG A 1 117 ? 4.996   5.139   12.656  1.00 10.46 ? 389  ARG A N   1 
ATOM   919  C  CA  . ARG A 1 117 ? 6.217   5.937   12.554  1.00 13.10 ? 389  ARG A CA  1 
ATOM   920  C  C   . ARG A 1 117 ? 6.333   6.559   11.171  1.00 7.92  ? 389  ARG A C   1 
ATOM   921  O  O   . ARG A 1 117 ? 6.593   7.747   11.030  1.00 7.10  ? 389  ARG A O   1 
ATOM   922  C  CB  . ARG A 1 117 ? 7.447   5.069   12.840  1.00 12.66 ? 389  ARG A CB  1 
ATOM   923  C  CG  . ARG A 1 117 ? 8.768   5.816   12.772  1.00 13.25 ? 389  ARG A CG  1 
ATOM   924  C  CD  . ARG A 1 117 ? 9.941   4.889   13.121  1.00 30.07 ? 389  ARG A CD  1 
ATOM   925  N  NE  . ARG A 1 117 ? 10.439  4.140   11.965  1.00 32.79 ? 389  ARG A NE  1 
ATOM   926  C  CZ  . ARG A 1 117 ? 10.659  2.828   11.959  1.00 41.33 ? 389  ARG A CZ  1 
ATOM   927  N  NH1 . ARG A 1 117 ? 10.421  2.106   13.049  1.00 45.38 ? 389  ARG A NH1 1 
ATOM   928  N  NH2 . ARG A 1 117 ? 11.116  2.236   10.861  1.00 36.76 ? 389  ARG A NH2 1 
ATOM   929  N  N   . HIS A 1 118 ? 6.118   5.741   10.150  1.00 7.93  ? 390  HIS A N   1 
ATOM   930  C  CA  . HIS A 1 118 ? 6.182   6.219   8.774   1.00 4.60  ? 390  HIS A CA  1 
ATOM   931  C  C   . HIS A 1 118 ? 5.163   7.341   8.546   1.00 6.60  ? 390  HIS A C   1 
ATOM   932  O  O   . HIS A 1 118 ? 5.498   8.394   8.001   1.00 4.09  ? 390  HIS A O   1 
ATOM   933  C  CB  . HIS A 1 118 ? 5.947   5.052   7.807   1.00 5.27  ? 390  HIS A CB  1 
ATOM   934  C  CG  . HIS A 1 118 ? 6.343   5.349   6.393   1.00 5.82  ? 390  HIS A CG  1 
ATOM   935  N  ND1 . HIS A 1 118 ? 6.148   4.455   5.364   1.00 6.63  ? 390  HIS A ND1 1 
ATOM   936  C  CD2 . HIS A 1 118 ? 6.924   6.439   5.839   1.00 5.18  ? 390  HIS A CD2 1 
ATOM   937  C  CE1 . HIS A 1 118 ? 6.593   4.977   4.234   1.00 4.98  ? 390  HIS A CE1 1 
ATOM   938  N  NE2 . HIS A 1 118 ? 7.069   6.182   4.492   1.00 4.54  ? 390  HIS A NE2 1 
ATOM   939  N  N   . TRP A 1 119 ? 3.929   7.114   8.998   1.00 4.66  ? 391  TRP A N   1 
ATOM   940  C  CA  . TRP A 1 119 ? 2.853   8.096   8.860   1.00 6.68  ? 391  TRP A CA  1 
ATOM   941  C  C   . TRP A 1 119 ? 3.213   9.417   9.549   1.00 7.90  ? 391  TRP A C   1 
ATOM   942  O  O   . TRP A 1 119 ? 3.030   10.499  8.996   1.00 5.61  ? 391  TRP A O   1 
ATOM   943  C  CB  . TRP A 1 119 ? 1.542   7.537   9.447   1.00 3.19  ? 391  TRP A CB  1 
ATOM   944  C  CG  . TRP A 1 119 ? 0.327   8.376   9.116   1.00 4.03  ? 391  TRP A CG  1 
ATOM   945  C  CD1 . TRP A 1 119 ? -0.349  9.229   9.957   1.00 6.15  ? 391  TRP A CD1 1 
ATOM   946  C  CD2 . TRP A 1 119 ? -0.343  8.446   7.853   1.00 6.78  ? 391  TRP A CD2 1 
ATOM   947  N  NE1 . TRP A 1 119 ? -1.405  9.812   9.291   1.00 5.91  ? 391  TRP A NE1 1 
ATOM   948  C  CE2 . TRP A 1 119 ? -1.421  9.355   8.000   1.00 4.23  ? 391  TRP A CE2 1 
ATOM   949  C  CE3 . TRP A 1 119 ? -0.142  7.825   6.611   1.00 5.10  ? 391  TRP A CE3 1 
ATOM   950  C  CZ2 . TRP A 1 119 ? -2.292  9.656   6.953   1.00 3.84  ? 391  TRP A CZ2 1 
ATOM   951  C  CZ3 . TRP A 1 119 ? -1.022  8.127   5.565   1.00 5.42  ? 391  TRP A CZ3 1 
ATOM   952  C  CH2 . TRP A 1 119 ? -2.081  9.026   5.748   1.00 4.55  ? 391  TRP A CH2 1 
ATOM   953  N  N   . SER A 1 120 ? 3.729   9.315   10.762  1.00 5.74  ? 392  SER A N   1 
ATOM   954  C  CA  . SER A 1 120 ? 4.106   10.496  11.516  1.00 9.38  ? 392  SER A CA  1 
ATOM   955  C  C   . SER A 1 120 ? 5.276   11.225  10.871  1.00 9.09  ? 392  SER A C   1 
ATOM   956  O  O   . SER A 1 120 ? 5.314   12.453  10.887  1.00 11.06 ? 392  SER A O   1 
ATOM   957  C  CB  . SER A 1 120 ? 4.451   10.112  12.960  1.00 10.95 ? 392  SER A CB  1 
ATOM   958  O  OG  . SER A 1 120 ? 3.365   9.413   13.536  1.00 17.43 ? 392  SER A OG  1 
ATOM   959  N  N   . ASP A 1 121 ? 6.224   10.476  10.308  1.00 8.66  ? 393  ASP A N   1 
ATOM   960  C  CA  . ASP A 1 121 ? 7.361   11.094  9.618   1.00 10.46 ? 393  ASP A CA  1 
ATOM   961  C  C   . ASP A 1 121 ? 6.878   11.883  8.400   1.00 8.57  ? 393  ASP A C   1 
ATOM   962  O  O   . ASP A 1 121 ? 7.380   12.978  8.110   1.00 7.13  ? 393  ASP A O   1 
ATOM   963  C  CB  . ASP A 1 121 ? 8.393   10.036  9.190   1.00 6.66  ? 393  ASP A CB  1 
ATOM   964  C  CG  . ASP A 1 121 ? 9.209   9.495   10.359  1.00 13.99 ? 393  ASP A CG  1 
ATOM   965  O  OD1 . ASP A 1 121 ? 9.170   10.089  11.457  1.00 13.37 ? 393  ASP A OD1 1 
ATOM   966  O  OD2 . ASP A 1 121 ? 9.906   8.478   10.176  1.00 13.66 ? 393  ASP A OD2 1 
ATOM   967  N  N   . MET A 1 122 ? 5.901   11.324  7.687   1.00 6.40  ? 394  MET A N   1 
ATOM   968  C  CA  . MET A 1 122 ? 5.270   12.024  6.569   1.00 5.97  ? 394  MET A CA  1 
ATOM   969  C  C   . MET A 1 122 ? 4.681   13.368  7.015   1.00 7.31  ? 394  MET A C   1 
ATOM   970  O  O   . MET A 1 122 ? 4.987   14.421  6.447   1.00 8.65  ? 394  MET A O   1 
ATOM   971  C  CB  . MET A 1 122 ? 4.163   11.158  5.938   1.00 4.79  ? 394  MET A CB  1 
ATOM   972  C  CG  . MET A 1 122 ? 3.474   11.827  4.756   1.00 3.13  ? 394  MET A CG  1 
ATOM   973  S  SD  . MET A 1 122 ? 1.900   11.060  4.292   1.00 6.06  ? 394  MET A SD  1 
ATOM   974  C  CE  . MET A 1 122 ? 0.916   11.356  5.751   1.00 5.97  ? 394  MET A CE  1 
ATOM   975  N  N   . LEU A 1 123 ? 3.836   13.329  8.035   1.00 5.58  ? 395  LEU A N   1 
ATOM   976  C  CA  . LEU A 1 123 ? 3.182   14.547  8.514   1.00 7.44  ? 395  LEU A CA  1 
ATOM   977  C  C   . LEU A 1 123 ? 4.180   15.566  9.066   1.00 7.27  ? 395  LEU A C   1 
ATOM   978  O  O   . LEU A 1 123 ? 3.949   16.769  8.992   1.00 11.29 ? 395  LEU A O   1 
ATOM   979  C  CB  . LEU A 1 123 ? 2.146   14.204  9.583   1.00 6.83  ? 395  LEU A CB  1 
ATOM   980  C  CG  . LEU A 1 123 ? 0.963   13.389  9.062   1.00 8.15  ? 395  LEU A CG  1 
ATOM   981  C  CD1 . LEU A 1 123 ? 0.072   12.951  10.198  1.00 9.50  ? 395  LEU A CD1 1 
ATOM   982  C  CD2 . LEU A 1 123 ? 0.179   14.200  8.057   1.00 9.85  ? 395  LEU A CD2 1 
ATOM   983  N  N   . ALA A 1 124 ? 5.284   15.069  9.611   1.00 10.08 ? 396  ALA A N   1 
ATOM   984  C  CA  . ALA A 1 124 ? 6.316   15.911  10.211  1.00 11.46 ? 396  ALA A CA  1 
ATOM   985  C  C   . ALA A 1 124 ? 7.222   16.537  9.156   1.00 14.30 ? 396  ALA A C   1 
ATOM   986  O  O   . ALA A 1 124 ? 8.035   17.416  9.455   1.00 16.19 ? 396  ALA A O   1 
ATOM   987  C  CB  . ALA A 1 124 ? 7.148   15.096  11.193  1.00 8.05  ? 396  ALA A CB  1 
ATOM   988  N  N   . ASN A 1 125 ? 7.086   16.079  7.922   1.00 9.39  ? 397  ASN A N   1 
ATOM   989  C  CA  . ASN A 1 125 ? 7.907   16.577  6.827   1.00 10.06 ? 397  ASN A CA  1 
ATOM   990  C  C   . ASN A 1 125 ? 7.071   16.872  5.600   1.00 11.94 ? 397  ASN A C   1 
ATOM   991  O  O   . ASN A 1 125 ? 7.229   16.221  4.563   1.00 9.29  ? 397  ASN A O   1 
ATOM   992  C  CB  . ASN A 1 125 ? 9.004   15.574  6.473   1.00 10.94 ? 397  ASN A CB  1 
ATOM   993  C  CG  . ASN A 1 125 ? 10.004  15.386  7.596   1.00 20.58 ? 397  ASN A CG  1 
ATOM   994  O  OD1 . ASN A 1 125 ? 11.002  16.103  7.676   1.00 12.89 ? 397  ASN A OD1 1 
ATOM   995  N  ND2 . ASN A 1 125 ? 9.750   14.412  8.462   1.00 10.28 ? 397  ASN A ND2 1 
ATOM   996  N  N   . PRO A 1 126 ? 6.175   17.864  5.712   1.00 11.42 ? 398  PRO A N   1 
ATOM   997  C  CA  . PRO A 1 126 ? 5.254   18.157  4.614   1.00 10.58 ? 398  PRO A CA  1 
ATOM   998  C  C   . PRO A 1 126 ? 5.990   18.443  3.303   1.00 12.71 ? 398  PRO A C   1 
ATOM   999  O  O   . PRO A 1 126 ? 7.064   19.055  3.327   1.00 9.69  ? 398  PRO A O   1 
ATOM   1000 C  CB  . PRO A 1 126 ? 4.489   19.394  5.114   1.00 12.65 ? 398  PRO A CB  1 
ATOM   1001 C  CG  . PRO A 1 126 ? 5.330   19.978  6.194   1.00 12.86 ? 398  PRO A CG  1 
ATOM   1002 C  CD  . PRO A 1 126 ? 6.025   18.810  6.834   1.00 8.16  ? 398  PRO A CD  1 
ATOM   1003 N  N   . ARG A 1 127 ? 5.413   17.957  2.200   1.00 9.79  ? 399  ARG A N   1 
ATOM   1004 C  CA  . ARG A 1 127 ? 5.927   18.129  0.837   1.00 9.43  ? 399  ARG A CA  1 
ATOM   1005 C  C   . ARG A 1 127 ? 7.164   17.294  0.512   1.00 9.80  ? 399  ARG A C   1 
ATOM   1006 O  O   . ARG A 1 127 ? 7.654   17.330  -0.617  1.00 11.54 ? 399  ARG A O   1 
ATOM   1007 C  CB  . ARG A 1 127 ? 6.239   19.597  0.558   1.00 10.93 ? 399  ARG A CB  1 
ATOM   1008 C  CG  . ARG A 1 127 ? 5.023   20.509  0.628   1.00 14.24 ? 399  ARG A CG  1 
ATOM   1009 C  CD  . ARG A 1 127 ? 5.453   21.973  0.584   1.00 20.25 ? 399  ARG A CD  1 
ATOM   1010 N  NE  . ARG A 1 127 ? 6.223   22.342  1.773   1.00 19.79 ? 399  ARG A NE  1 
ATOM   1011 C  CZ  . ARG A 1 127 ? 5.670   22.677  2.937   1.00 14.43 ? 399  ARG A CZ  1 
ATOM   1012 N  NH1 . ARG A 1 127 ? 4.348   22.691  3.064   1.00 13.09 ? 399  ARG A NH1 1 
ATOM   1013 N  NH2 . ARG A 1 127 ? 6.435   23.002  3.970   1.00 21.92 ? 399  ARG A NH2 1 
ATOM   1014 N  N   . ARG A 1 128 ? 7.677   16.548  1.481   1.00 7.04  ? 400  ARG A N   1 
ATOM   1015 C  CA  . ARG A 1 128 ? 8.837   15.711  1.211   1.00 11.51 ? 400  ARG A CA  1 
ATOM   1016 C  C   . ARG A 1 128 ? 8.443   14.244  1.198   1.00 9.09  ? 400  ARG A C   1 
ATOM   1017 O  O   . ARG A 1 128 ? 7.762   13.784  2.113   1.00 8.41  ? 400  ARG A O   1 
ATOM   1018 C  CB  . ARG A 1 128 ? 9.935   15.960  2.247   1.00 14.52 ? 400  ARG A CB  1 
ATOM   1019 C  CG  . ARG A 1 128 ? 10.341  17.426  2.337   1.00 23.62 ? 400  ARG A CG  1 
ATOM   1020 C  CD  . ARG A 1 128 ? 11.546  17.632  3.237   1.00 40.88 ? 400  ARG A CD  1 
ATOM   1021 N  NE  . ARG A 1 128 ? 12.799  17.342  2.546   1.00 51.20 ? 400  ARG A NE  1 
ATOM   1022 C  CZ  . ARG A 1 128 ? 14.002  17.505  3.087   1.00 48.52 ? 400  ARG A CZ  1 
ATOM   1023 N  NH1 . ARG A 1 128 ? 14.113  17.954  4.330   1.00 48.65 ? 400  ARG A NH1 1 
ATOM   1024 N  NH2 . ARG A 1 128 ? 15.091  17.218  2.387   1.00 42.55 ? 400  ARG A NH2 1 
ATOM   1025 N  N   . PRO A 1 129 ? 8.865   13.509  0.153   1.00 6.27  ? 401  PRO A N   1 
ATOM   1026 C  CA  . PRO A 1 129 ? 8.589   12.068  0.117   1.00 10.15 ? 401  PRO A CA  1 
ATOM   1027 C  C   . PRO A 1 129 ? 9.463   11.325  1.123   1.00 10.10 ? 401  PRO A C   1 
ATOM   1028 O  O   . PRO A 1 129 ? 10.682  11.478  1.109   1.00 10.56 ? 401  PRO A O   1 
ATOM   1029 C  CB  . PRO A 1 129 ? 8.926   11.674  -1.323  1.00 9.39  ? 401  PRO A CB  1 
ATOM   1030 C  CG  . PRO A 1 129 ? 9.926   12.700  -1.781  1.00 18.75 ? 401  PRO A CG  1 
ATOM   1031 C  CD  . PRO A 1 129 ? 9.589   13.979  -1.046  1.00 10.29 ? 401  PRO A CD  1 
ATOM   1032 N  N   . ILE A 1 130 ? 8.832   10.567  2.012   1.00 6.94  ? 402  ILE A N   1 
ATOM   1033 C  CA  . ILE A 1 130 ? 9.541   9.795   3.018   1.00 6.51  ? 402  ILE A CA  1 
ATOM   1034 C  C   . ILE A 1 130 ? 9.404   8.307   2.705   1.00 6.71  ? 402  ILE A C   1 
ATOM   1035 O  O   . ILE A 1 130 ? 8.300   7.759   2.753   1.00 6.26  ? 402  ILE A O   1 
ATOM   1036 C  CB  . ILE A 1 130 ? 8.996   10.045  4.455   1.00 9.40  ? 402  ILE A CB  1 
ATOM   1037 C  CG1 . ILE A 1 130 ? 8.918   11.546  4.788   1.00 9.55  ? 402  ILE A CG1 1 
ATOM   1038 C  CG2 . ILE A 1 130 ? 9.841   9.286   5.468   1.00 9.37  ? 402  ILE A CG2 1 
ATOM   1039 C  CD1 . ILE A 1 130 ? 10.267  12.240  4.841   1.00 10.84 ? 402  ILE A CD1 1 
ATOM   1040 N  N   . ALA A 1 131 ? 10.515  7.650   2.392   1.00 7.84  ? 403  ALA A N   1 
ATOM   1041 C  CA  . ALA A 1 131 ? 10.493  6.221   2.075   1.00 6.49  ? 403  ALA A CA  1 
ATOM   1042 C  C   . ALA A 1 131 ? 10.824  5.369   3.296   1.00 7.74  ? 403  ALA A C   1 
ATOM   1043 O  O   . ALA A 1 131 ? 11.690  5.722   4.098   1.00 8.17  ? 403  ALA A O   1 
ATOM   1044 C  CB  . ALA A 1 131 ? 11.463  5.918   0.939   1.00 7.44  ? 403  ALA A CB  1 
ATOM   1045 N  N   . GLN A 1 132 ? 10.128  4.247   3.437   1.00 4.05  ? 404  GLN A N   1 
ATOM   1046 C  CA  . GLN A 1 132 ? 10.366  3.343   4.549   1.00 6.52  ? 404  GLN A CA  1 
ATOM   1047 C  C   . GLN A 1 132 ? 9.982   1.923   4.147   1.00 8.46  ? 404  GLN A C   1 
ATOM   1048 O  O   . GLN A 1 132 ? 9.048   1.721   3.363   1.00 6.17  ? 404  GLN A O   1 
ATOM   1049 C  CB  . GLN A 1 132 ? 9.574   3.772   5.790   1.00 5.77  ? 404  GLN A CB  1 
ATOM   1050 C  CG  . GLN A 1 132 ? 10.071  3.116   7.079   1.00 11.19 ? 404  GLN A CG  1 
ATOM   1051 C  CD  . GLN A 1 132 ? 9.141   3.332   8.254   1.00 13.95 ? 404  GLN A CD  1 
ATOM   1052 O  OE1 . GLN A 1 132 ? 9.089   4.421   8.829   1.00 14.03 ? 404  GLN A OE1 1 
ATOM   1053 N  NE2 . GLN A 1 132 ? 8.398   2.295   8.615   1.00 12.75 ? 404  GLN A NE2 1 
ATOM   1054 N  N   . TRP A 1 133 ? 10.720  0.954   4.678   1.00 5.57  ? 405  TRP A N   1 
ATOM   1055 C  CA  . TRP A 1 133 ? 10.389  -0.453  4.525   1.00 5.09  ? 405  TRP A CA  1 
ATOM   1056 C  C   . TRP A 1 133 ? 9.334   -0.861  5.540   1.00 9.15  ? 405  TRP A C   1 
ATOM   1057 O  O   . TRP A 1 133 ? 9.269   -0.298  6.631   1.00 8.28  ? 405  TRP A O   1 
ATOM   1058 C  CB  . TRP A 1 133 ? 11.644  -1.327  4.695   1.00 7.41  ? 405  TRP A CB  1 
ATOM   1059 C  CG  . TRP A 1 133 ? 12.539  -1.278  3.521   1.00 6.73  ? 405  TRP A CG  1 
ATOM   1060 C  CD1 . TRP A 1 133 ? 13.620  -0.465  3.344   1.00 8.72  ? 405  TRP A CD1 1 
ATOM   1061 C  CD2 . TRP A 1 133 ? 12.424  -2.064  2.336   1.00 8.08  ? 405  TRP A CD2 1 
ATOM   1062 N  NE1 . TRP A 1 133 ? 14.190  -0.702  2.111   1.00 8.37  ? 405  TRP A NE1 1 
ATOM   1063 C  CE2 . TRP A 1 133 ? 13.469  -1.678  1.474   1.00 9.49  ? 405  TRP A CE2 1 
ATOM   1064 C  CE3 . TRP A 1 133 ? 11.536  -3.060  1.917   1.00 7.89  ? 405  TRP A CE3 1 
ATOM   1065 C  CZ2 . TRP A 1 133 ? 13.648  -2.250  0.217   1.00 12.56 ? 405  TRP A CZ2 1 
ATOM   1066 C  CZ3 . TRP A 1 133 ? 11.713  -3.629  0.666   1.00 7.92  ? 405  TRP A CZ3 1 
ATOM   1067 C  CH2 . TRP A 1 133 ? 12.759  -3.218  -0.168  1.00 8.75  ? 405  TRP A CH2 1 
ATOM   1068 N  N   . HIS A 1 134 ? 8.526   -1.851  5.168   1.00 5.70  ? 406  HIS A N   1 
ATOM   1069 C  CA  . HIS A 1 134 ? 7.501   -2.420  6.025   1.00 8.05  ? 406  HIS A CA  1 
ATOM   1070 C  C   . HIS A 1 134 ? 7.493   -3.939  5.869   1.00 8.88  ? 406  HIS A C   1 
ATOM   1071 O  O   . HIS A 1 134 ? 7.650   -4.451  4.759   1.00 7.39  ? 406  HIS A O   1 
ATOM   1072 C  CB  . HIS A 1 134 ? 6.124   -1.859  5.671   1.00 7.52  ? 406  HIS A CB  1 
ATOM   1073 C  CG  . HIS A 1 134 ? 6.001   -0.393  5.921   1.00 7.59  ? 406  HIS A CG  1 
ATOM   1074 N  ND1 . HIS A 1 134 ? 5.575   0.121   7.124   1.00 7.64  ? 406  HIS A ND1 1 
ATOM   1075 C  CD2 . HIS A 1 134 ? 6.283   0.672   5.134   1.00 8.05  ? 406  HIS A CD2 1 
ATOM   1076 C  CE1 . HIS A 1 134 ? 5.592   1.441   7.068   1.00 9.06  ? 406  HIS A CE1 1 
ATOM   1077 N  NE2 . HIS A 1 134 ? 6.019   1.799   5.871   1.00 7.51  ? 406  HIS A NE2 1 
ATOM   1078 N  N   . THR A 1 135 ? 7.309   -4.657  6.973   1.00 7.33  ? 407  THR A N   1 
ATOM   1079 C  CA  . THR A 1 135 ? 7.107   -6.102  6.897   1.00 6.23  ? 407  THR A CA  1 
ATOM   1080 C  C   . THR A 1 135 ? 5.678   -6.398  6.478   1.00 6.12  ? 407  THR A C   1 
ATOM   1081 O  O   . THR A 1 135 ? 4.742   -5.852  7.069   1.00 8.48  ? 407  THR A O   1 
ATOM   1082 C  CB  . THR A 1 135 ? 7.379   -6.783  8.249   1.00 10.88 ? 407  THR A CB  1 
ATOM   1083 O  OG1 . THR A 1 135 ? 8.706   -6.464  8.676   1.00 12.19 ? 407  THR A OG1 1 
ATOM   1084 C  CG2 . THR A 1 135 ? 7.219   -8.296  8.127   1.00 7.83  ? 407  THR A CG2 1 
ATOM   1085 N  N   . LEU A 1 136 ? 5.489   -7.267  5.485   1.00 5.92  ? 408  LEU A N   1 
ATOM   1086 C  CA  . LEU A 1 136 ? 4.136   -7.636  5.073   1.00 6.21  ? 408  LEU A CA  1 
ATOM   1087 C  C   . LEU A 1 136 ? 3.494   -8.530  6.135   1.00 8.76  ? 408  LEU A C   1 
ATOM   1088 O  O   . LEU A 1 136 ? 4.146   -9.411  6.697   1.00 7.50  ? 408  LEU A O   1 
ATOM   1089 C  CB  . LEU A 1 136 ? 4.136   -8.335  3.704   1.00 6.99  ? 408  LEU A CB  1 
ATOM   1090 C  CG  . LEU A 1 136 ? 4.532   -7.491  2.481   1.00 5.74  ? 408  LEU A CG  1 
ATOM   1091 C  CD1 . LEU A 1 136 ? 4.642   -8.361  1.223   1.00 6.26  ? 408  LEU A CD1 1 
ATOM   1092 C  CD2 . LEU A 1 136 ? 3.571   -6.320  2.221   1.00 4.51  ? 408  LEU A CD2 1 
ATOM   1093 N  N   . GLN A 1 137 ? 2.219   -8.284  6.416   1.00 5.97  ? 409  GLN A N   1 
ATOM   1094 C  CA  A GLN A 1 137 ? 1.500   -9.063  7.412   0.49 9.61  ? 409  GLN A CA  1 
ATOM   1095 C  CA  B GLN A 1 137 ? 1.487   -9.057  7.411   0.51 9.61  ? 409  GLN A CA  1 
ATOM   1096 C  C   . GLN A 1 137 ? 0.383   -9.879  6.764   1.00 9.75  ? 409  GLN A C   1 
ATOM   1097 O  O   . GLN A 1 137 ? -0.009  -9.628  5.617   1.00 7.86  ? 409  GLN A O   1 
ATOM   1098 C  CB  A GLN A 1 137 ? 0.943   -8.134  8.501   0.49 9.96  ? 409  GLN A CB  1 
ATOM   1099 C  CB  B GLN A 1 137 ? 0.892   -8.131  8.477   0.51 9.95  ? 409  GLN A CB  1 
ATOM   1100 C  CG  A GLN A 1 137 ? 2.025   -7.264  9.156   0.49 13.12 ? 409  GLN A CG  1 
ATOM   1101 C  CG  B GLN A 1 137 ? 1.915   -7.216  9.133   0.51 13.17 ? 409  GLN A CG  1 
ATOM   1102 C  CD  A GLN A 1 137 ? 1.461   -6.104  9.966   0.49 13.42 ? 409  GLN A CD  1 
ATOM   1103 C  CD  B GLN A 1 137 ? 2.893   -7.973  9.999   0.51 12.12 ? 409  GLN A CD  1 
ATOM   1104 O  OE1 A GLN A 1 137 ? 0.563   -5.392  9.518   0.49 19.78 ? 409  GLN A OE1 1 
ATOM   1105 O  OE1 B GLN A 1 137 ? 2.619   -9.095  10.428  0.51 14.36 ? 409  GLN A OE1 1 
ATOM   1106 N  NE2 A GLN A 1 137 ? 1.995   -5.908  11.160  0.49 15.47 ? 409  GLN A NE2 1 
ATOM   1107 N  NE2 B GLN A 1 137 ? 4.047   -7.368  10.259  0.51 14.82 ? 409  GLN A NE2 1 
ATOM   1108 N  N   . VAL A 1 138 ? -0.122  -10.869 7.499   1.00 9.54  ? 410  VAL A N   1 
ATOM   1109 C  CA  . VAL A 1 138 ? -1.212  -11.704 7.007   1.00 9.69  ? 410  VAL A CA  1 
ATOM   1110 C  C   . VAL A 1 138 ? -2.450  -10.851 6.743   1.00 9.10  ? 410  VAL A C   1 
ATOM   1111 O  O   . VAL A 1 138 ? -2.836  -10.037 7.579   1.00 8.55  ? 410  VAL A O   1 
ATOM   1112 C  CB  . VAL A 1 138 ? -1.555  -12.841 8.017   1.00 10.67 ? 410  VAL A CB  1 
ATOM   1113 C  CG1 . VAL A 1 138 ? -2.849  -13.532 7.629   1.00 16.37 ? 410  VAL A CG1 1 
ATOM   1114 C  CG2 . VAL A 1 138 ? -0.422  -13.852 8.067   1.00 16.28 ? 410  VAL A CG2 1 
ATOM   1115 N  N   . GLU A 1 139 ? -3.059  -11.033 5.577   1.00 7.91  ? 411  GLU A N   1 
ATOM   1116 C  CA  . GLU A 1 139 ? -4.172  -10.188 5.139   1.00 13.51 ? 411  GLU A CA  1 
ATOM   1117 C  C   . GLU A 1 139 ? -5.296  -10.060 6.165   1.00 11.48 ? 411  GLU A C   1 
ATOM   1118 O  O   . GLU A 1 139 ? -5.758  -8.953  6.479   1.00 7.80  ? 411  GLU A O   1 
ATOM   1119 C  CB  . GLU A 1 139 ? -4.753  -10.722 3.825   1.00 12.89 ? 411  GLU A CB  1 
ATOM   1120 C  CG  . GLU A 1 139 ? -5.939  -9.914  3.323   1.00 21.44 ? 411  GLU A CG  1 
ATOM   1121 C  CD  . GLU A 1 139 ? -6.385  -10.325 1.933   1.00 28.50 ? 411  GLU A CD  1 
ATOM   1122 O  OE1 . GLU A 1 139 ? -6.363  -11.540 1.631   1.00 25.29 ? 411  GLU A OE1 1 
ATOM   1123 O  OE2 . GLU A 1 139 ? -6.761  -9.426  1.151   1.00 39.56 ? 411  GLU A OE2 1 
ATOM   1124 N  N   . GLU A 1 140 ? -5.734  -11.197 6.692   1.00 10.74 ? 412  GLU A N   1 
ATOM   1125 C  CA  . GLU A 1 140 ? -6.867  -11.217 7.610   1.00 14.52 ? 412  GLU A CA  1 
ATOM   1126 C  C   . GLU A 1 140 ? -6.553  -10.532 8.937   1.00 11.89 ? 412  GLU A C   1 
ATOM   1127 O  O   . GLU A 1 140 ? -7.445  -10.000 9.608   1.00 12.31 ? 412  GLU A O   1 
ATOM   1128 C  CB  . GLU A 1 140 ? -7.316  -12.663 7.849   1.00 17.15 ? 412  GLU A CB  1 
ATOM   1129 C  CG  . GLU A 1 140 ? -7.969  -13.314 6.622   1.00 20.81 ? 412  GLU A CG  1 
ATOM   1130 C  CD  . GLU A 1 140 ? -6.966  -13.724 5.537   1.00 21.87 ? 412  GLU A CD  1 
ATOM   1131 O  OE1 . GLU A 1 140 ? -5.739  -13.696 5.789   1.00 16.96 ? 412  GLU A OE1 1 
ATOM   1132 O  OE2 . GLU A 1 140 ? -7.413  -14.092 4.430   1.00 19.46 ? 412  GLU A OE2 1 
ATOM   1133 N  N   . GLU A 1 141 ? -5.289  -10.520 9.326   1.00 10.01 ? 413  GLU A N   1 
ATOM   1134 C  CA  . GLU A 1 141 ? -4.930  -9.857  10.578  1.00 13.09 ? 413  GLU A CA  1 
ATOM   1135 C  C   . GLU A 1 141 ? -4.940  -8.335  10.416  1.00 15.28 ? 413  GLU A C   1 
ATOM   1136 O  O   . GLU A 1 141 ? -5.435  -7.611  11.286  1.00 11.13 ? 413  GLU A O   1 
ATOM   1137 C  CB  . GLU A 1 141 ? -3.569  -10.351 11.070  1.00 19.75 ? 413  GLU A CB  1 
ATOM   1138 C  CG  . GLU A 1 141 ? -3.645  -11.767 11.643  1.00 28.02 ? 413  GLU A CG  1 
ATOM   1139 C  CD  . GLU A 1 141 ? -2.289  -12.383 11.914  1.00 33.97 ? 413  GLU A CD  1 
ATOM   1140 O  OE1 . GLU A 1 141 ? -1.280  -11.647 11.882  1.00 40.93 ? 413  GLU A OE1 1 
ATOM   1141 O  OE2 . GLU A 1 141 ? -2.237  -13.610 12.154  1.00 39.64 ? 413  GLU A OE2 1 
ATOM   1142 N  N   . VAL A 1 142 ? -4.415  -7.848  9.298   1.00 8.61  ? 414  VAL A N   1 
ATOM   1143 C  CA  . VAL A 1 142 ? -4.472  -6.414  9.004   1.00 6.03  ? 414  VAL A CA  1 
ATOM   1144 C  C   . VAL A 1 142 ? -5.920  -5.943  8.845   1.00 9.46  ? 414  VAL A C   1 
ATOM   1145 O  O   . VAL A 1 142 ? -6.297  -4.863  9.332   1.00 7.69  ? 414  VAL A O   1 
ATOM   1146 C  CB  . VAL A 1 142 ? -3.672  -6.084  7.727   1.00 11.63 ? 414  VAL A CB  1 
ATOM   1147 C  CG1 . VAL A 1 142 ? -3.927  -4.652  7.275   1.00 9.84  ? 414  VAL A CG1 1 
ATOM   1148 C  CG2 . VAL A 1 142 ? -2.178  -6.343  7.957   1.00 8.22  ? 414  VAL A CG2 1 
ATOM   1149 N  N   . ASP A 1 143 ? -6.725  -6.752  8.159   1.00 8.47  ? 415  ASP A N   1 
ATOM   1150 C  CA  . ASP A 1 143 ? -8.140  -6.439  7.954   1.00 6.87  ? 415  ASP A CA  1 
ATOM   1151 C  C   . ASP A 1 143 ? -8.869  -6.235  9.277   1.00 11.67 ? 415  ASP A C   1 
ATOM   1152 O  O   . ASP A 1 143 ? -9.733  -5.365  9.396   1.00 8.04  ? 415  ASP A O   1 
ATOM   1153 C  CB  . ASP A 1 143 ? -8.844  -7.552  7.178   1.00 11.69 ? 415  ASP A CB  1 
ATOM   1154 C  CG  . ASP A 1 143 ? -8.532  -7.529  5.691   1.00 17.20 ? 415  ASP A CG  1 
ATOM   1155 O  OD1 . ASP A 1 143 ? -7.956  -6.540  5.206   1.00 13.26 ? 415  ASP A OD1 1 
ATOM   1156 O  OD2 . ASP A 1 143 ? -8.878  -8.509  5.012   1.00 18.34 ? 415  ASP A OD2 1 
ATOM   1157 N  N   . ALA A 1 144 ? -8.548  -7.070  10.262  1.00 8.27  ? 416  ALA A N   1 
ATOM   1158 C  CA  . ALA A 1 144 ? -9.163  -6.927  11.582  1.00 9.35  ? 416  ALA A CA  1 
ATOM   1159 C  C   . ALA A 1 144 ? -8.789  -5.593  12.228  1.00 10.55 ? 416  ALA A C   1 
ATOM   1160 O  O   . ALA A 1 144 ? -9.622  -4.929  12.863  1.00 9.99  ? 416  ALA A O   1 
ATOM   1161 C  CB  . ALA A 1 144 ? -8.755  -8.082  12.477  1.00 9.30  ? 416  ALA A CB  1 
ATOM   1162 N  N   . MET A 1 145 ? -7.535  -5.196  12.064  1.00 8.82  ? 417  MET A N   1 
ATOM   1163 C  CA  . MET A 1 145 ? -7.023  -4.007  12.737  1.00 11.10 ? 417  MET A CA  1 
ATOM   1164 C  C   . MET A 1 145 ? -7.510  -2.712  12.079  1.00 13.03 ? 417  MET A C   1 
ATOM   1165 O  O   . MET A 1 145 ? -7.395  -1.635  12.665  1.00 10.52 ? 417  MET A O   1 
ATOM   1166 C  CB  . MET A 1 145 ? -5.489  -4.028  12.773  1.00 7.49  ? 417  MET A CB  1 
ATOM   1167 C  CG  . MET A 1 145 ? -4.901  -5.134  13.614  1.00 13.53 ? 417  MET A CG  1 
ATOM   1168 S  SD  . MET A 1 145 ? -5.526  -5.085  15.309  1.00 15.78 ? 417  MET A SD  1 
ATOM   1169 C  CE  . MET A 1 145 ? -5.046  -3.437  15.831  1.00 14.10 ? 417  MET A CE  1 
ATOM   1170 N  N   . LEU A 1 146 ? -8.058  -2.813  10.872  1.00 10.26 ? 418  LEU A N   1 
ATOM   1171 C  CA  . LEU A 1 146 ? -8.577  -1.628  10.184  1.00 14.04 ? 418  LEU A CA  1 
ATOM   1172 C  C   . LEU A 1 146 ? -9.759  -1.025  10.941  1.00 15.90 ? 418  LEU A C   1 
ATOM   1173 O  O   . LEU A 1 146 ? -10.066 0.162   10.795  1.00 15.64 ? 418  LEU A O   1 
ATOM   1174 C  CB  . LEU A 1 146 ? -9.005  -1.968  8.753   1.00 13.56 ? 418  LEU A CB  1 
ATOM   1175 C  CG  . LEU A 1 146 ? -7.930  -2.239  7.703   1.00 10.38 ? 418  LEU A CG  1 
ATOM   1176 C  CD1 . LEU A 1 146 ? -8.584  -2.508  6.358   1.00 11.78 ? 418  LEU A CD1 1 
ATOM   1177 C  CD2 . LEU A 1 146 ? -7.026  -1.059  7.599   1.00 11.91 ? 418  LEU A CD2 1 
ATOM   1178 N  N   . ALA A 1 147 ? -10.419 -1.850  11.745  1.00 19.61 ? 419  ALA A N   1 
ATOM   1179 C  CA  . ALA A 1 147 ? -11.617 -1.428  12.467  1.00 21.47 ? 419  ALA A CA  1 
ATOM   1180 C  C   . ALA A 1 147 ? -11.310 -0.750  13.807  1.00 18.02 ? 419  ALA A C   1 
ATOM   1181 O  O   . ALA A 1 147 ? -12.193 -0.146  14.425  1.00 16.99 ? 419  ALA A O   1 
ATOM   1182 C  CB  . ALA A 1 147 ? -12.533 -2.625  12.692  1.00 19.29 ? 419  ALA A CB  1 
ATOM   1183 N  N   . VAL A 1 148 ? -10.067 -0.852  14.259  1.00 13.23 ? 420  VAL A N   1 
ATOM   1184 C  CA  . VAL A 1 148 ? -9.710  -0.320  15.566  1.00 11.26 ? 420  VAL A CA  1 
ATOM   1185 C  C   . VAL A 1 148 ? -9.376  1.175   15.495  1.00 14.00 ? 420  VAL A C   1 
ATOM   1186 O  O   . VAL A 1 148 ? -8.259  1.554   15.144  1.00 11.80 ? 420  VAL A O   1 
ATOM   1187 C  CB  . VAL A 1 148 ? -8.525  -1.071  16.171  1.00 12.53 ? 420  VAL A CB  1 
ATOM   1188 C  CG1 . VAL A 1 148 ? -8.346  -0.676  17.642  1.00 9.97  ? 420  VAL A CG1 1 
ATOM   1189 C  CG2 . VAL A 1 148 ? -8.743  -2.573  16.060  1.00 12.87 ? 420  VAL A CG2 1 
ATOM   1190 N  N   . LYS A 1 149 ? -10.353 2.011   15.826  1.00 10.94 ? 421  LYS A N   1 
ATOM   1191 C  CA  . LYS A 1 149 ? -10.181 3.460   15.809  1.00 16.10 ? 421  LYS A CA  1 
ATOM   1192 C  C   . LYS A 1 149 ? -9.399  3.973   17.011  1.00 18.45 ? 421  LYS A C   1 
ATOM   1193 O  O   . LYS A 1 149 ? -9.474  3.412   18.098  1.00 10.80 ? 421  LYS A O   1 
ATOM   1194 C  CB  . LYS A 1 149 ? -11.534 4.169   15.793  1.00 19.03 ? 421  LYS A CB  1 
ATOM   1195 C  CG  . LYS A 1 149 ? -12.458 3.837   14.652  1.00 13.15 ? 421  LYS A CG  1 
ATOM   1196 C  CD  . LYS A 1 149 ? -13.646 4.803   14.691  1.00 17.25 ? 421  LYS A CD  1 
ATOM   1197 C  CE  . LYS A 1 149 ? -14.681 4.502   13.615  1.00 20.79 ? 421  LYS A CE  1 
ATOM   1198 N  NZ  . LYS A 1 149 ? -15.930 5.302   13.836  1.00 24.02 ? 421  LYS A NZ  1 
ATOM   1199 N  N   . LYS A 1 150 ? -8.674  5.069   16.823  1.00 20.35 ? 422  LYS A N   1 
ATOM   1200 C  CA  . LYS A 1 150 ? -8.070  5.753   17.955  1.00 12.47 ? 422  LYS A CA  1 
ATOM   1201 C  C   . LYS A 1 150 ? -8.913  6.969   18.331  1.00 18.83 ? 422  LYS A C   1 
ATOM   1202 O  O   . LYS A 1 150 ? -8.717  7.550   19.395  1.00 24.42 ? 422  LYS A O   1 
ATOM   1203 C  CB  . LYS A 1 150 ? -6.625  6.159   17.644  1.00 19.09 ? 422  LYS A CB  1 
ATOM   1204 C  CG  . LYS A 1 150 ? -5.691  4.964   17.558  1.00 19.31 ? 422  LYS A CG  1 
ATOM   1205 C  CD  . LYS A 1 150 ? -4.243  5.360   17.364  1.00 19.59 ? 422  LYS A CD  1 
ATOM   1206 C  CE  . LYS A 1 150 ? -3.381  4.128   17.055  1.00 15.29 ? 422  LYS A CE  1 
ATOM   1207 N  NZ  . LYS A 1 150 ? -2.004  4.549   16.672  1.00 9.37  ? 422  LYS A NZ  1 
ATOM   1208 O  OXT . LYS A 1 150 ? -9.795  7.383   17.578  1.00 30.00 ? 422  LYS A OXT 1 
ATOM   1209 N  N   . SER B 2 1   ? -19.373 -0.909  -10.186 1.00 21.81 ? 81   SER B N   1 
ATOM   1210 C  CA  . SER B 2 1   ? -17.980 -1.125  -9.819  1.00 12.62 ? 81   SER B CA  1 
ATOM   1211 C  C   . SER B 2 1   ? -17.053 -0.261  -10.668 1.00 13.46 ? 81   SER B C   1 
ATOM   1212 O  O   . SER B 2 1   ? -17.268 -0.114  -11.872 1.00 13.16 ? 81   SER B O   1 
ATOM   1213 C  CB  . SER B 2 1   ? -17.618 -2.594  -9.982  1.00 17.62 ? 81   SER B CB  1 
ATOM   1214 O  OG  . SER B 2 1   ? -18.721 -3.410  -9.630  1.00 31.79 ? 81   SER B OG  1 
ATOM   1215 N  N   . ASP B 2 2   ? -16.028 0.309   -10.044 1.00 9.16  ? 82   ASP B N   1 
ATOM   1216 C  CA  . ASP B 2 2   ? -15.114 1.197   -10.750 1.00 5.10  ? 82   ASP B CA  1 
ATOM   1217 C  C   . ASP B 2 2   ? -13.919 0.437   -11.295 1.00 7.43  ? 82   ASP B C   1 
ATOM   1218 O  O   . ASP B 2 2   ? -13.402 -0.460  -10.631 1.00 7.36  ? 82   ASP B O   1 
ATOM   1219 C  CB  . ASP B 2 2   ? -14.608 2.301   -9.828  1.00 6.16  ? 82   ASP B CB  1 
ATOM   1220 C  CG  . ASP B 2 2   ? -15.717 3.185   -9.300  1.00 9.96  ? 82   ASP B CG  1 
ATOM   1221 O  OD1 . ASP B 2 2   ? -16.717 3.418   -10.020 1.00 10.79 ? 82   ASP B OD1 1 
ATOM   1222 O  OD2 . ASP B 2 2   ? -15.568 3.662   -8.162  1.00 10.76 ? 82   ASP B OD2 1 
ATOM   1223 N  N   . ALA B 2 3   ? -13.468 0.807   -12.490 1.00 7.90  ? 83   ALA B N   1 
ATOM   1224 C  CA  . ALA B 2 3   ? -12.197 0.298   -13.001 1.00 8.83  ? 83   ALA B CA  1 
ATOM   1225 C  C   . ALA B 2 3   ? -11.071 0.947   -12.211 1.00 11.21 ? 83   ALA B C   1 
ATOM   1226 O  O   . ALA B 2 3   ? -10.987 2.172   -12.131 1.00 8.21  ? 83   ALA B O   1 
ATOM   1227 C  CB  . ALA B 2 3   ? -12.047 0.582   -14.483 1.00 9.03  ? 83   ALA B CB  1 
HETATM 1228 N  N   . TPO B 2 4   ? -10.228 0.112   -11.611 1.00 7.51  ? 84   TPO B N   1 
HETATM 1229 C  CA  . TPO B 2 4   ? -9.084  0.554   -10.808 1.00 4.67  ? 84   TPO B CA  1 
HETATM 1230 C  CB  . TPO B 2 4   ? -8.393  -0.674  -10.213 1.00 5.88  ? 84   TPO B CB  1 
HETATM 1231 C  CG2 . TPO B 2 4   ? -7.255  -0.209  -9.306  1.00 6.54  ? 84   TPO B CG2 1 
HETATM 1232 O  OG1 . TPO B 2 4   ? -9.367  -1.369  -9.441  1.00 5.93  ? 84   TPO B OG1 1 
HETATM 1233 P  P   . TPO B 2 4   ? -9.741  -2.823  -10.057 1.00 6.73  ? 84   TPO B P   1 
HETATM 1234 O  O1P . TPO B 2 4   ? -8.506  -3.609  -10.304 1.00 7.37  ? 84   TPO B O1P 1 
HETATM 1235 O  O2P . TPO B 2 4   ? -10.649 -3.552  -8.965  1.00 6.83  ? 84   TPO B O2P 1 
HETATM 1236 O  O3P . TPO B 2 4   ? -10.550 -2.585  -11.410 1.00 4.55  ? 84   TPO B O3P 1 
HETATM 1237 C  C   . TPO B 2 4   ? -8.079  1.393   -11.597 1.00 6.16  ? 84   TPO B C   1 
HETATM 1238 O  O   . TPO B 2 4   ? -7.541  0.937   -12.595 1.00 5.68  ? 84   TPO B O   1 
ATOM   1239 N  N   . GLU B 2 5   ? -7.825  2.624   -11.148 1.00 4.97  ? 85   GLU B N   1 
ATOM   1240 C  CA  . GLU B 2 5   ? -6.848  3.475   -11.817 1.00 5.99  ? 85   GLU B CA  1 
ATOM   1241 C  C   . GLU B 2 5   ? -5.416  3.000   -11.585 1.00 8.37  ? 85   GLU B C   1 
ATOM   1242 O  O   . GLU B 2 5   ? -5.132  2.356   -10.576 1.00 5.48  ? 85   GLU B O   1 
ATOM   1243 C  CB  . GLU B 2 5   ? -6.993  4.921   -11.345 1.00 7.98  ? 85   GLU B CB  1 
ATOM   1244 C  CG  . GLU B 2 5   ? -8.119  5.662   -12.059 1.00 14.88 ? 85   GLU B CG  1 
ATOM   1245 C  CD  . GLU B 2 5   ? -8.227  7.111   -11.632 1.00 23.04 ? 85   GLU B CD  1 
ATOM   1246 O  OE1 . GLU B 2 5   ? -8.127  7.380   -10.417 1.00 18.70 ? 85   GLU B OE1 1 
ATOM   1247 O  OE2 . GLU B 2 5   ? -8.409  7.976   -12.514 1.00 42.87 ? 85   GLU B OE2 1 
ATOM   1248 N  N   . GLY B 2 6   ? -4.530  3.312   -12.535 1.00 6.68  ? 86   GLY B N   1 
ATOM   1249 C  CA  . GLY B 2 6   ? -3.115  3.013   -12.407 1.00 3.56  ? 86   GLY B CA  1 
ATOM   1250 C  C   . GLY B 2 6   ? -2.315  4.196   -11.893 1.00 6.32  ? 86   GLY B C   1 
ATOM   1251 O  O   . GLY B 2 6   ? -2.862  5.108   -11.265 1.00 6.88  ? 86   GLY B O   1 
ATOM   1252 N  N   . HIS B 2 7   ? -1.013  4.196   -12.158 1.00 5.37  ? 87   HIS B N   1 
ATOM   1253 C  CA  . HIS B 2 7   ? -0.142  5.199   -11.558 1.00 5.01  ? 87   HIS B CA  1 
ATOM   1254 C  C   . HIS B 2 7   ? -0.420  6.599   -12.101 1.00 8.88  ? 87   HIS B C   1 
ATOM   1255 O  O   . HIS B 2 7   ? -1.012  6.762   -13.173 1.00 5.55  ? 87   HIS B O   1 
ATOM   1256 C  CB  . HIS B 2 7   ? 1.337   4.838   -11.770 1.00 3.93  ? 87   HIS B CB  1 
ATOM   1257 C  CG  . HIS B 2 7   ? 1.736   4.748   -13.210 1.00 7.79  ? 87   HIS B CG  1 
ATOM   1258 N  ND1 . HIS B 2 7   ? 1.912   5.862   -14.005 1.00 8.06  ? 87   HIS B ND1 1 
ATOM   1259 C  CD2 . HIS B 2 7   ? 1.978   3.677   -14.002 1.00 11.02 ? 87   HIS B CD2 1 
ATOM   1260 C  CE1 . HIS B 2 7   ? 2.252   5.478   -15.224 1.00 16.55 ? 87   HIS B CE1 1 
ATOM   1261 N  NE2 . HIS B 2 7   ? 2.299   4.159   -15.248 1.00 11.36 ? 87   HIS B NE2 1 
ATOM   1262 N  N   . ASP B 2 8   ? -0.001  7.593   -11.333 1.00 4.92  ? 88   ASP B N   1 
ATOM   1263 C  CA  . ASP B 2 8   ? -0.078  8.996   -11.742 1.00 10.22 ? 88   ASP B CA  1 
ATOM   1264 C  C   . ASP B 2 8   ? 0.590   9.218   -13.101 1.00 9.91  ? 88   ASP B C   1 
ATOM   1265 O  O   . ASP B 2 8   ? 1.612   8.610   -13.402 1.00 9.39  ? 88   ASP B O   1 
ATOM   1266 C  CB  . ASP B 2 8   ? 0.599   9.897   -10.712 1.00 7.38  ? 88   ASP B CB  1 
ATOM   1267 C  CG  . ASP B 2 8   ? -0.051  9.829   -9.340  1.00 7.66  ? 88   ASP B CG  1 
ATOM   1268 O  OD1 . ASP B 2 8   ? -1.230  9.419   -9.251  1.00 5.36  ? 88   ASP B OD1 1 
ATOM   1269 O  OD2 . ASP B 2 8   ? 0.630   10.212  -8.356  1.00 8.38  ? 88   ASP B OD2 1 
ATOM   1270 N  N   . GLU B 2 9   ? 0.020   10.110  -13.899 1.00 10.88 ? 89   GLU B N   1 
ATOM   1271 C  CA  . GLU B 2 9   ? 0.587   10.455  -15.201 1.00 16.05 ? 89   GLU B CA  1 
ATOM   1272 C  C   . GLU B 2 9   ? 1.164   11.868  -15.202 1.00 18.41 ? 89   GLU B C   1 
ATOM   1273 O  O   . GLU B 2 9   ? 1.818   12.283  -16.156 1.00 12.92 ? 89   GLU B O   1 
ATOM   1274 C  CB  . GLU B 2 9   ? -0.470  10.326  -16.292 1.00 24.80 ? 89   GLU B CB  1 
ATOM   1275 C  CG  . GLU B 2 9   ? -0.957  8.904   -16.517 1.00 23.66 ? 89   GLU B CG  1 
ATOM   1276 C  CD  . GLU B 2 9   ? 0.045   8.048   -17.275 1.00 35.18 ? 89   GLU B CD  1 
ATOM   1277 O  OE1 . GLU B 2 9   ? 1.096   8.577   -17.704 1.00 40.01 ? 89   GLU B OE1 1 
ATOM   1278 O  OE2 . GLU B 2 9   ? -0.220  6.839   -17.445 1.00 38.60 ? 89   GLU B OE2 1 
ATOM   1279 N  N   . ASP B 2 10  ? 0.897   12.605  -14.132 1.00 14.71 ? 90   ASP B N   1 
ATOM   1280 C  CA  . ASP B 2 10  ? 1.463   13.936  -13.940 1.00 19.40 ? 90   ASP B CA  1 
ATOM   1281 C  C   . ASP B 2 10  ? 1.407   14.305  -12.469 1.00 18.20 ? 90   ASP B C   1 
ATOM   1282 O  O   . ASP B 2 10  ? 1.103   13.435  -11.654 1.00 12.84 ? 90   ASP B O   1 
ATOM   1283 C  CB  . ASP B 2 10  ? 0.728   14.984  -14.778 1.00 13.67 ? 90   ASP B CB  1 
ATOM   1284 C  CG  . ASP B 2 10  ? -0.786  14.911  -14.633 1.00 13.06 ? 90   ASP B CG  1 
ATOM   1285 O  OD1 . ASP B 2 10  ? -1.297  14.527  -13.556 1.00 13.86 ? 90   ASP B OD1 1 
ATOM   1286 O  OD2 . ASP B 2 10  ? -1.479  15.266  -15.613 1.00 13.91 ? 90   ASP B OD2 1 
ATOM   1287 O  OXT . ASP B 2 10  ? 1.654   15.449  -12.076 1.00 10.57 ? 90   ASP B OXT 1 
HETATM 1288 CA CA  . CA  C 3 .   ? 1.014   -16.195 -10.444 1.00 6.07  ? 1423 CA  A CA  1 
HETATM 1289 CA CA  . CA  D 3 .   ? -0.473  -18.269 -7.734  1.00 7.51  ? 1424 CA  A CA  1 
HETATM 1290 CA CA  . CA  E 3 .   ? -11.079 4.606   -7.137  1.00 29.25 ? 1425 CA  A CA  1 
HETATM 1291 C  C1  . GOL F 4 .   ? 13.950  1.094   -2.246  1.00 17.42 ? 1426 GOL A C1  1 
HETATM 1292 O  O1  . GOL F 4 .   ? 14.350  0.236   -3.297  1.00 24.60 ? 1426 GOL A O1  1 
HETATM 1293 C  C2  . GOL F 4 .   ? 14.832  2.341   -2.211  1.00 19.39 ? 1426 GOL A C2  1 
HETATM 1294 O  O2  . GOL F 4 .   ? 16.046  2.062   -1.543  1.00 18.02 ? 1426 GOL A O2  1 
HETATM 1295 C  C3  . GOL F 4 .   ? 14.080  3.459   -1.496  1.00 25.21 ? 1426 GOL A C3  1 
HETATM 1296 O  O3  . GOL F 4 .   ? 14.955  4.420   -0.949  1.00 31.34 ? 1426 GOL A O3  1 
HETATM 1297 O  O   . HOH G 5 .   ? 6.285   -11.126 6.578   1.00 17.30 ? 2001 HOH A O   1 
HETATM 1298 O  O   . HOH G 5 .   ? 9.123   -15.047 1.767   1.00 20.04 ? 2002 HOH A O   1 
HETATM 1299 O  O   . HOH G 5 .   ? 9.381   -10.284 5.695   1.00 27.76 ? 2003 HOH A O   1 
HETATM 1300 O  O   . HOH G 5 .   ? 5.519   9.801   -1.922  1.00 7.23  ? 2004 HOH A O   1 
HETATM 1301 O  O   . HOH G 5 .   ? 9.605   8.413   -3.727  1.00 9.81  ? 2005 HOH A O   1 
HETATM 1302 O  O   . HOH G 5 .   ? 1.507   14.558  -2.432  1.00 8.48  ? 2006 HOH A O   1 
HETATM 1303 O  O   . HOH G 5 .   ? 5.356   14.439  3.430   1.00 6.20  ? 2007 HOH A O   1 
HETATM 1304 O  O   . HOH G 5 .   ? -6.737  20.414  2.419   1.00 22.17 ? 2008 HOH A O   1 
HETATM 1305 O  O   . HOH G 5 .   ? 1.859   22.755  1.310   1.00 10.40 ? 2009 HOH A O   1 
HETATM 1306 O  O   . HOH G 5 .   ? -8.016  19.852  -0.193  1.00 25.27 ? 2010 HOH A O   1 
HETATM 1307 O  O   . HOH G 5 .   ? -5.518  16.244  -4.489  1.00 19.77 ? 2011 HOH A O   1 
HETATM 1308 O  O   . HOH G 5 .   ? -3.858  13.740  -9.274  1.00 19.97 ? 2012 HOH A O   1 
HETATM 1309 O  O   . HOH G 5 .   ? -1.313  13.370  -9.598  1.00 19.20 ? 2013 HOH A O   1 
HETATM 1310 O  O   . HOH G 5 .   ? -4.380  13.953  -6.090  1.00 13.54 ? 2014 HOH A O   1 
HETATM 1311 O  O   . HOH G 5 .   ? 16.446  -8.734  3.141   1.00 28.18 ? 2015 HOH A O   1 
HETATM 1312 O  O   . HOH G 5 .   ? 13.896  -4.768  5.465   1.00 25.73 ? 2016 HOH A O   1 
HETATM 1313 O  O   . HOH G 5 .   ? 13.998  -10.659 -2.777  1.00 16.08 ? 2017 HOH A O   1 
HETATM 1314 O  O   . HOH G 5 .   ? 11.318  -14.934 -1.176  1.00 16.63 ? 2018 HOH A O   1 
HETATM 1315 O  O   . HOH G 5 .   ? 2.557   -18.660 4.576   1.00 34.57 ? 2019 HOH A O   1 
HETATM 1316 O  O   . HOH G 5 .   ? 8.314   -18.654 -0.471  1.00 10.01 ? 2020 HOH A O   1 
HETATM 1317 O  O   . HOH G 5 .   ? 5.691   -20.569 -0.840  1.00 27.81 ? 2021 HOH A O   1 
HETATM 1318 O  O   . HOH G 5 .   ? -0.921  -20.634 -8.328  1.00 15.30 ? 2022 HOH A O   1 
HETATM 1319 O  O   . HOH G 5 .   ? -1.647  -18.150 -5.617  1.00 18.66 ? 2023 HOH A O   1 
HETATM 1320 O  O   . HOH G 5 .   ? 0.774   -17.686 -12.354 1.00 9.04  ? 2024 HOH A O   1 
HETATM 1321 O  O   . HOH G 5 .   ? 5.005   -16.849 -11.736 1.00 11.72 ? 2025 HOH A O   1 
HETATM 1322 O  O   . HOH G 5 .   ? 0.672   -22.400 -9.701  1.00 21.83 ? 2026 HOH A O   1 
HETATM 1323 O  O   . HOH G 5 .   ? 5.842   -23.933 -15.300 1.00 25.49 ? 2027 HOH A O   1 
HETATM 1324 O  O   . HOH G 5 .   ? 4.621   -15.697 -14.841 1.00 23.80 ? 2028 HOH A O   1 
HETATM 1325 O  O   . HOH G 5 .   ? 1.362   -15.306 -15.379 1.00 28.17 ? 2029 HOH A O   1 
HETATM 1326 O  O   . HOH G 5 .   ? -6.875  -7.602  -7.122  1.00 17.99 ? 2030 HOH A O   1 
HETATM 1327 O  O   . HOH G 5 .   ? -4.989  -2.738  -0.487  1.00 9.94  ? 2031 HOH A O   1 
HETATM 1328 O  O   . HOH G 5 .   ? -7.730  -5.686  -9.035  1.00 30.27 ? 2032 HOH A O   1 
HETATM 1329 O  O   . HOH G 5 .   ? -7.835  -3.812  1.443   1.00 19.95 ? 2033 HOH A O   1 
HETATM 1330 O  O   . HOH G 5 .   ? -10.929 1.617   -0.865  1.00 11.31 ? 2034 HOH A O   1 
HETATM 1331 O  O   . HOH G 5 .   ? -16.872 0.101   1.598   1.00 21.87 ? 2035 HOH A O   1 
HETATM 1332 O  O   . HOH G 5 .   ? -17.410 2.210   0.420   1.00 28.12 ? 2036 HOH A O   1 
HETATM 1333 O  O   . HOH G 5 .   ? -15.986 2.661   -3.236  1.00 29.90 ? 2037 HOH A O   1 
HETATM 1334 O  O   . HOH G 5 .   ? -11.119 -5.901  -2.657  1.00 32.93 ? 2038 HOH A O   1 
HETATM 1335 O  O   . HOH G 5 .   ? -13.807 2.572   -4.010  1.00 23.70 ? 2039 HOH A O   1 
HETATM 1336 O  O   . HOH G 5 .   ? -12.081 1.480   -3.117  1.00 17.46 ? 2040 HOH A O   1 
HETATM 1337 O  O   . HOH G 5 .   ? -12.201 12.568  -3.770  1.00 24.11 ? 2041 HOH A O   1 
HETATM 1338 O  O   . HOH G 5 .   ? -9.582  3.830   -9.260  1.00 7.97  ? 2042 HOH A O   1 
HETATM 1339 O  O   . HOH G 5 .   ? -2.968  7.638   -10.047 1.00 10.81 ? 2043 HOH A O   1 
HETATM 1340 O  O   . HOH G 5 .   ? -7.088  9.919   -8.335  1.00 31.88 ? 2044 HOH A O   1 
HETATM 1341 O  O   . HOH G 5 .   ? -0.126  1.355   -12.558 1.00 4.17  ? 2045 HOH A O   1 
HETATM 1342 O  O   . HOH G 5 .   ? -6.735  -4.038  -15.289 1.00 17.00 ? 2046 HOH A O   1 
HETATM 1343 O  O   . HOH G 5 .   ? -7.950  -1.081  -14.344 1.00 12.56 ? 2047 HOH A O   1 
HETATM 1344 O  O   . HOH G 5 .   ? -9.676  -3.110  -13.742 1.00 9.11  ? 2048 HOH A O   1 
HETATM 1345 O  O   . HOH G 5 .   ? -2.207  -4.245  -12.899 1.00 12.44 ? 2049 HOH A O   1 
HETATM 1346 O  O   . HOH G 5 .   ? 5.462   -3.505  -15.546 1.00 22.60 ? 2050 HOH A O   1 
HETATM 1347 O  O   . HOH G 5 .   ? 0.715   -4.959  -15.960 1.00 10.33 ? 2051 HOH A O   1 
HETATM 1348 O  O   . HOH G 5 .   ? 10.647  -2.967  -13.182 1.00 31.35 ? 2052 HOH A O   1 
HETATM 1349 O  O   . HOH G 5 .   ? 6.694   -0.260  -12.885 1.00 8.34  ? 2053 HOH A O   1 
HETATM 1350 O  O   . HOH G 5 .   ? 7.287   -8.151  -15.848 1.00 22.54 ? 2054 HOH A O   1 
HETATM 1351 O  O   . HOH G 5 .   ? 9.652   -9.099  -13.783 1.00 28.36 ? 2055 HOH A O   1 
HETATM 1352 O  O   . HOH G 5 .   ? 13.110  -13.268 -11.252 1.00 31.30 ? 2056 HOH A O   1 
HETATM 1353 O  O   . HOH G 5 .   ? 12.999  -13.282 -7.767  1.00 13.53 ? 2057 HOH A O   1 
HETATM 1354 O  O   . HOH G 5 .   ? 14.109  -5.172  -7.836  1.00 22.31 ? 2058 HOH A O   1 
HETATM 1355 O  O   . HOH G 5 .   ? 10.808  -5.955  -11.435 1.00 8.84  ? 2059 HOH A O   1 
HETATM 1356 O  O   . HOH G 5 .   ? 13.410  3.979   -11.835 1.00 20.12 ? 2060 HOH A O   1 
HETATM 1357 O  O   . HOH G 5 .   ? 14.460  5.904   -8.496  1.00 33.35 ? 2061 HOH A O   1 
HETATM 1358 O  O   . HOH G 5 .   ? 12.886  4.352   -7.168  1.00 27.53 ? 2062 HOH A O   1 
HETATM 1359 O  O   . HOH G 5 .   ? 7.414   7.753   -9.698  1.00 22.13 ? 2063 HOH A O   1 
HETATM 1360 O  O   . HOH G 5 .   ? 10.300  7.613   -6.700  1.00 18.71 ? 2064 HOH A O   1 
HETATM 1361 O  O   . HOH G 5 .   ? 12.227  8.348   -9.510  1.00 30.81 ? 2065 HOH A O   1 
HETATM 1362 O  O   . HOH G 5 .   ? 4.317   6.748   -11.576 1.00 10.11 ? 2066 HOH A O   1 
HETATM 1363 O  O   . HOH G 5 .   ? 5.441   10.994  -6.887  1.00 15.30 ? 2067 HOH A O   1 
HETATM 1364 O  O   . HOH G 5 .   ? -8.534  10.672  -4.551  1.00 9.85  ? 2068 HOH A O   1 
HETATM 1365 O  O   . HOH G 5 .   ? -10.127 11.216  -2.283  1.00 24.05 ? 2069 HOH A O   1 
HETATM 1366 O  O   . HOH G 5 .   ? -10.729 11.828  0.773   1.00 27.13 ? 2070 HOH A O   1 
HETATM 1367 O  O   . HOH G 5 .   ? -8.046  14.372  10.395  1.00 14.02 ? 2071 HOH A O   1 
HETATM 1368 O  O   . HOH G 5 .   ? -10.196 17.533  11.507  1.00 26.82 ? 2072 HOH A O   1 
HETATM 1369 O  O   . HOH G 5 .   ? -9.750  21.661  3.599   1.00 33.41 ? 2073 HOH A O   1 
HETATM 1370 O  O   . HOH G 5 .   ? -4.882  8.777   9.281   1.00 5.63  ? 2074 HOH A O   1 
HETATM 1371 O  O   . HOH G 5 .   ? -7.665  7.350   12.024  1.00 11.89 ? 2075 HOH A O   1 
HETATM 1372 O  O   . HOH G 5 .   ? -8.422  11.588  14.429  1.00 22.78 ? 2076 HOH A O   1 
HETATM 1373 O  O   . HOH G 5 .   ? 0.390   11.134  13.796  1.00 22.55 ? 2077 HOH A O   1 
HETATM 1374 O  O   . HOH G 5 .   ? -8.534  14.410  13.770  1.00 25.71 ? 2078 HOH A O   1 
HETATM 1375 O  O   . HOH G 5 .   ? -6.311  6.026   10.696  1.00 14.29 ? 2079 HOH A O   1 
HETATM 1376 O  O   . HOH G 5 .   ? -6.693  -5.919  -1.216  1.00 28.46 ? 2080 HOH A O   1 
HETATM 1377 O  O   . HOH G 5 .   ? -2.433  -16.399 -6.909  1.00 16.58 ? 2081 HOH A O   1 
HETATM 1378 O  O   . HOH G 5 .   ? -5.778  -12.423 -17.131 1.00 29.03 ? 2082 HOH A O   1 
HETATM 1379 O  O   . HOH G 5 .   ? -3.905  -18.813 -6.984  1.00 4.65  ? 2083 HOH A O   1 
HETATM 1380 O  O   . HOH G 5 .   ? -4.639  -20.003 -8.508  1.00 14.29 ? 2084 HOH A O   1 
HETATM 1381 O  O   . HOH G 5 .   ? -2.114  -19.253 -13.663 1.00 14.91 ? 2085 HOH A O   1 
HETATM 1382 O  O   . HOH G 5 .   ? -0.670  -17.279 -14.393 1.00 21.00 ? 2086 HOH A O   1 
HETATM 1383 O  O   . HOH G 5 .   ? -7.801  -14.904 -16.013 1.00 18.52 ? 2087 HOH A O   1 
HETATM 1384 O  O   . HOH G 5 .   ? -2.202  -20.882 -11.499 1.00 27.58 ? 2088 HOH A O   1 
HETATM 1385 O  O   . HOH G 5 .   ? -6.173  -13.644 -0.753  1.00 26.62 ? 2089 HOH A O   1 
HETATM 1386 O  O   . HOH G 5 .   ? -7.011  -11.805 -2.958  1.00 34.08 ? 2090 HOH A O   1 
HETATM 1387 O  O   . HOH G 5 .   ? -8.630  -13.372 -8.444  1.00 14.16 ? 2091 HOH A O   1 
HETATM 1388 O  O   . HOH G 5 .   ? -6.491  -10.174 -12.365 1.00 22.46 ? 2092 HOH A O   1 
HETATM 1389 O  O   . HOH G 5 .   ? -6.935  -19.488 -2.743  1.00 12.87 ? 2093 HOH A O   1 
HETATM 1390 O  O   . HOH G 5 .   ? -5.173  -20.231 -5.615  1.00 18.93 ? 2094 HOH A O   1 
HETATM 1391 O  O   . HOH G 5 .   ? 6.074   11.599  -4.004  1.00 10.99 ? 2095 HOH A O   1 
HETATM 1392 O  O   . HOH G 5 .   ? 8.772   10.910  -5.074  1.00 19.85 ? 2096 HOH A O   1 
HETATM 1393 O  O   . HOH G 5 .   ? 11.471  8.021   -2.006  1.00 17.64 ? 2097 HOH A O   1 
HETATM 1394 O  O   . HOH G 5 .   ? 0.109   -15.327 2.204   1.00 24.82 ? 2098 HOH A O   1 
HETATM 1395 O  O   . HOH G 5 .   ? -0.298  -2.846  9.218   1.00 14.59 ? 2099 HOH A O   1 
HETATM 1396 O  O   . HOH G 5 .   ? 13.729  -14.275 -2.579  1.00 27.20 ? 2100 HOH A O   1 
HETATM 1397 O  O   . HOH G 5 .   ? -5.937  10.404  19.678  1.00 33.08 ? 2101 HOH A O   1 
HETATM 1398 O  O   . HOH G 5 .   ? 0.779   -17.497 5.792   1.00 37.16 ? 2102 HOH A O   1 
HETATM 1399 O  O   . HOH G 5 .   ? -5.031  -0.538  13.615  1.00 15.64 ? 2103 HOH A O   1 
HETATM 1400 O  O   . HOH G 5 .   ? 3.402   -18.728 -13.665 1.00 32.57 ? 2104 HOH A O   1 
HETATM 1401 O  O   . HOH G 5 .   ? -0.275  -1.118  11.664  1.00 15.77 ? 2105 HOH A O   1 
HETATM 1402 O  O   . HOH G 5 .   ? -1.490  -3.205  15.101  1.00 28.48 ? 2106 HOH A O   1 
HETATM 1403 O  O   . HOH G 5 .   ? 2.721   2.028   18.119  1.00 26.80 ? 2107 HOH A O   1 
HETATM 1404 O  O   . HOH G 5 .   ? 5.464   4.177   16.398  1.00 18.51 ? 2108 HOH A O   1 
HETATM 1405 O  O   . HOH G 5 .   ? 5.292   -2.625  12.833  1.00 21.94 ? 2109 HOH A O   1 
HETATM 1406 O  O   . HOH G 5 .   ? 4.014   -4.624  9.243   1.00 18.54 ? 2110 HOH A O   1 
HETATM 1407 O  O   . HOH G 5 .   ? 6.697   -3.244  9.279   1.00 12.32 ? 2111 HOH A O   1 
HETATM 1408 O  O   . HOH G 5 .   ? -1.235  0.094   -14.733 1.00 17.28 ? 2112 HOH A O   1 
HETATM 1409 O  O   . HOH G 5 .   ? 4.272   13.647  13.050  1.00 17.48 ? 2113 HOH A O   1 
HETATM 1410 O  O   . HOH G 5 .   ? 11.540  7.697   12.112  1.00 31.23 ? 2114 HOH A O   1 
HETATM 1411 O  O   . HOH G 5 .   ? 9.815   6.813   8.029   1.00 16.05 ? 2115 HOH A O   1 
HETATM 1412 O  O   . HOH G 5 .   ? 1.792   17.649  7.226   1.00 9.51  ? 2116 HOH A O   1 
HETATM 1413 O  O   . HOH G 5 .   ? 4.327   16.343  12.851  1.00 13.02 ? 2117 HOH A O   1 
HETATM 1414 O  O   . HOH G 5 .   ? 9.079   19.482  4.967   1.00 15.05 ? 2118 HOH A O   1 
HETATM 1415 O  O   . HOH G 5 .   ? 9.255   22.092  1.478   1.00 28.34 ? 2119 HOH A O   1 
HETATM 1416 O  O   . HOH G 5 .   ? 16.887  18.432  5.732   1.00 36.37 ? 2120 HOH A O   1 
HETATM 1417 O  O   . HOH G 5 .   ? -7.410  -6.690  -3.197  1.00 26.04 ? 2121 HOH A O   1 
HETATM 1418 O  O   . HOH G 5 .   ? 12.823  13.479  0.677   1.00 28.63 ? 2122 HOH A O   1 
HETATM 1419 O  O   . HOH G 5 .   ? 13.191  8.960   2.804   1.00 19.81 ? 2123 HOH A O   1 
HETATM 1420 O  O   . HOH G 5 .   ? 12.150  6.484   6.796   1.00 16.94 ? 2124 HOH A O   1 
HETATM 1421 O  O   . HOH G 5 .   ? 13.098  1.663   6.116   1.00 8.03  ? 2125 HOH A O   1 
HETATM 1422 O  O   . HOH G 5 .   ? 16.383  0.727   0.789   1.00 18.69 ? 2126 HOH A O   1 
HETATM 1423 O  O   . HOH G 5 .   ? -2.432  -2.034  13.008  1.00 14.48 ? 2127 HOH A O   1 
HETATM 1424 O  O   . HOH G 5 .   ? 5.330   6.712   16.148  1.00 30.04 ? 2128 HOH A O   1 
HETATM 1425 O  O   . HOH G 5 .   ? -2.115  -3.664  10.687  1.00 25.36 ? 2129 HOH A O   1 
HETATM 1426 O  O   . HOH G 5 .   ? 0.978   -10.999 10.191  1.00 22.97 ? 2130 HOH A O   1 
HETATM 1427 O  O   . HOH G 5 .   ? 7.271   13.052  14.622  1.00 30.95 ? 2131 HOH A O   1 
HETATM 1428 O  O   . HOH G 5 .   ? -2.025  -12.959 3.627   1.00 16.93 ? 2132 HOH A O   1 
HETATM 1429 O  O   . HOH G 5 .   ? -10.095 -14.894 3.861   1.00 27.59 ? 2133 HOH A O   1 
HETATM 1430 O  O   . HOH G 5 .   ? -12.375 -5.487  10.021  1.00 24.31 ? 2134 HOH A O   1 
HETATM 1431 O  O   . HOH G 5 .   ? -10.380 -10.572 5.988   1.00 33.64 ? 2135 HOH A O   1 
HETATM 1432 O  O   . HOH G 5 .   ? -8.889  6.427   14.283  1.00 25.53 ? 2136 HOH A O   1 
HETATM 1433 O  O   . HOH G 5 .   ? -10.103 6.739   -8.663  1.00 25.25 ? 2137 HOH A O   1 
HETATM 1434 O  O   . HOH G 5 .   ? -13.142 3.016   -6.327  1.00 9.80  ? 2138 HOH A O   1 
HETATM 1435 O  O   . HOH G 5 .   ? 13.929  6.236   -3.088  1.00 26.83 ? 2139 HOH A O   1 
HETATM 1436 O  O   . HOH H 5 .   ? -14.870 2.802   -14.155 1.00 9.96  ? 2001 HOH B O   1 
HETATM 1437 O  O   . HOH H 5 .   ? -5.323  4.941   -14.797 1.00 21.89 ? 2002 HOH B O   1 
HETATM 1438 O  O   . HOH H 5 .   ? -1.363  5.220   -15.514 1.00 15.60 ? 2003 HOH B O   1 
HETATM 1439 O  O   . HOH H 5 .   ? 4.380   9.581   -11.601 1.00 25.97 ? 2004 HOH B O   1 
HETATM 1440 O  O   . HOH H 5 .   ? -3.187  11.785  -10.241 1.00 27.22 ? 2005 HOH B O   1 
HETATM 1441 O  O   . HOH H 5 .   ? -1.832  11.827  -13.188 1.00 20.25 ? 2006 HOH B O   1 
HETATM 1442 O  O   . HOH H 5 .   ? -3.925  14.772  -14.395 1.00 15.20 ? 2007 HOH B O   1 
HETATM 1443 O  O   . HOH H 5 .   ? 4.395   11.053  -13.843 1.00 31.84 ? 2008 HOH B O   1 
# 
